data_5SKR
#
_entry.id   5SKR
#
_cell.length_a   135.501
_cell.length_b   135.501
_cell.length_c   235.242
_cell.angle_alpha   90.000
_cell.angle_beta   90.000
_cell.angle_gamma   120.000
#
_symmetry.space_group_name_H-M   'H 3'
#
loop_
_entity.id
_entity.type
_entity.pdbx_description
1 polymer "cAMP and cAMP-inhibited cGMP 3',5'-cyclic phosphodiesterase 10A"
2 non-polymer 'ZINC ION'
3 non-polymer 'MAGNESIUM ION'
4 non-polymer 1-methyl-N-[1-methyl-3-(pyridin-2-yl)-1H-pyrazol-5-yl]-4-(pyridin-4-yl)-1H-pyrazole-3-carboxamide
5 water water
#
_entity_poly.entity_id   1
_entity_poly.type   'polypeptide(L)'
_entity_poly.pdbx_seq_one_letter_code
;GSSICTSEEWQGLMQFTLPVRLCKEIELFHFDIGPFENMWPGIFVYMVHRSCGTSCFELEKL(CME)RFIMSVKKNYRRV
PYHNWKHAVTVAHCMYAILQNNHTLFTDLERKGLLIACLCHDLDHRGFSNSYLQKFDHPLAALYSTSTMEQHHFSQTVSI
LQLEGHNIFSTLSSSEYEQVLEIIRKAIIATDLALYFGNRKQLEEMYQTGSLNLNNQSHRDRVIGLMMTACDLCSVTKLW
PVTKLTANDIYAEFWAEGDEMKKLGIQPIPMMDRDKKDEVPQGQLGFYNAVAIPCYTTLTQILPPTEPLLKACRDNLSQW
EKVIRGEETATWISSPSVAQKAAASED
;
_entity_poly.pdbx_strand_id   A,B,C,D
#
loop_
_chem_comp.id
_chem_comp.type
_chem_comp.name
_chem_comp.formula
KII non-polymer 1-methyl-N-[1-methyl-3-(pyridin-2-yl)-1H-pyrazol-5-yl]-4-(pyridin-4-yl)-1H-pyrazole-3-carboxamide 'C19 H17 N7 O'
MG non-polymer 'MAGNESIUM ION' 'Mg 2'
ZN non-polymer 'ZINC ION' 'Zn 2'
#
# COMPACT_ATOMS: atom_id res chain seq x y z
N GLY A 12 -45.80 -6.51 13.93
CA GLY A 12 -46.52 -5.20 13.74
C GLY A 12 -46.18 -4.20 14.85
N LEU A 13 -45.75 -4.68 16.02
CA LEU A 13 -45.41 -3.88 17.22
C LEU A 13 -43.90 -3.59 17.27
N MET A 14 -43.19 -3.74 16.14
CA MET A 14 -41.73 -3.51 15.99
C MET A 14 -41.51 -2.12 15.38
N GLN A 15 -41.27 -1.10 16.23
CA GLN A 15 -40.87 0.27 15.82
C GLN A 15 -39.38 0.32 15.54
N PHE A 16 -38.97 1.24 14.68
CA PHE A 16 -37.59 1.78 14.76
C PHE A 16 -37.62 2.96 15.71
N THR A 17 -36.56 3.04 16.51
CA THR A 17 -36.25 4.21 17.38
C THR A 17 -34.83 4.65 17.02
N LEU A 18 -34.59 5.92 17.23
CA LEU A 18 -33.29 6.56 16.94
C LEU A 18 -32.74 7.04 18.25
N PRO A 19 -31.41 7.23 18.38
CA PRO A 19 -30.88 7.89 19.54
C PRO A 19 -31.56 9.24 19.71
N VAL A 20 -31.54 9.69 20.94
CA VAL A 20 -32.19 10.96 21.32
C VAL A 20 -31.85 12.10 20.36
N ARG A 21 -30.59 12.46 20.14
CA ARG A 21 -30.26 13.60 19.25
C ARG A 21 -30.93 13.41 17.87
N LEU A 22 -30.94 12.20 17.31
CA LEU A 22 -31.48 12.02 15.95
C LEU A 22 -33.00 12.03 16.04
N CYS A 23 -33.55 11.45 17.09
CA CYS A 23 -35.04 11.44 17.26
C CYS A 23 -35.54 12.90 17.22
N LYS A 24 -34.80 13.85 17.79
CA LYS A 24 -35.24 15.27 17.83
C LYS A 24 -34.87 15.98 16.54
N GLU A 25 -33.63 15.86 16.11
CA GLU A 25 -33.14 16.64 14.94
C GLU A 25 -33.78 16.10 13.65
N ILE A 26 -34.17 14.83 13.53
CA ILE A 26 -34.73 14.32 12.24
C ILE A 26 -35.98 15.13 11.81
N GLU A 27 -36.64 15.75 12.77
CA GLU A 27 -37.90 16.49 12.58
C GLU A 27 -37.62 17.83 11.96
N LEU A 28 -36.41 18.32 12.03
CA LEU A 28 -36.06 19.65 11.50
C LEU A 28 -35.67 19.54 10.04
N PHE A 29 -35.93 20.61 9.29
CA PHE A 29 -35.66 20.60 7.85
C PHE A 29 -34.16 20.47 7.64
N HIS A 30 -33.32 21.06 8.49
CA HIS A 30 -31.86 21.11 8.22
C HIS A 30 -31.12 19.86 8.73
N PHE A 31 -31.81 18.83 9.17
CA PHE A 31 -31.15 17.61 9.61
C PHE A 31 -30.17 17.07 8.56
N ASP A 32 -29.00 16.68 9.00
CA ASP A 32 -28.00 15.97 8.15
C ASP A 32 -28.05 14.51 8.58
N ILE A 33 -28.10 13.56 7.67
CA ILE A 33 -28.26 12.14 8.08
C ILE A 33 -26.98 11.48 8.67
N GLY A 34 -25.84 12.14 8.53
CA GLY A 34 -24.59 11.69 9.14
C GLY A 34 -23.79 10.75 8.23
N PRO A 35 -22.58 10.39 8.68
CA PRO A 35 -21.65 9.59 7.87
C PRO A 35 -21.73 8.09 8.09
N PHE A 36 -22.65 7.61 8.92
CA PHE A 36 -22.81 6.19 9.19
C PHE A 36 -23.83 5.60 8.20
N GLU A 37 -23.40 5.13 7.04
CA GLU A 37 -24.25 4.54 5.99
C GLU A 37 -25.21 3.48 6.52
N ASN A 38 -24.74 2.62 7.46
CA ASN A 38 -25.58 1.50 7.94
C ASN A 38 -26.75 2.02 8.76
N MET A 39 -26.75 3.27 9.19
CA MET A 39 -27.98 3.76 9.86
C MET A 39 -28.98 4.35 8.85
N TRP A 40 -28.63 4.59 7.59
CA TRP A 40 -29.53 5.29 6.66
C TRP A 40 -30.78 4.47 6.39
N PRO A 41 -30.75 3.14 6.16
CA PRO A 41 -31.99 2.40 5.92
C PRO A 41 -32.98 2.58 7.08
N GLY A 42 -32.47 2.46 8.28
CA GLY A 42 -33.23 2.59 9.51
C GLY A 42 -33.83 3.96 9.58
N ILE A 43 -33.04 4.98 9.25
CA ILE A 43 -33.55 6.38 9.25
C ILE A 43 -34.77 6.48 8.32
N PHE A 44 -34.71 5.86 7.13
CA PHE A 44 -35.80 5.90 6.13
C PHE A 44 -37.01 5.17 6.70
N VAL A 45 -36.84 3.98 7.23
CA VAL A 45 -37.99 3.19 7.73
C VAL A 45 -38.67 3.99 8.85
N TYR A 46 -37.90 4.54 9.77
CA TYR A 46 -38.35 5.49 10.83
C TYR A 46 -39.28 6.53 10.23
N MET A 47 -38.87 7.13 9.12
CA MET A 47 -39.60 8.28 8.52
C MET A 47 -40.90 7.75 7.89
N VAL A 48 -40.86 6.59 7.28
CA VAL A 48 -42.07 5.95 6.72
C VAL A 48 -43.05 5.66 7.87
N HIS A 49 -42.58 5.03 8.94
CA HIS A 49 -43.44 4.68 10.09
C HIS A 49 -44.13 5.93 10.64
N ARG A 50 -43.47 7.08 10.74
CA ARG A 50 -44.07 8.27 11.35
C ARG A 50 -44.92 9.06 10.36
N SER A 51 -44.62 8.93 9.07
CA SER A 51 -45.15 9.81 8.01
C SER A 51 -46.43 9.22 7.44
N CYS A 52 -46.57 7.91 7.63
CA CYS A 52 -47.35 7.04 6.73
C CYS A 52 -48.11 6.05 7.62
N GLY A 53 -47.39 5.32 8.45
CA GLY A 53 -47.89 4.42 9.51
C GLY A 53 -47.03 3.16 9.62
N THR A 54 -47.12 2.38 10.68
CA THR A 54 -46.43 1.05 10.81
C THR A 54 -47.04 -0.07 9.94
N SER A 55 -48.21 0.15 9.35
CA SER A 55 -48.98 -0.77 8.48
C SER A 55 -48.81 -0.46 6.98
N CYS A 56 -48.34 0.74 6.59
CA CYS A 56 -48.19 1.16 5.17
C CYS A 56 -47.52 0.00 4.41
N PHE A 57 -46.45 -0.57 4.97
CA PHE A 57 -45.66 -1.53 4.17
C PHE A 57 -45.43 -2.78 4.99
N GLU A 58 -45.31 -3.95 4.37
CA GLU A 58 -44.75 -5.11 5.10
C GLU A 58 -43.26 -4.81 5.35
N LEU A 59 -42.81 -4.85 6.61
CA LEU A 59 -41.40 -4.55 6.96
C LEU A 59 -40.44 -5.39 6.11
N GLU A 60 -40.68 -6.71 5.97
CA GLU A 60 -39.87 -7.71 5.22
C GLU A 60 -39.71 -7.18 3.76
N LYS A 61 -40.81 -6.87 3.08
CA LYS A 61 -40.78 -6.31 1.71
C LYS A 61 -40.11 -4.92 1.71
N LEU A 62 -40.43 -4.05 2.65
CA LEU A 62 -39.86 -2.67 2.61
C LEU A 62 -38.32 -2.76 2.69
N CME A 63 -37.79 -3.52 3.66
CA CME A 63 -36.33 -3.73 3.87
CB CME A 63 -36.02 -4.53 5.12
SG CME A 63 -36.28 -3.64 6.69
SD CME A 63 -34.95 -2.05 6.58
CE CME A 63 -33.33 -2.68 7.12
CZ CME A 63 -32.85 -1.88 8.30
OH CME A 63 -31.49 -2.18 8.61
C CME A 63 -35.70 -4.31 2.63
O CME A 63 -34.64 -3.83 2.22
N ARG A 64 -36.35 -5.26 1.98
CA ARG A 64 -35.82 -5.86 0.75
C ARG A 64 -35.80 -4.80 -0.37
N PHE A 65 -36.85 -4.02 -0.52
CA PHE A 65 -36.93 -2.90 -1.49
C PHE A 65 -35.79 -1.88 -1.24
N ILE A 66 -35.65 -1.40 -0.01
CA ILE A 66 -34.60 -0.41 0.39
C ILE A 66 -33.22 -0.92 -0.02
N MET A 67 -32.91 -2.18 0.25
CA MET A 67 -31.56 -2.71 0.00
C MET A 67 -31.33 -2.88 -1.50
N SER A 68 -32.32 -3.32 -2.27
CA SER A 68 -32.20 -3.33 -3.75
C SER A 68 -32.06 -1.91 -4.29
N VAL A 69 -32.78 -0.94 -3.73
CA VAL A 69 -32.59 0.46 -4.21
C VAL A 69 -31.14 0.86 -3.96
N LYS A 70 -30.67 0.68 -2.74
CA LYS A 70 -29.30 1.11 -2.39
C LYS A 70 -28.29 0.48 -3.38
N LYS A 71 -28.40 -0.81 -3.62
CA LYS A 71 -27.48 -1.53 -4.50
C LYS A 71 -27.50 -0.90 -5.90
N ASN A 72 -28.59 -0.28 -6.34
CA ASN A 72 -28.67 0.25 -7.73
C ASN A 72 -28.30 1.76 -7.80
N TYR A 73 -27.87 2.38 -6.70
CA TYR A 73 -27.17 3.69 -6.69
C TYR A 73 -25.68 3.39 -6.83
N ARG A 74 -24.97 4.21 -7.57
CA ARG A 74 -23.56 4.01 -7.88
C ARG A 74 -22.69 4.85 -6.96
N ARG A 75 -21.41 4.59 -7.04
CA ARG A 75 -20.37 5.17 -6.16
C ARG A 75 -19.84 6.43 -6.82
N VAL A 76 -20.70 7.41 -6.96
CA VAL A 76 -20.36 8.70 -7.59
C VAL A 76 -20.35 9.74 -6.48
N PRO A 77 -19.71 10.89 -6.72
CA PRO A 77 -19.49 11.80 -5.62
C PRO A 77 -20.76 12.36 -4.96
N TYR A 78 -21.82 12.55 -5.73
CA TYR A 78 -23.00 13.30 -5.20
C TYR A 78 -24.29 12.54 -5.47
N HIS A 79 -24.54 12.06 -6.68
CA HIS A 79 -25.80 11.38 -7.07
C HIS A 79 -25.81 9.92 -6.61
N ASN A 80 -25.70 9.77 -5.29
CA ASN A 80 -25.44 8.53 -4.58
C ASN A 80 -26.53 8.26 -3.54
N TRP A 81 -26.39 7.13 -2.90
CA TRP A 81 -27.38 6.65 -1.92
C TRP A 81 -27.57 7.69 -0.83
N LYS A 82 -26.51 8.41 -0.42
CA LYS A 82 -26.71 9.50 0.61
C LYS A 82 -27.67 10.57 0.07
N HIS A 83 -27.50 10.98 -1.18
CA HIS A 83 -28.42 11.97 -1.80
C HIS A 83 -29.85 11.43 -1.73
N ALA A 84 -30.04 10.15 -2.04
CA ALA A 84 -31.39 9.56 -2.09
C ALA A 84 -32.06 9.71 -0.73
N VAL A 85 -31.36 9.34 0.33
CA VAL A 85 -31.92 9.34 1.70
C VAL A 85 -32.10 10.80 2.12
N THR A 86 -31.17 11.65 1.77
CA THR A 86 -31.24 13.06 2.15
C THR A 86 -32.50 13.68 1.53
N VAL A 87 -32.72 13.42 0.26
CA VAL A 87 -33.90 13.99 -0.47
C VAL A 87 -35.17 13.45 0.16
N ALA A 88 -35.21 12.18 0.50
CA ALA A 88 -36.40 11.61 1.18
C ALA A 88 -36.59 12.26 2.54
N HIS A 89 -35.52 12.63 3.25
CA HIS A 89 -35.73 13.26 4.57
C HIS A 89 -36.39 14.64 4.39
N CYS A 90 -35.99 15.42 3.43
CA CYS A 90 -36.62 16.74 3.21
C CYS A 90 -38.12 16.57 2.87
N MET A 91 -38.46 15.51 2.14
CA MET A 91 -39.89 15.26 1.83
C MET A 91 -40.60 14.92 3.15
N TYR A 92 -39.94 14.12 3.97
CA TYR A 92 -40.52 13.70 5.27
C TYR A 92 -40.90 14.97 6.05
N ALA A 93 -39.95 15.88 6.18
CA ALA A 93 -40.12 17.11 6.94
C ALA A 93 -41.25 17.95 6.33
N ILE A 94 -41.31 18.09 5.02
CA ILE A 94 -42.46 18.80 4.37
C ILE A 94 -43.78 18.11 4.78
N LEU A 95 -43.84 16.79 4.65
CA LEU A 95 -45.10 16.05 4.86
C LEU A 95 -45.49 16.23 6.33
N GLN A 96 -44.50 16.17 7.22
CA GLN A 96 -44.79 16.19 8.65
C GLN A 96 -45.25 17.60 9.03
N ASN A 97 -44.82 18.65 8.34
CA ASN A 97 -45.23 20.03 8.70
C ASN A 97 -46.55 20.43 8.00
N ASN A 98 -47.15 19.54 7.20
CA ASN A 98 -48.33 19.75 6.31
C ASN A 98 -49.22 18.52 6.42
N HIS A 99 -49.37 18.04 7.64
CA HIS A 99 -50.14 16.85 8.08
C HIS A 99 -51.38 16.63 7.21
N THR A 100 -52.26 17.61 7.12
CA THR A 100 -53.64 17.35 6.66
C THR A 100 -53.77 17.55 5.15
N LEU A 101 -52.75 18.07 4.48
CA LEU A 101 -52.85 18.46 3.05
C LEU A 101 -52.67 17.25 2.14
N PHE A 102 -52.20 16.11 2.62
CA PHE A 102 -51.82 15.05 1.66
C PHE A 102 -52.56 13.79 2.01
N THR A 103 -52.89 13.03 1.00
CA THR A 103 -53.65 11.76 1.16
C THR A 103 -52.70 10.64 1.62
N ASP A 104 -53.26 9.51 1.99
CA ASP A 104 -52.45 8.37 2.48
C ASP A 104 -51.58 7.87 1.31
N LEU A 105 -52.12 7.86 0.08
CA LEU A 105 -51.43 7.39 -1.13
C LEU A 105 -50.22 8.30 -1.44
N GLU A 106 -50.40 9.59 -1.32
CA GLU A 106 -49.34 10.58 -1.61
C GLU A 106 -48.16 10.43 -0.65
N ARG A 107 -48.39 10.30 0.65
CA ARG A 107 -47.34 10.08 1.68
C ARG A 107 -46.50 8.84 1.36
N LYS A 108 -47.14 7.70 1.16
CA LYS A 108 -46.57 6.42 0.62
C LYS A 108 -45.72 6.69 -0.64
N GLY A 109 -46.34 7.18 -1.70
CA GLY A 109 -45.68 7.36 -3.01
C GLY A 109 -44.47 8.29 -2.90
N LEU A 110 -44.59 9.41 -2.18
CA LEU A 110 -43.61 10.52 -2.28
C LEU A 110 -42.26 10.17 -1.62
N LEU A 111 -42.27 9.49 -0.50
CA LEU A 111 -41.01 9.08 0.18
C LEU A 111 -40.33 8.07 -0.72
N ILE A 112 -41.12 7.16 -1.29
CA ILE A 112 -40.58 6.10 -2.18
C ILE A 112 -40.03 6.81 -3.42
N ALA A 113 -40.73 7.79 -3.94
CA ALA A 113 -40.27 8.51 -5.14
C ALA A 113 -38.93 9.18 -4.86
N CYS A 114 -38.81 9.83 -3.72
CA CYS A 114 -37.60 10.54 -3.31
C CYS A 114 -36.43 9.58 -3.19
N LEU A 115 -36.63 8.46 -2.52
CA LEU A 115 -35.61 7.39 -2.42
C LEU A 115 -35.13 6.89 -3.78
N CYS A 116 -36.03 6.80 -4.77
CA CYS A 116 -35.76 6.24 -6.11
C CYS A 116 -35.46 7.28 -7.19
N HIS A 117 -35.49 8.58 -6.88
CA HIS A 117 -35.57 9.62 -7.94
C HIS A 117 -34.28 9.66 -8.77
N ASP A 118 -33.15 9.16 -8.29
CA ASP A 118 -31.88 9.21 -9.07
C ASP A 118 -31.26 7.80 -9.20
N LEU A 119 -32.08 6.75 -9.15
CA LEU A 119 -31.60 5.35 -9.28
C LEU A 119 -30.68 5.25 -10.52
N ASP A 120 -29.48 4.71 -10.33
CA ASP A 120 -28.57 4.30 -11.43
C ASP A 120 -28.00 5.52 -12.09
N HIS A 121 -27.92 6.62 -11.35
CA HIS A 121 -27.25 7.82 -11.88
C HIS A 121 -25.76 7.58 -12.06
N ARG A 122 -25.22 8.11 -13.15
CA ARG A 122 -23.81 7.93 -13.52
C ARG A 122 -23.04 9.19 -13.19
N GLY A 123 -23.71 10.25 -12.75
CA GLY A 123 -23.04 11.52 -12.42
C GLY A 123 -22.97 12.46 -13.59
N PHE A 124 -23.74 12.21 -14.63
CA PHE A 124 -23.69 13.09 -15.83
C PHE A 124 -25.11 13.58 -16.14
N SER A 125 -25.17 14.79 -16.70
CA SER A 125 -26.45 15.48 -17.03
C SER A 125 -27.07 14.84 -18.28
N ASN A 126 -28.32 15.17 -18.53
CA ASN A 126 -29.08 14.86 -19.76
C ASN A 126 -28.28 15.35 -20.96
N SER A 127 -27.71 16.57 -20.85
CA SER A 127 -27.04 17.27 -21.96
C SER A 127 -25.78 16.45 -22.37
N TYR A 128 -25.03 15.91 -21.41
CA TYR A 128 -23.80 15.12 -21.69
C TYR A 128 -24.20 13.79 -22.40
N LEU A 129 -25.21 13.11 -21.91
CA LEU A 129 -25.76 11.89 -22.56
C LEU A 129 -26.07 12.18 -24.03
N GLN A 130 -26.72 13.31 -24.33
CA GLN A 130 -27.14 13.62 -25.74
C GLN A 130 -25.87 13.90 -26.56
N LYS A 131 -24.93 14.64 -26.04
CA LYS A 131 -23.70 14.96 -26.79
C LYS A 131 -22.87 13.71 -26.97
N PHE A 132 -22.88 12.80 -25.99
CA PHE A 132 -22.12 11.54 -26.10
C PHE A 132 -22.82 10.64 -27.12
N ASP A 133 -24.13 10.79 -27.25
CA ASP A 133 -25.01 9.92 -28.07
C ASP A 133 -25.13 8.57 -27.29
N HIS A 134 -25.43 8.67 -25.99
CA HIS A 134 -25.61 7.48 -25.12
C HIS A 134 -26.92 6.83 -25.58
N PRO A 135 -27.00 5.49 -25.61
CA PRO A 135 -28.23 4.75 -25.95
C PRO A 135 -29.48 5.25 -25.19
N LEU A 136 -29.35 5.66 -23.91
CA LEU A 136 -30.53 6.21 -23.17
C LEU A 136 -31.10 7.47 -23.85
N ALA A 137 -30.28 8.28 -24.55
CA ALA A 137 -30.74 9.52 -25.24
C ALA A 137 -31.57 9.18 -26.48
N ALA A 138 -31.48 7.95 -26.99
CA ALA A 138 -32.28 7.43 -28.12
C ALA A 138 -33.59 6.89 -27.57
N LEU A 139 -33.59 6.25 -26.42
CA LEU A 139 -34.79 5.64 -25.82
C LEU A 139 -35.71 6.73 -25.24
N TYR A 140 -35.17 7.88 -24.80
CA TYR A 140 -35.89 8.91 -23.99
C TYR A 140 -35.35 10.27 -24.38
N SER A 141 -35.99 10.91 -25.35
CA SER A 141 -35.49 12.17 -25.96
C SER A 141 -35.57 13.34 -24.98
N THR A 142 -36.45 13.33 -23.98
CA THR A 142 -36.38 14.40 -22.93
C THR A 142 -36.48 13.77 -21.55
N SER A 143 -36.00 14.52 -20.59
CA SER A 143 -35.87 14.04 -19.20
C SER A 143 -35.22 12.65 -19.24
N THR A 144 -34.10 12.54 -19.93
CA THR A 144 -33.50 11.23 -20.29
C THR A 144 -33.17 10.47 -18.98
N MET A 145 -32.36 11.04 -18.09
CA MET A 145 -32.00 10.28 -16.87
C MET A 145 -33.27 10.02 -16.04
N GLU A 146 -34.22 10.96 -16.00
CA GLU A 146 -35.40 10.83 -15.08
C GLU A 146 -36.35 9.71 -15.52
N GLN A 147 -36.48 9.53 -16.82
CA GLN A 147 -37.32 8.43 -17.39
C GLN A 147 -36.60 7.12 -17.04
N HIS A 148 -35.26 7.13 -17.09
CA HIS A 148 -34.45 5.99 -16.64
C HIS A 148 -34.66 5.69 -15.17
N HIS A 149 -34.65 6.70 -14.31
CA HIS A 149 -34.81 6.49 -12.85
C HIS A 149 -36.17 5.82 -12.62
N PHE A 150 -37.20 6.28 -13.33
CA PHE A 150 -38.56 5.73 -13.11
C PHE A 150 -38.60 4.23 -13.57
N SER A 151 -37.90 3.92 -14.67
CA SER A 151 -37.79 2.55 -15.26
C SER A 151 -37.12 1.60 -14.27
N GLN A 152 -36.03 2.04 -13.63
CA GLN A 152 -35.31 1.30 -12.58
C GLN A 152 -36.21 1.09 -11.38
N THR A 153 -37.02 2.07 -11.05
CA THR A 153 -37.95 1.97 -9.91
C THR A 153 -38.98 0.86 -10.20
N VAL A 154 -39.59 0.84 -11.38
CA VAL A 154 -40.64 -0.16 -11.75
C VAL A 154 -39.97 -1.56 -11.73
N SER A 155 -38.77 -1.67 -12.25
CA SER A 155 -37.98 -2.93 -12.34
C SER A 155 -37.79 -3.52 -10.97
N ILE A 156 -37.37 -2.70 -10.01
CA ILE A 156 -37.09 -3.13 -8.62
C ILE A 156 -38.40 -3.57 -7.98
N LEU A 157 -39.47 -2.79 -8.14
CA LEU A 157 -40.83 -3.12 -7.61
C LEU A 157 -41.32 -4.48 -8.13
N GLN A 158 -40.86 -4.93 -9.31
CA GLN A 158 -41.32 -6.22 -9.90
C GLN A 158 -40.36 -7.36 -9.55
N LEU A 159 -39.33 -7.15 -8.75
CA LEU A 159 -38.47 -8.28 -8.31
C LEU A 159 -39.34 -9.13 -7.35
N GLU A 160 -39.28 -10.48 -7.37
CA GLU A 160 -40.01 -11.32 -6.38
C GLU A 160 -39.68 -10.76 -4.98
N GLY A 161 -40.67 -10.59 -4.11
CA GLY A 161 -40.48 -10.18 -2.70
C GLY A 161 -40.38 -8.65 -2.48
N HIS A 162 -40.45 -7.83 -3.53
CA HIS A 162 -40.13 -6.38 -3.44
C HIS A 162 -41.36 -5.53 -3.74
N ASN A 163 -42.54 -6.11 -3.89
CA ASN A 163 -43.71 -5.27 -4.26
C ASN A 163 -44.39 -4.75 -3.01
N ILE A 164 -43.91 -3.62 -2.51
CA ILE A 164 -44.31 -2.98 -1.24
C ILE A 164 -45.71 -2.44 -1.41
N PHE A 165 -46.23 -2.43 -2.62
CA PHE A 165 -47.59 -1.86 -2.83
C PHE A 165 -48.62 -3.00 -3.00
N SER A 166 -48.25 -4.25 -2.78
CA SER A 166 -49.07 -5.45 -3.19
C SER A 166 -50.45 -5.42 -2.55
N THR A 167 -50.55 -4.84 -1.35
CA THR A 167 -51.81 -4.77 -0.55
C THR A 167 -52.65 -3.56 -0.95
N LEU A 168 -52.25 -2.75 -1.94
CA LEU A 168 -53.15 -1.72 -2.52
C LEU A 168 -54.10 -2.43 -3.47
N SER A 169 -55.33 -1.92 -3.60
CA SER A 169 -56.28 -2.29 -4.67
C SER A 169 -55.65 -1.93 -6.02
N SER A 170 -56.16 -2.50 -7.09
CA SER A 170 -55.69 -2.27 -8.47
C SER A 170 -55.67 -0.75 -8.81
N SER A 171 -56.69 0.03 -8.44
CA SER A 171 -56.74 1.44 -8.90
C SER A 171 -55.84 2.30 -8.02
N GLU A 172 -55.72 1.97 -6.72
CA GLU A 172 -54.79 2.64 -5.79
C GLU A 172 -53.34 2.39 -6.25
N TYR A 173 -53.01 1.20 -6.74
CA TYR A 173 -51.70 0.80 -7.29
C TYR A 173 -51.36 1.65 -8.53
N GLU A 174 -52.28 1.76 -9.47
CA GLU A 174 -52.13 2.65 -10.65
C GLU A 174 -51.94 4.13 -10.26
N GLN A 175 -52.64 4.58 -9.24
CA GLN A 175 -52.52 5.97 -8.78
C GLN A 175 -51.13 6.23 -8.17
N VAL A 176 -50.63 5.35 -7.31
CA VAL A 176 -49.34 5.55 -6.61
C VAL A 176 -48.23 5.51 -7.68
N LEU A 177 -48.30 4.65 -8.66
CA LEU A 177 -47.21 4.50 -9.67
C LEU A 177 -47.25 5.74 -10.51
N GLU A 178 -48.42 6.35 -10.64
CA GLU A 178 -48.54 7.62 -11.40
C GLU A 178 -48.02 8.80 -10.57
N ILE A 179 -48.32 8.86 -9.29
CA ILE A 179 -47.67 9.84 -8.37
C ILE A 179 -46.13 9.75 -8.46
N ILE A 180 -45.57 8.54 -8.44
CA ILE A 180 -44.11 8.33 -8.42
C ILE A 180 -43.53 8.75 -9.76
N ARG A 181 -44.20 8.38 -10.89
CA ARG A 181 -43.69 8.74 -12.23
C ARG A 181 -43.63 10.25 -12.32
N LYS A 182 -44.74 10.93 -12.02
CA LYS A 182 -44.73 12.43 -12.20
C LYS A 182 -43.71 13.07 -11.26
N ALA A 183 -43.59 12.58 -10.03
CA ALA A 183 -42.64 13.12 -8.99
C ALA A 183 -41.21 12.94 -9.47
N ILE A 184 -40.90 11.81 -10.12
CA ILE A 184 -39.50 11.59 -10.55
C ILE A 184 -39.20 12.43 -11.80
N ILE A 185 -40.09 12.46 -12.77
CA ILE A 185 -39.93 13.34 -13.97
C ILE A 185 -39.74 14.80 -13.55
N ALA A 186 -40.48 15.24 -12.54
CA ALA A 186 -40.45 16.63 -12.03
C ALA A 186 -39.03 16.97 -11.53
N THR A 187 -38.20 15.97 -11.21
CA THR A 187 -36.84 16.29 -10.67
C THR A 187 -35.93 16.69 -11.83
N ASP A 188 -36.41 16.68 -13.06
CA ASP A 188 -35.62 17.19 -14.20
C ASP A 188 -35.64 18.72 -14.07
N LEU A 189 -34.52 19.33 -13.70
CA LEU A 189 -34.59 20.80 -13.44
C LEU A 189 -35.08 21.59 -14.71
N ALA A 190 -34.84 21.12 -15.94
CA ALA A 190 -35.28 21.80 -17.16
C ALA A 190 -36.79 22.06 -17.02
N LEU A 191 -37.56 21.24 -16.32
CA LEU A 191 -39.03 21.38 -16.23
C LEU A 191 -39.40 22.30 -15.07
N TYR A 192 -38.53 22.48 -14.08
CA TYR A 192 -38.83 23.30 -12.87
C TYR A 192 -39.25 24.75 -13.28
N PHE A 193 -38.55 25.36 -14.19
CA PHE A 193 -38.72 26.83 -14.48
C PHE A 193 -40.17 27.11 -14.91
N GLY A 194 -40.66 26.34 -15.87
CA GLY A 194 -42.04 26.48 -16.30
C GLY A 194 -42.98 26.18 -15.17
N ASN A 195 -42.74 25.12 -14.42
CA ASN A 195 -43.69 24.66 -13.38
C ASN A 195 -43.83 25.77 -12.33
N ARG A 196 -42.71 26.31 -11.87
CA ARG A 196 -42.74 27.33 -10.84
C ARG A 196 -43.44 28.60 -11.39
N LYS A 197 -43.15 29.00 -12.62
CA LYS A 197 -43.77 30.21 -13.24
C LYS A 197 -45.29 30.03 -13.19
N GLN A 198 -45.77 28.87 -13.54
CA GLN A 198 -47.21 28.60 -13.61
C GLN A 198 -47.78 28.57 -12.22
N LEU A 199 -47.04 28.03 -11.25
CA LEU A 199 -47.54 28.05 -9.86
C LEU A 199 -47.62 29.50 -9.37
N GLU A 200 -46.64 30.30 -9.73
CA GLU A 200 -46.57 31.72 -9.35
C GLU A 200 -47.86 32.38 -9.88
N GLU A 201 -48.14 32.36 -11.21
CA GLU A 201 -49.35 33.03 -11.80
C GLU A 201 -50.56 32.52 -11.03
N MET A 202 -50.72 31.20 -10.87
CA MET A 202 -51.92 30.61 -10.25
C MET A 202 -52.08 31.08 -8.79
N TYR A 203 -50.99 31.19 -8.04
CA TYR A 203 -51.11 31.63 -6.63
C TYR A 203 -51.57 33.10 -6.53
N GLN A 204 -51.03 33.95 -7.42
CA GLN A 204 -51.20 35.42 -7.54
C GLN A 204 -52.53 35.83 -8.16
N THR A 205 -53.03 35.16 -9.20
CA THR A 205 -54.41 35.42 -9.69
C THR A 205 -55.38 34.67 -8.78
N GLY A 206 -54.91 33.89 -7.80
CA GLY A 206 -55.77 33.17 -6.84
C GLY A 206 -56.55 32.00 -7.45
N SER A 207 -56.24 31.55 -8.66
CA SER A 207 -56.79 30.31 -9.25
C SER A 207 -56.21 29.02 -8.61
N LEU A 208 -55.26 29.07 -7.68
CA LEU A 208 -54.62 27.81 -7.23
C LEU A 208 -55.65 26.99 -6.47
N ASN A 209 -55.82 25.73 -6.85
CA ASN A 209 -56.88 24.87 -6.29
C ASN A 209 -56.34 23.45 -5.99
N LEU A 210 -56.01 23.15 -4.73
CA LEU A 210 -55.46 21.81 -4.34
C LEU A 210 -56.49 20.67 -4.52
N ASN A 211 -57.72 20.94 -4.96
CA ASN A 211 -58.66 19.85 -5.35
C ASN A 211 -58.56 19.56 -6.85
N ASN A 212 -57.95 20.43 -7.62
CA ASN A 212 -57.65 20.18 -9.04
C ASN A 212 -56.39 19.31 -9.09
N GLN A 213 -56.52 18.12 -9.64
CA GLN A 213 -55.43 17.14 -9.73
C GLN A 213 -54.24 17.77 -10.48
N SER A 214 -54.44 18.45 -11.60
CA SER A 214 -53.34 19.02 -12.41
C SER A 214 -52.57 20.09 -11.60
N HIS A 215 -53.22 20.70 -10.62
CA HIS A 215 -52.62 21.73 -9.72
C HIS A 215 -51.83 21.00 -8.64
N ARG A 216 -52.38 19.91 -8.09
CA ARG A 216 -51.69 19.11 -7.04
C ARG A 216 -50.41 18.56 -7.67
N ASP A 217 -50.51 18.07 -8.90
CA ASP A 217 -49.32 17.56 -9.64
C ASP A 217 -48.27 18.66 -9.69
N ARG A 218 -48.65 19.89 -10.03
CA ARG A 218 -47.69 21.02 -10.10
C ARG A 218 -47.00 21.26 -8.75
N VAL A 219 -47.78 21.23 -7.67
CA VAL A 219 -47.31 21.47 -6.29
C VAL A 219 -46.38 20.33 -5.85
N ILE A 220 -46.76 19.08 -6.12
CA ILE A 220 -45.84 17.93 -5.86
C ILE A 220 -44.56 18.09 -6.71
N GLY A 221 -44.64 18.54 -7.94
CA GLY A 221 -43.43 18.80 -8.71
C GLY A 221 -42.50 19.76 -7.95
N LEU A 222 -43.04 20.86 -7.47
CA LEU A 222 -42.21 21.90 -6.78
C LEU A 222 -41.61 21.32 -5.48
N MET A 223 -42.40 20.55 -4.73
CA MET A 223 -41.91 19.82 -3.53
C MET A 223 -40.68 18.97 -3.94
N MET A 224 -40.76 18.31 -5.11
CA MET A 224 -39.69 17.41 -5.60
C MET A 224 -38.44 18.25 -5.90
N THR A 225 -38.58 19.41 -6.52
CA THR A 225 -37.45 20.30 -6.81
C THR A 225 -36.86 20.78 -5.46
N ALA A 226 -37.72 21.23 -4.55
CA ALA A 226 -37.33 21.69 -3.21
C ALA A 226 -36.53 20.60 -2.49
N CYS A 227 -37.02 19.38 -2.47
CA CYS A 227 -36.32 18.28 -1.77
C CYS A 227 -34.99 17.99 -2.49
N ASP A 228 -35.04 17.95 -3.80
CA ASP A 228 -33.85 17.65 -4.62
C ASP A 228 -32.74 18.63 -4.40
N LEU A 229 -33.05 19.91 -4.16
CA LEU A 229 -32.00 20.96 -4.07
C LEU A 229 -31.62 21.20 -2.60
N CYS A 230 -32.14 20.38 -1.68
CA CYS A 230 -32.14 20.70 -0.24
C CYS A 230 -30.71 20.82 0.33
N SER A 231 -29.64 20.50 -0.40
CA SER A 231 -28.28 20.83 0.11
C SER A 231 -28.14 22.35 0.40
N VAL A 232 -28.86 23.20 -0.33
CA VAL A 232 -28.81 24.69 -0.16
C VAL A 232 -29.61 25.14 1.07
N THR A 233 -30.25 24.24 1.78
CA THR A 233 -31.11 24.56 2.93
C THR A 233 -30.55 23.96 4.22
N LYS A 234 -29.33 23.45 4.18
CA LYS A 234 -28.65 22.93 5.41
C LYS A 234 -27.85 24.04 6.14
N LEU A 235 -27.27 23.71 7.28
CA LEU A 235 -26.38 24.69 7.93
C LEU A 235 -25.16 24.86 7.06
N TRP A 236 -24.54 26.04 7.12
CA TRP A 236 -23.51 26.44 6.15
C TRP A 236 -22.43 25.36 6.03
N PRO A 237 -21.88 24.79 7.12
CA PRO A 237 -20.81 23.82 6.96
C PRO A 237 -21.24 22.57 6.13
N VAL A 238 -22.50 22.15 6.24
CA VAL A 238 -23.03 21.02 5.41
C VAL A 238 -23.13 21.46 3.96
N THR A 239 -23.76 22.61 3.70
CA THR A 239 -23.97 23.17 2.35
C THR A 239 -22.61 23.31 1.63
N LYS A 240 -21.66 23.88 2.32
CA LYS A 240 -20.33 24.16 1.75
C LYS A 240 -19.61 22.85 1.44
N LEU A 241 -19.67 21.85 2.31
CA LEU A 241 -18.98 20.57 2.02
C LEU A 241 -19.77 19.78 0.98
N THR A 242 -21.09 19.83 0.95
CA THR A 242 -21.87 19.22 -0.15
C THR A 242 -21.49 19.84 -1.52
N ALA A 243 -21.23 21.15 -1.61
CA ALA A 243 -20.88 21.83 -2.88
C ALA A 243 -19.66 21.16 -3.53
N ASN A 244 -18.70 20.72 -2.73
CA ASN A 244 -17.49 20.01 -3.23
C ASN A 244 -17.90 18.74 -3.98
N ASP A 245 -18.87 18.01 -3.46
CA ASP A 245 -19.31 16.74 -4.07
C ASP A 245 -20.03 17.11 -5.37
N ILE A 246 -20.81 18.18 -5.36
CA ILE A 246 -21.64 18.52 -6.53
C ILE A 246 -20.68 18.94 -7.62
N TYR A 247 -19.70 19.73 -7.28
CA TYR A 247 -18.74 20.25 -8.31
C TYR A 247 -17.80 19.14 -8.79
N ALA A 248 -17.52 18.12 -7.98
CA ALA A 248 -16.66 16.99 -8.37
C ALA A 248 -17.32 16.29 -9.56
N GLU A 249 -18.63 16.15 -9.56
CA GLU A 249 -19.30 15.57 -10.71
C GLU A 249 -19.31 16.58 -11.87
N PHE A 250 -19.66 17.85 -11.65
CA PHE A 250 -19.69 18.85 -12.74
C PHE A 250 -18.35 18.82 -13.47
N TRP A 251 -17.28 18.80 -12.72
CA TRP A 251 -15.94 18.98 -13.31
C TRP A 251 -15.49 17.69 -14.03
N ALA A 252 -15.90 16.50 -13.54
CA ALA A 252 -15.70 15.24 -14.27
C ALA A 252 -16.48 15.34 -15.58
N GLU A 253 -17.70 15.84 -15.55
CA GLU A 253 -18.50 16.00 -16.79
C GLU A 253 -17.76 16.94 -17.74
N GLY A 254 -17.27 18.08 -17.27
CA GLY A 254 -16.53 19.02 -18.13
C GLY A 254 -15.32 18.37 -18.80
N ASP A 255 -14.62 17.54 -18.05
CA ASP A 255 -13.44 16.77 -18.53
C ASP A 255 -13.90 15.92 -19.70
N GLU A 256 -15.02 15.20 -19.53
CA GLU A 256 -15.59 14.33 -20.59
C GLU A 256 -16.07 15.16 -21.78
N MET A 257 -16.63 16.35 -21.55
CA MET A 257 -16.96 17.27 -22.68
C MET A 257 -15.64 17.52 -23.47
N LYS A 258 -14.56 17.89 -22.76
CA LYS A 258 -13.30 18.25 -23.44
C LYS A 258 -12.81 17.02 -24.19
N LYS A 259 -13.07 15.81 -23.72
CA LYS A 259 -12.72 14.61 -24.49
C LYS A 259 -13.56 14.45 -25.76
N LEU A 260 -14.78 14.95 -25.80
CA LEU A 260 -15.54 14.98 -27.06
C LEU A 260 -15.16 16.20 -27.90
N GLY A 261 -14.17 17.02 -27.52
CA GLY A 261 -13.80 18.24 -28.28
C GLY A 261 -14.83 19.37 -28.15
N ILE A 262 -15.46 19.52 -26.99
CA ILE A 262 -16.44 20.61 -26.71
C ILE A 262 -15.98 21.32 -25.43
N GLN A 263 -15.63 22.60 -25.50
CA GLN A 263 -15.30 23.39 -24.30
C GLN A 263 -16.56 23.36 -23.45
N PRO A 264 -16.51 22.96 -22.17
CA PRO A 264 -17.73 22.95 -21.37
C PRO A 264 -18.04 24.35 -20.84
N ILE A 265 -19.24 24.55 -20.33
CA ILE A 265 -19.55 25.83 -19.64
C ILE A 265 -18.66 25.96 -18.40
N PRO A 266 -18.34 27.20 -17.91
CA PRO A 266 -17.50 27.37 -16.73
C PRO A 266 -17.96 26.57 -15.49
N MET A 267 -19.28 26.36 -15.32
CA MET A 267 -19.83 25.56 -14.18
C MET A 267 -19.13 24.19 -14.12
N MET A 268 -18.73 23.66 -15.26
CA MET A 268 -18.20 22.30 -15.40
C MET A 268 -16.71 22.34 -15.73
N ASP A 269 -16.06 23.49 -15.70
CA ASP A 269 -14.63 23.51 -16.10
C ASP A 269 -13.80 23.61 -14.82
N ARG A 270 -13.00 22.58 -14.49
CA ARG A 270 -12.21 22.65 -13.25
C ARG A 270 -11.14 23.74 -13.37
N ASP A 271 -10.89 24.29 -14.56
CA ASP A 271 -9.88 25.37 -14.71
C ASP A 271 -10.48 26.67 -14.20
N LYS A 272 -11.80 26.76 -14.07
CA LYS A 272 -12.48 28.01 -13.65
C LYS A 272 -13.08 27.88 -12.26
N LYS A 273 -12.35 27.28 -11.29
CA LYS A 273 -12.79 27.15 -9.86
C LYS A 273 -13.01 28.48 -9.13
N ASP A 274 -12.20 29.51 -9.45
CA ASP A 274 -12.35 30.91 -8.97
C ASP A 274 -13.79 31.42 -9.22
N GLU A 275 -14.50 30.96 -10.27
CA GLU A 275 -15.85 31.51 -10.62
C GLU A 275 -16.97 30.84 -9.82
N VAL A 276 -16.62 29.89 -8.96
CA VAL A 276 -17.65 29.08 -8.24
C VAL A 276 -18.51 30.03 -7.41
N PRO A 277 -17.91 30.86 -6.51
CA PRO A 277 -18.77 31.69 -5.64
C PRO A 277 -19.82 32.54 -6.37
N GLN A 278 -19.43 33.22 -7.46
CA GLN A 278 -20.39 34.01 -8.31
C GLN A 278 -21.41 33.09 -9.00
N GLY A 279 -21.00 31.90 -9.44
CA GLY A 279 -21.93 30.88 -9.99
C GLY A 279 -22.93 30.38 -8.95
N GLN A 280 -22.54 30.19 -7.69
CA GLN A 280 -23.52 29.88 -6.60
C GLN A 280 -24.55 31.03 -6.45
N LEU A 281 -24.13 32.29 -6.44
CA LEU A 281 -25.07 33.46 -6.37
C LEU A 281 -26.16 33.37 -7.45
N GLY A 282 -25.76 33.14 -8.71
CA GLY A 282 -26.69 33.05 -9.86
C GLY A 282 -27.68 31.97 -9.61
N PHE A 283 -27.17 30.81 -9.15
CA PHE A 283 -27.98 29.62 -8.87
C PHE A 283 -28.96 29.90 -7.75
N TYR A 284 -28.54 30.53 -6.64
CA TYR A 284 -29.47 30.81 -5.52
C TYR A 284 -30.59 31.77 -6.00
N ASN A 285 -30.16 32.84 -6.67
CA ASN A 285 -31.04 33.92 -7.22
C ASN A 285 -31.95 33.41 -8.35
N ALA A 286 -31.44 32.59 -9.26
CA ALA A 286 -32.26 32.06 -10.42
C ALA A 286 -33.07 30.81 -10.11
N VAL A 287 -32.63 29.96 -9.18
CA VAL A 287 -33.32 28.66 -9.00
C VAL A 287 -33.79 28.52 -7.56
N ALA A 288 -32.86 28.51 -6.58
CA ALA A 288 -33.15 28.01 -5.22
C ALA A 288 -34.14 28.96 -4.50
N ILE A 289 -33.86 30.26 -4.42
CA ILE A 289 -34.72 31.27 -3.69
C ILE A 289 -36.15 31.31 -4.27
N PRO A 290 -36.27 31.46 -5.60
CA PRO A 290 -37.56 31.35 -6.27
C PRO A 290 -38.34 30.08 -5.99
N CYS A 291 -37.63 28.92 -5.92
CA CYS A 291 -38.24 27.61 -5.61
C CYS A 291 -38.82 27.65 -4.19
N TYR A 292 -38.02 27.99 -3.18
CA TYR A 292 -38.47 27.96 -1.77
C TYR A 292 -39.48 29.11 -1.46
N THR A 293 -39.37 30.25 -2.13
CA THR A 293 -40.39 31.36 -2.04
C THR A 293 -41.76 30.87 -2.48
N THR A 294 -41.88 30.26 -3.66
CA THR A 294 -43.22 29.80 -4.15
C THR A 294 -43.69 28.67 -3.24
N LEU A 295 -42.78 27.77 -2.85
CA LEU A 295 -43.17 26.64 -1.98
C LEU A 295 -43.73 27.22 -0.68
N THR A 296 -43.07 28.24 -0.19
CA THR A 296 -43.48 28.85 1.08
C THR A 296 -44.82 29.60 0.91
N GLN A 297 -45.02 30.22 -0.24
CA GLN A 297 -46.35 30.85 -0.53
C GLN A 297 -47.41 29.78 -0.58
N ILE A 298 -47.14 28.59 -1.15
CA ILE A 298 -48.22 27.55 -1.25
C ILE A 298 -48.35 26.78 0.06
N LEU A 299 -47.23 26.54 0.77
CA LEU A 299 -47.23 25.70 2.00
C LEU A 299 -46.44 26.43 3.07
N PRO A 300 -47.14 27.28 3.84
CA PRO A 300 -46.46 28.20 4.73
C PRO A 300 -45.56 27.52 5.74
N PRO A 301 -45.83 26.35 6.30
CA PRO A 301 -44.87 25.79 7.24
C PRO A 301 -43.51 25.31 6.65
N THR A 302 -43.25 25.49 5.35
CA THR A 302 -41.96 25.13 4.74
C THR A 302 -41.05 26.34 4.69
N GLU A 303 -41.45 27.40 5.38
CA GLU A 303 -40.65 28.66 5.41
C GLU A 303 -39.22 28.44 5.92
N PRO A 304 -38.95 27.53 6.89
CA PRO A 304 -37.56 27.34 7.36
C PRO A 304 -36.57 26.95 6.24
N LEU A 305 -37.06 26.26 5.20
CA LEU A 305 -36.27 25.96 3.99
C LEU A 305 -35.89 27.27 3.32
N LEU A 306 -36.82 28.22 3.19
CA LEU A 306 -36.50 29.52 2.51
C LEU A 306 -35.54 30.32 3.40
N LYS A 307 -35.78 30.32 4.73
CA LYS A 307 -34.88 31.04 5.66
C LYS A 307 -33.46 30.44 5.57
N ALA A 308 -33.34 29.11 5.60
CA ALA A 308 -31.97 28.49 5.54
C ALA A 308 -31.30 28.81 4.21
N CYS A 309 -32.08 28.81 3.13
CA CYS A 309 -31.53 29.10 1.82
C CYS A 309 -30.97 30.51 1.80
N ARG A 310 -31.74 31.48 2.27
CA ARG A 310 -31.25 32.89 2.27
CA ARG A 310 -31.30 32.90 2.32
C ARG A 310 -30.00 33.00 3.15
N ASP A 311 -29.95 32.30 4.28
CA ASP A 311 -28.73 32.34 5.14
C ASP A 311 -27.55 31.88 4.30
N ASN A 312 -27.72 30.83 3.48
CA ASN A 312 -26.60 30.29 2.67
C ASN A 312 -26.22 31.29 1.56
N LEU A 313 -27.20 31.98 0.98
CA LEU A 313 -26.85 33.00 -0.07
C LEU A 313 -25.91 34.03 0.58
N SER A 314 -26.30 34.50 1.75
CA SER A 314 -25.49 35.51 2.51
C SER A 314 -24.09 34.96 2.77
N GLN A 315 -23.96 33.67 3.15
CA GLN A 315 -22.60 33.07 3.30
C GLN A 315 -21.82 33.11 1.97
N TRP A 316 -22.41 32.77 0.81
CA TRP A 316 -21.67 32.88 -0.48
C TRP A 316 -21.34 34.35 -0.78
N GLU A 317 -22.22 35.26 -0.39
CA GLU A 317 -21.84 36.70 -0.59
C GLU A 317 -20.59 37.02 0.25
N LYS A 318 -20.52 36.53 1.50
CA LYS A 318 -19.29 36.71 2.32
C LYS A 318 -18.12 36.02 1.65
N VAL A 319 -18.26 34.88 0.98
CA VAL A 319 -17.07 34.27 0.31
C VAL A 319 -16.55 35.30 -0.73
N ILE A 320 -17.43 35.88 -1.54
CA ILE A 320 -17.01 36.81 -2.63
C ILE A 320 -16.32 38.00 -1.96
N ARG A 321 -16.88 38.60 -0.93
CA ARG A 321 -16.27 39.79 -0.25
C ARG A 321 -14.97 39.42 0.51
N GLY A 322 -14.45 38.22 0.28
CA GLY A 322 -13.15 37.76 0.78
C GLY A 322 -13.18 37.42 2.26
N GLU A 323 -14.28 37.71 2.97
CA GLU A 323 -14.44 37.43 4.43
C GLU A 323 -14.50 35.91 4.74
N GLU A 324 -14.36 35.05 3.71
CA GLU A 324 -14.04 33.59 3.77
C GLU A 324 -13.90 33.01 2.34
N GLY B 12 0.83 -30.77 7.93
CA GLY B 12 1.32 -30.82 9.35
C GLY B 12 2.66 -30.10 9.50
N LEU B 13 3.69 -30.63 8.81
CA LEU B 13 5.05 -30.02 8.71
C LEU B 13 5.12 -29.06 7.51
N MET B 14 4.06 -28.27 7.33
CA MET B 14 4.00 -27.08 6.46
C MET B 14 4.46 -25.92 7.32
N GLN B 15 5.17 -25.00 6.71
CA GLN B 15 5.52 -23.69 7.31
C GLN B 15 5.42 -22.67 6.20
N PHE B 16 5.00 -21.46 6.53
CA PHE B 16 4.99 -20.35 5.56
C PHE B 16 6.41 -19.87 5.47
N THR B 17 6.88 -19.60 4.27
CA THR B 17 8.18 -18.94 4.04
C THR B 17 7.87 -17.65 3.30
N LEU B 18 8.78 -16.72 3.40
CA LEU B 18 8.64 -15.43 2.73
C LEU B 18 9.79 -15.29 1.76
N PRO B 19 9.63 -14.44 0.73
CA PRO B 19 10.75 -14.00 -0.07
C PRO B 19 11.88 -13.50 0.83
N VAL B 20 13.12 -13.74 0.41
CA VAL B 20 14.35 -13.50 1.22
C VAL B 20 14.28 -12.12 1.86
N ARG B 21 13.95 -11.07 1.09
CA ARG B 21 14.05 -9.68 1.57
C ARG B 21 13.01 -9.43 2.68
N LEU B 22 11.84 -10.06 2.62
CA LEU B 22 10.87 -9.92 3.75
C LEU B 22 11.39 -10.76 4.92
N CYS B 23 11.90 -11.95 4.63
CA CYS B 23 12.30 -12.94 5.67
C CYS B 23 13.25 -12.26 6.65
N LYS B 24 14.16 -11.45 6.10
CA LYS B 24 15.20 -10.72 6.83
C LYS B 24 14.64 -9.42 7.42
N GLU B 25 13.85 -8.68 6.66
CA GLU B 25 13.43 -7.33 7.10
C GLU B 25 12.37 -7.48 8.20
N ILE B 26 11.65 -8.60 8.25
CA ILE B 26 10.44 -8.70 9.12
C ILE B 26 10.88 -8.72 10.59
N GLU B 27 12.14 -9.10 10.85
CA GLU B 27 12.68 -9.19 12.24
C GLU B 27 13.03 -7.79 12.73
N LEU B 28 13.13 -6.78 11.85
CA LEU B 28 13.37 -5.40 12.26
C LEU B 28 12.04 -4.74 12.70
N PHE B 29 12.14 -3.83 13.67
CA PHE B 29 11.01 -3.05 14.19
C PHE B 29 10.49 -2.11 13.08
N HIS B 30 11.35 -1.64 12.18
CA HIS B 30 10.87 -0.63 11.19
C HIS B 30 10.34 -1.30 9.90
N PHE B 31 10.14 -2.61 9.90
CA PHE B 31 9.60 -3.34 8.72
C PHE B 31 8.26 -2.70 8.29
N ASP B 32 8.12 -2.46 7.01
CA ASP B 32 6.85 -2.03 6.37
C ASP B 32 6.28 -3.23 5.61
N ILE B 33 5.00 -3.58 5.79
CA ILE B 33 4.43 -4.83 5.22
C ILE B 33 4.18 -4.73 3.70
N GLY B 34 4.33 -3.57 3.10
CA GLY B 34 4.20 -3.38 1.66
C GLY B 34 2.76 -3.22 1.17
N PRO B 35 2.60 -2.91 -0.14
CA PRO B 35 1.28 -2.61 -0.74
C PRO B 35 0.52 -3.78 -1.35
N PHE B 36 1.06 -5.00 -1.24
CA PHE B 36 0.38 -6.21 -1.73
C PHE B 36 -0.51 -6.79 -0.62
N GLU B 37 -1.78 -6.36 -0.56
CA GLU B 37 -2.80 -6.85 0.42
C GLU B 37 -2.78 -8.38 0.47
N ASN B 38 -2.63 -9.07 -0.67
CA ASN B 38 -2.72 -10.56 -0.78
C ASN B 38 -1.57 -11.23 -0.03
N MET B 39 -0.48 -10.53 0.24
CA MET B 39 0.59 -11.15 1.07
C MET B 39 0.38 -11.02 2.60
N TRP B 40 -0.51 -10.15 3.04
CA TRP B 40 -0.58 -9.76 4.47
C TRP B 40 -0.98 -10.97 5.31
N PRO B 41 -2.00 -11.77 4.94
CA PRO B 41 -2.34 -12.95 5.73
C PRO B 41 -1.18 -13.90 5.98
N GLY B 42 -0.39 -14.14 4.94
CA GLY B 42 0.75 -15.05 5.01
C GLY B 42 1.81 -14.46 5.90
N ILE B 43 2.02 -13.15 5.81
CA ILE B 43 2.95 -12.41 6.74
C ILE B 43 2.47 -12.64 8.18
N PHE B 44 1.18 -12.52 8.45
CA PHE B 44 0.69 -12.73 9.82
C PHE B 44 0.88 -14.20 10.24
N VAL B 45 0.51 -15.18 9.42
CA VAL B 45 0.64 -16.63 9.75
C VAL B 45 2.11 -16.98 10.00
N TYR B 46 3.03 -16.40 9.22
CA TYR B 46 4.48 -16.57 9.42
C TYR B 46 4.90 -16.09 10.80
N MET B 47 4.39 -14.93 11.18
CA MET B 47 4.70 -14.33 12.49
C MET B 47 4.13 -15.20 13.60
N VAL B 48 2.90 -15.67 13.50
CA VAL B 48 2.33 -16.62 14.50
C VAL B 48 3.21 -17.90 14.60
N HIS B 49 3.52 -18.55 13.49
CA HIS B 49 4.33 -19.80 13.46
C HIS B 49 5.68 -19.57 14.14
N ARG B 50 6.40 -18.47 13.88
CA ARG B 50 7.74 -18.27 14.46
C ARG B 50 7.59 -17.85 15.92
N SER B 51 6.53 -17.14 16.26
CA SER B 51 6.38 -16.50 17.57
C SER B 51 5.91 -17.53 18.57
N CYS B 52 4.98 -18.42 18.21
CA CYS B 52 4.51 -19.34 19.26
C CYS B 52 4.40 -20.78 18.76
N GLY B 53 4.66 -21.07 17.49
CA GLY B 53 4.78 -22.46 16.99
C GLY B 53 3.81 -22.83 15.85
N THR B 54 4.21 -23.80 15.05
CA THR B 54 3.42 -24.47 13.96
C THR B 54 2.14 -25.11 14.51
N SER B 55 2.06 -25.32 15.82
CA SER B 55 1.03 -26.10 16.55
C SER B 55 0.06 -25.19 17.33
N CYS B 56 0.34 -23.88 17.43
CA CYS B 56 -0.45 -22.92 18.28
C CYS B 56 -1.91 -23.03 17.87
N PHE B 57 -2.14 -23.15 16.56
CA PHE B 57 -3.47 -23.09 15.89
C PHE B 57 -3.51 -24.12 14.76
N GLU B 58 -4.65 -24.78 14.60
CA GLU B 58 -4.97 -25.58 13.41
C GLU B 58 -4.99 -24.57 12.25
N LEU B 59 -4.17 -24.81 11.22
CA LEU B 59 -3.95 -23.88 10.10
C LEU B 59 -5.28 -23.56 9.40
N GLU B 60 -6.22 -24.50 9.30
CA GLU B 60 -7.50 -24.33 8.58
C GLU B 60 -8.28 -23.24 9.31
N LYS B 61 -8.56 -23.43 10.62
CA LYS B 61 -9.36 -22.48 11.48
C LYS B 61 -8.68 -21.10 11.51
N LEU B 62 -7.36 -21.03 11.53
CA LEU B 62 -6.63 -19.75 11.62
C LEU B 62 -6.82 -18.94 10.33
N CME B 63 -6.74 -19.60 9.19
CA CME B 63 -6.88 -18.94 7.88
CB CME B 63 -6.42 -19.81 6.68
SG CME B 63 -4.62 -20.01 6.50
SD CME B 63 -3.92 -18.18 5.83
CE CME B 63 -4.57 -17.97 4.15
CZ CME B 63 -3.68 -18.65 3.14
OH CME B 63 -4.34 -18.83 1.90
C CME B 63 -8.32 -18.47 7.80
O CME B 63 -8.53 -17.37 7.44
N ARG B 64 -9.28 -19.29 8.21
CA ARG B 64 -10.71 -18.89 8.24
C ARG B 64 -10.87 -17.69 9.18
N PHE B 65 -10.23 -17.71 10.35
CA PHE B 65 -10.31 -16.61 11.36
C PHE B 65 -9.82 -15.30 10.68
N ILE B 66 -8.62 -15.35 10.16
CA ILE B 66 -7.94 -14.20 9.49
C ILE B 66 -8.85 -13.61 8.39
N MET B 67 -9.41 -14.43 7.50
CA MET B 67 -10.18 -13.87 6.37
C MET B 67 -11.47 -13.23 6.93
N SER B 68 -12.12 -13.81 7.92
CA SER B 68 -13.27 -13.12 8.56
C SER B 68 -12.82 -11.80 9.24
N VAL B 69 -11.64 -11.75 9.87
CA VAL B 69 -11.16 -10.50 10.55
C VAL B 69 -10.99 -9.48 9.43
N LYS B 70 -10.25 -9.83 8.38
CA LYS B 70 -10.04 -8.89 7.24
C LYS B 70 -11.36 -8.30 6.72
N LYS B 71 -12.32 -9.15 6.46
CA LYS B 71 -13.64 -8.74 5.93
C LYS B 71 -14.33 -7.77 6.89
N ASN B 72 -14.04 -7.79 8.20
CA ASN B 72 -14.72 -6.91 9.19
C ASN B 72 -13.93 -5.60 9.46
N TYR B 73 -12.86 -5.35 8.70
CA TYR B 73 -12.20 -4.03 8.63
C TYR B 73 -12.76 -3.26 7.45
N ARG B 74 -12.89 -1.97 7.57
CA ARG B 74 -13.53 -1.16 6.49
C ARG B 74 -12.46 -0.45 5.69
N ARG B 75 -12.88 0.13 4.59
CA ARG B 75 -11.97 0.75 3.62
C ARG B 75 -11.89 2.20 4.00
N VAL B 76 -11.26 2.44 5.12
CA VAL B 76 -11.02 3.80 5.64
C VAL B 76 -9.57 4.08 5.38
N PRO B 77 -9.14 5.37 5.42
CA PRO B 77 -7.79 5.70 5.02
C PRO B 77 -6.70 5.12 5.96
N TYR B 78 -6.99 4.91 7.25
CA TYR B 78 -5.94 4.51 8.21
C TYR B 78 -6.31 3.29 9.05
N HIS B 79 -7.45 3.32 9.73
CA HIS B 79 -7.95 2.27 10.62
C HIS B 79 -8.50 1.10 9.82
N ASN B 80 -7.61 0.53 9.05
CA ASN B 80 -7.96 -0.49 8.06
C ASN B 80 -7.14 -1.76 8.33
N TRP B 81 -7.34 -2.73 7.48
CA TRP B 81 -6.68 -4.03 7.62
C TRP B 81 -5.18 -3.89 7.59
N LYS B 82 -4.65 -2.92 6.87
CA LYS B 82 -3.18 -2.78 6.80
C LYS B 82 -2.66 -2.40 8.19
N HIS B 83 -3.38 -1.53 8.90
CA HIS B 83 -3.03 -1.04 10.25
C HIS B 83 -3.02 -2.26 11.16
N ALA B 84 -4.04 -3.11 11.06
CA ALA B 84 -4.18 -4.27 11.92
C ALA B 84 -2.92 -5.16 11.79
N VAL B 85 -2.49 -5.50 10.57
CA VAL B 85 -1.32 -6.39 10.38
C VAL B 85 -0.07 -5.63 10.82
N THR B 86 0.00 -4.32 10.58
CA THR B 86 1.19 -3.51 10.94
C THR B 86 1.35 -3.51 12.46
N VAL B 87 0.25 -3.37 13.19
CA VAL B 87 0.28 -3.39 14.66
C VAL B 87 0.69 -4.82 15.10
N ALA B 88 0.15 -5.88 14.49
CA ALA B 88 0.57 -7.23 14.87
C ALA B 88 2.04 -7.41 14.59
N HIS B 89 2.62 -6.83 13.53
CA HIS B 89 4.05 -7.02 13.24
C HIS B 89 4.89 -6.34 14.34
N CYS B 90 4.46 -5.16 14.82
CA CYS B 90 5.22 -4.52 15.94
C CYS B 90 5.19 -5.41 17.19
N MET B 91 4.04 -6.03 17.50
CA MET B 91 3.95 -6.93 18.66
C MET B 91 4.87 -8.14 18.40
N TYR B 92 4.93 -8.65 17.18
CA TYR B 92 5.81 -9.79 16.83
C TYR B 92 7.28 -9.43 17.16
N ALA B 93 7.71 -8.24 16.76
CA ALA B 93 9.06 -7.69 16.96
C ALA B 93 9.38 -7.55 18.45
N ILE B 94 8.43 -7.12 19.28
CA ILE B 94 8.63 -7.01 20.74
C ILE B 94 8.79 -8.42 21.31
N LEU B 95 7.89 -9.33 20.97
CA LEU B 95 7.83 -10.74 21.50
C LEU B 95 9.06 -11.53 21.10
N GLN B 96 9.54 -11.36 19.88
CA GLN B 96 10.74 -12.05 19.38
C GLN B 96 11.98 -11.56 20.12
N ASN B 97 12.02 -10.30 20.54
CA ASN B 97 13.18 -9.69 21.24
C ASN B 97 13.04 -9.85 22.76
N ASN B 98 11.95 -10.41 23.28
CA ASN B 98 11.70 -10.61 24.72
C ASN B 98 11.10 -12.00 24.97
N HIS B 99 11.57 -13.01 24.24
CA HIS B 99 10.80 -14.27 24.05
C HIS B 99 10.50 -14.94 25.41
N THR B 100 11.45 -15.03 26.31
CA THR B 100 11.25 -15.76 27.60
C THR B 100 10.42 -14.94 28.59
N LEU B 101 10.15 -13.63 28.38
CA LEU B 101 9.31 -12.86 29.36
C LEU B 101 7.84 -13.31 29.30
N PHE B 102 7.35 -13.83 28.17
CA PHE B 102 5.89 -14.01 28.00
C PHE B 102 5.58 -15.49 27.94
N THR B 103 4.43 -15.90 28.45
CA THR B 103 3.92 -17.29 28.39
C THR B 103 3.44 -17.57 26.97
N ASP B 104 3.17 -18.85 26.67
CA ASP B 104 2.79 -19.28 25.30
C ASP B 104 1.39 -18.72 25.07
N LEU B 105 0.60 -18.67 26.16
CA LEU B 105 -0.77 -18.12 26.18
C LEU B 105 -0.72 -16.64 25.77
N GLU B 106 0.12 -15.83 26.39
CA GLU B 106 0.21 -14.40 26.12
C GLU B 106 0.67 -14.23 24.67
N ARG B 107 1.60 -15.00 24.17
CA ARG B 107 2.11 -14.84 22.77
C ARG B 107 1.00 -15.07 21.73
N LYS B 108 0.24 -16.15 21.89
CA LYS B 108 -1.03 -16.49 21.18
C LYS B 108 -1.97 -15.30 21.22
N GLY B 109 -2.32 -14.88 22.44
CA GLY B 109 -3.42 -13.92 22.71
C GLY B 109 -3.08 -12.55 22.11
N LEU B 110 -1.82 -12.12 22.22
CA LEU B 110 -1.40 -10.76 21.94
C LEU B 110 -1.32 -10.58 20.43
N LEU B 111 -0.88 -11.55 19.61
CA LEU B 111 -0.85 -11.31 18.15
C LEU B 111 -2.30 -11.26 17.66
N ILE B 112 -3.18 -12.10 18.19
CA ILE B 112 -4.63 -12.13 17.86
C ILE B 112 -5.22 -10.79 18.31
N ALA B 113 -4.84 -10.27 19.46
CA ALA B 113 -5.39 -8.99 19.94
C ALA B 113 -5.02 -7.89 18.97
N CYS B 114 -3.78 -7.86 18.54
CA CYS B 114 -3.26 -6.80 17.65
C CYS B 114 -4.05 -6.86 16.34
N LEU B 115 -4.28 -8.05 15.82
CA LEU B 115 -4.96 -8.18 14.52
C LEU B 115 -6.40 -7.64 14.65
N CYS B 116 -7.06 -7.89 15.78
CA CYS B 116 -8.47 -7.61 16.03
C CYS B 116 -8.71 -6.24 16.67
N HIS B 117 -7.67 -5.46 16.98
CA HIS B 117 -7.85 -4.36 17.95
C HIS B 117 -8.63 -3.23 17.34
N ASP B 118 -8.82 -3.11 16.02
CA ASP B 118 -9.59 -1.97 15.48
C ASP B 118 -10.79 -2.48 14.68
N LEU B 119 -11.18 -3.74 14.87
CA LEU B 119 -12.25 -4.39 14.05
C LEU B 119 -13.42 -3.43 13.90
N ASP B 120 -13.86 -3.23 12.68
CA ASP B 120 -15.12 -2.57 12.37
C ASP B 120 -14.99 -1.10 12.71
N HIS B 121 -13.78 -0.53 12.64
CA HIS B 121 -13.55 0.90 12.84
C HIS B 121 -14.15 1.71 11.68
N ARG B 122 -14.77 2.84 11.97
CA ARG B 122 -15.36 3.72 10.92
C ARG B 122 -14.49 4.94 10.61
N GLY B 123 -13.31 5.06 11.23
CA GLY B 123 -12.39 6.21 11.07
C GLY B 123 -12.77 7.37 11.99
N PHE B 124 -13.63 7.17 12.97
CA PHE B 124 -14.05 8.26 13.89
C PHE B 124 -13.68 7.90 15.32
N SER B 125 -13.32 8.93 16.08
CA SER B 125 -12.95 8.88 17.51
C SER B 125 -14.18 8.56 18.37
N ASN B 126 -13.92 8.05 19.58
CA ASN B 126 -14.91 7.90 20.65
C ASN B 126 -15.63 9.25 20.91
N SER B 127 -14.95 10.42 20.94
CA SER B 127 -15.62 11.74 21.10
C SER B 127 -16.63 11.96 19.96
N TYR B 128 -16.28 11.71 18.71
CA TYR B 128 -17.25 11.97 17.62
C TYR B 128 -18.49 11.09 17.85
N LEU B 129 -18.33 9.81 18.13
CA LEU B 129 -19.46 8.89 18.34
C LEU B 129 -20.36 9.43 19.49
N GLN B 130 -19.76 9.99 20.52
CA GLN B 130 -20.47 10.55 21.69
C GLN B 130 -21.24 11.78 21.20
N LYS B 131 -20.62 12.67 20.50
CA LYS B 131 -21.32 13.93 20.10
C LYS B 131 -22.39 13.63 19.05
N PHE B 132 -22.18 12.65 18.20
CA PHE B 132 -23.17 12.25 17.18
C PHE B 132 -24.38 11.54 17.81
N ASP B 133 -24.19 10.96 18.98
CA ASP B 133 -25.21 10.16 19.69
C ASP B 133 -25.32 8.85 18.89
N HIS B 134 -24.21 8.22 18.56
CA HIS B 134 -24.16 6.93 17.86
C HIS B 134 -24.65 5.86 18.84
N PRO B 135 -25.46 4.90 18.39
CA PRO B 135 -25.92 3.79 19.22
C PRO B 135 -24.77 3.12 20.01
N LEU B 136 -23.56 3.05 19.43
CA LEU B 136 -22.43 2.41 20.14
C LEU B 136 -22.11 3.27 21.38
N ALA B 137 -22.36 4.59 21.41
CA ALA B 137 -22.02 5.39 22.61
C ALA B 137 -22.99 5.10 23.77
N ALA B 138 -24.18 4.59 23.51
CA ALA B 138 -25.16 4.28 24.59
C ALA B 138 -24.89 2.87 25.09
N LEU B 139 -24.37 2.02 24.24
CA LEU B 139 -23.99 0.65 24.63
C LEU B 139 -22.71 0.70 25.47
N TYR B 140 -21.77 1.55 25.11
CA TYR B 140 -20.42 1.55 25.69
C TYR B 140 -20.06 2.96 26.07
N SER B 141 -20.25 3.32 27.34
CA SER B 141 -20.17 4.73 27.76
C SER B 141 -18.70 5.11 27.78
N THR B 142 -17.74 4.19 28.02
CA THR B 142 -16.30 4.57 27.92
C THR B 142 -15.59 3.59 27.00
N SER B 143 -14.47 4.03 26.46
CA SER B 143 -13.68 3.18 25.54
C SER B 143 -14.64 2.59 24.48
N THR B 144 -15.51 3.43 23.92
CA THR B 144 -16.67 2.99 23.11
C THR B 144 -16.20 2.09 21.96
N MET B 145 -15.30 2.60 21.11
CA MET B 145 -14.89 1.80 19.93
C MET B 145 -14.22 0.53 20.45
N GLU B 146 -13.42 0.63 21.51
CA GLU B 146 -12.54 -0.48 21.88
C GLU B 146 -13.41 -1.58 22.50
N GLN B 147 -14.47 -1.23 23.22
CA GLN B 147 -15.38 -2.29 23.67
C GLN B 147 -16.03 -2.94 22.44
N HIS B 148 -16.36 -2.13 21.43
CA HIS B 148 -16.94 -2.64 20.17
C HIS B 148 -15.95 -3.61 19.49
N HIS B 149 -14.68 -3.22 19.37
CA HIS B 149 -13.67 -4.08 18.71
C HIS B 149 -13.62 -5.43 19.44
N PHE B 150 -13.75 -5.44 20.76
CA PHE B 150 -13.54 -6.70 21.51
C PHE B 150 -14.75 -7.59 21.18
N SER B 151 -15.93 -6.99 21.14
CA SER B 151 -17.22 -7.65 20.88
C SER B 151 -17.25 -8.24 19.48
N GLN B 152 -16.67 -7.56 18.52
CA GLN B 152 -16.49 -8.10 17.16
C GLN B 152 -15.56 -9.29 17.19
N THR B 153 -14.54 -9.27 18.02
CA THR B 153 -13.51 -10.32 18.06
C THR B 153 -14.18 -11.57 18.59
N VAL B 154 -15.00 -11.44 19.63
CA VAL B 154 -15.74 -12.59 20.24
C VAL B 154 -16.76 -13.16 19.22
N SER B 155 -17.53 -12.31 18.55
CA SER B 155 -18.49 -12.71 17.48
C SER B 155 -17.79 -13.58 16.45
N ILE B 156 -16.60 -13.20 16.04
CA ILE B 156 -15.92 -13.93 14.96
C ILE B 156 -15.43 -15.25 15.53
N LEU B 157 -14.87 -15.27 16.74
CA LEU B 157 -14.39 -16.52 17.38
C LEU B 157 -15.54 -17.54 17.51
N GLN B 158 -16.80 -17.08 17.60
CA GLN B 158 -17.96 -17.99 17.77
C GLN B 158 -18.55 -18.47 16.43
N LEU B 159 -18.09 -17.95 15.29
CA LEU B 159 -18.55 -18.40 13.96
C LEU B 159 -18.18 -19.88 13.77
N GLU B 160 -19.01 -20.68 13.04
CA GLU B 160 -18.76 -22.15 12.80
C GLU B 160 -17.33 -22.19 12.22
N GLY B 161 -16.46 -23.02 12.79
CA GLY B 161 -15.13 -23.31 12.26
C GLY B 161 -14.12 -22.19 12.50
N HIS B 162 -14.43 -21.20 13.35
CA HIS B 162 -13.52 -20.03 13.60
C HIS B 162 -12.86 -20.02 14.99
N ASN B 163 -13.13 -21.02 15.83
CA ASN B 163 -12.61 -21.05 17.23
C ASN B 163 -11.19 -21.58 17.24
N ILE B 164 -10.24 -20.67 16.98
CA ILE B 164 -8.80 -20.98 16.96
C ILE B 164 -8.30 -21.43 18.30
N PHE B 165 -9.07 -21.23 19.37
CA PHE B 165 -8.63 -21.60 20.75
C PHE B 165 -9.38 -22.87 21.18
N SER B 166 -9.82 -23.71 20.23
CA SER B 166 -10.58 -24.96 20.49
C SER B 166 -9.75 -25.89 21.37
N THR B 167 -8.44 -25.97 21.13
CA THR B 167 -7.48 -26.89 21.80
C THR B 167 -7.21 -26.48 23.26
N LEU B 168 -7.63 -25.30 23.75
CA LEU B 168 -7.29 -24.81 25.13
C LEU B 168 -8.21 -25.45 26.15
N SER B 169 -7.74 -25.73 27.36
CA SER B 169 -8.63 -26.02 28.52
C SER B 169 -9.63 -24.88 28.69
N SER B 170 -10.71 -25.14 29.41
CA SER B 170 -11.71 -24.09 29.71
C SER B 170 -11.03 -22.92 30.47
N SER B 171 -10.11 -23.21 31.40
CA SER B 171 -9.32 -22.19 32.14
C SER B 171 -8.42 -21.41 31.18
N GLU B 172 -7.67 -22.09 30.32
CA GLU B 172 -6.75 -21.37 29.42
C GLU B 172 -7.58 -20.49 28.48
N TYR B 173 -8.79 -20.91 28.12
CA TYR B 173 -9.64 -20.24 27.11
C TYR B 173 -10.05 -18.94 27.74
N GLU B 174 -10.50 -19.02 28.98
CA GLU B 174 -10.96 -17.86 29.74
C GLU B 174 -9.79 -16.88 29.97
N GLN B 175 -8.58 -17.39 30.20
CA GLN B 175 -7.46 -16.49 30.48
C GLN B 175 -7.09 -15.79 29.16
N VAL B 176 -7.07 -16.49 28.04
CA VAL B 176 -6.59 -15.90 26.76
C VAL B 176 -7.63 -14.85 26.33
N LEU B 177 -8.92 -15.06 26.53
CA LEU B 177 -9.95 -14.05 26.17
C LEU B 177 -9.81 -12.82 27.06
N GLU B 178 -9.43 -13.03 28.31
CA GLU B 178 -9.18 -11.91 29.23
C GLU B 178 -7.93 -11.12 28.79
N ILE B 179 -6.82 -11.76 28.45
CA ILE B 179 -5.60 -11.14 27.86
C ILE B 179 -6.00 -10.25 26.68
N ILE B 180 -6.78 -10.80 25.75
CA ILE B 180 -7.21 -10.12 24.50
C ILE B 180 -8.09 -8.92 24.87
N ARG B 181 -9.08 -9.10 25.72
CA ARG B 181 -9.98 -8.00 26.11
C ARG B 181 -9.14 -6.87 26.74
N LYS B 182 -8.32 -7.19 27.71
CA LYS B 182 -7.60 -6.09 28.40
C LYS B 182 -6.62 -5.49 27.39
N ALA B 183 -6.04 -6.31 26.52
CA ALA B 183 -5.08 -5.69 25.58
C ALA B 183 -5.86 -4.73 24.65
N ILE B 184 -7.05 -5.09 24.20
CA ILE B 184 -7.75 -4.27 23.15
C ILE B 184 -8.23 -2.99 23.84
N ILE B 185 -8.78 -3.10 25.06
CA ILE B 185 -9.22 -1.88 25.82
C ILE B 185 -8.05 -0.90 26.00
N ALA B 186 -6.85 -1.40 26.26
CA ALA B 186 -5.63 -0.57 26.45
C ALA B 186 -5.36 0.29 25.22
N THR B 187 -5.84 -0.07 24.01
CA THR B 187 -5.54 0.73 22.82
C THR B 187 -6.33 2.03 22.85
N ASP B 188 -7.23 2.19 23.79
CA ASP B 188 -7.91 3.50 24.04
C ASP B 188 -6.84 4.48 24.54
N LEU B 189 -6.39 5.43 23.72
CA LEU B 189 -5.28 6.31 24.12
C LEU B 189 -5.62 7.12 25.38
N ALA B 190 -6.88 7.41 25.69
CA ALA B 190 -7.28 8.08 26.95
C ALA B 190 -6.76 7.27 28.14
N LEU B 191 -6.66 5.94 28.07
CA LEU B 191 -6.18 5.13 29.21
C LEU B 191 -4.67 5.07 29.27
N TYR B 192 -3.99 5.37 28.19
CA TYR B 192 -2.52 5.26 28.12
C TYR B 192 -1.87 6.23 29.13
N PHE B 193 -2.28 7.50 29.21
CA PHE B 193 -1.61 8.53 30.07
C PHE B 193 -1.45 8.02 31.52
N GLY B 194 -2.53 7.58 32.17
CA GLY B 194 -2.53 6.95 33.49
C GLY B 194 -1.69 5.67 33.54
N ASN B 195 -1.78 4.83 32.52
CA ASN B 195 -1.06 3.53 32.55
C ASN B 195 0.43 3.80 32.54
N ARG B 196 0.89 4.59 31.60
CA ARG B 196 2.30 4.95 31.50
C ARG B 196 2.81 5.64 32.78
N LYS B 197 2.06 6.58 33.33
CA LYS B 197 2.45 7.27 34.57
C LYS B 197 2.72 6.25 35.71
N GLN B 198 1.78 5.40 36.04
CA GLN B 198 1.96 4.30 37.01
C GLN B 198 3.17 3.41 36.68
N LEU B 199 3.45 3.11 35.42
CA LEU B 199 4.58 2.18 35.09
C LEU B 199 5.91 2.90 35.28
N GLU B 200 5.98 4.19 34.94
CA GLU B 200 7.16 5.06 35.09
C GLU B 200 7.52 5.14 36.58
N GLU B 201 6.54 5.37 37.42
CA GLU B 201 6.72 5.40 38.89
C GLU B 201 7.17 4.02 39.37
N MET B 202 6.42 2.96 39.06
CA MET B 202 6.73 1.59 39.53
C MET B 202 8.16 1.20 39.10
N TYR B 203 8.56 1.46 37.87
CA TYR B 203 9.91 1.14 37.39
C TYR B 203 10.93 2.01 38.09
N GLN B 204 10.67 3.32 38.19
CA GLN B 204 11.74 4.22 38.68
C GLN B 204 12.07 4.04 40.16
N THR B 205 11.19 3.45 40.95
CA THR B 205 11.38 3.15 42.37
C THR B 205 11.79 1.69 42.55
N GLY B 206 11.61 0.85 41.53
CA GLY B 206 11.94 -0.59 41.58
C GLY B 206 10.85 -1.40 42.23
N SER B 207 9.61 -0.92 42.25
CA SER B 207 8.46 -1.73 42.74
C SER B 207 7.89 -2.62 41.59
N LEU B 208 8.34 -2.43 40.35
CA LEU B 208 7.73 -3.13 39.18
C LEU B 208 8.09 -4.61 39.26
N ASN B 209 7.08 -5.43 39.14
CA ASN B 209 7.12 -6.88 39.39
C ASN B 209 6.33 -7.64 38.31
N LEU B 210 7.03 -8.15 37.30
CA LEU B 210 6.37 -8.91 36.20
C LEU B 210 5.69 -10.19 36.71
N ASN B 211 5.84 -10.61 37.97
CA ASN B 211 5.12 -11.79 38.53
C ASN B 211 3.82 -11.35 39.16
N ASN B 212 3.67 -10.04 39.29
CA ASN B 212 2.40 -9.43 39.73
C ASN B 212 1.49 -9.27 38.47
N GLN B 213 0.34 -9.90 38.41
CA GLN B 213 -0.56 -9.97 37.21
C GLN B 213 -1.03 -8.55 36.87
N SER B 214 -1.18 -7.72 37.88
CA SER B 214 -1.65 -6.33 37.79
C SER B 214 -0.54 -5.49 37.14
N HIS B 215 0.72 -5.81 37.39
CA HIS B 215 1.85 -5.15 36.72
C HIS B 215 1.95 -5.71 35.32
N ARG B 216 1.80 -7.02 35.11
CA ARG B 216 1.98 -7.60 33.75
C ARG B 216 0.90 -6.98 32.87
N ASP B 217 -0.34 -6.91 33.38
CA ASP B 217 -1.47 -6.25 32.67
C ASP B 217 -1.06 -4.85 32.20
N ARG B 218 -0.40 -4.06 33.05
CA ARG B 218 -0.03 -2.70 32.71
C ARG B 218 1.06 -2.73 31.61
N VAL B 219 2.07 -3.59 31.75
CA VAL B 219 3.19 -3.65 30.76
C VAL B 219 2.58 -4.05 29.40
N ILE B 220 1.66 -5.01 29.40
CA ILE B 220 1.03 -5.47 28.13
C ILE B 220 0.25 -4.28 27.54
N GLY B 221 -0.46 -3.56 28.39
CA GLY B 221 -1.16 -2.34 27.99
C GLY B 221 -0.25 -1.37 27.30
N LEU B 222 0.94 -1.15 27.87
CA LEU B 222 1.93 -0.20 27.28
C LEU B 222 2.48 -0.75 25.95
N MET B 223 2.69 -2.06 25.90
CA MET B 223 3.07 -2.75 24.65
C MET B 223 2.02 -2.48 23.54
N MET B 224 0.76 -2.58 23.86
CA MET B 224 -0.35 -2.32 22.91
C MET B 224 -0.33 -0.86 22.46
N THR B 225 -0.13 0.12 23.35
CA THR B 225 0.02 1.51 22.89
C THR B 225 1.21 1.61 21.92
N ALA B 226 2.38 1.11 22.30
CA ALA B 226 3.60 1.22 21.48
C ALA B 226 3.34 0.61 20.09
N CYS B 227 2.76 -0.57 20.02
CA CYS B 227 2.40 -1.20 18.69
C CYS B 227 1.40 -0.33 17.90
N ASP B 228 0.40 0.15 18.61
CA ASP B 228 -0.68 0.95 18.01
C ASP B 228 -0.10 2.25 17.42
N LEU B 229 0.94 2.82 18.02
CA LEU B 229 1.48 4.11 17.53
C LEU B 229 2.66 3.90 16.63
N CYS B 230 2.98 2.66 16.26
CA CYS B 230 4.31 2.32 15.67
C CYS B 230 4.54 3.07 14.37
N SER B 231 3.50 3.66 13.75
CA SER B 231 3.70 4.59 12.60
C SER B 231 4.88 5.58 12.85
N VAL B 232 5.03 6.08 14.08
CA VAL B 232 6.08 7.09 14.40
C VAL B 232 7.45 6.43 14.55
N THR B 233 7.51 5.08 14.52
CA THR B 233 8.77 4.33 14.75
C THR B 233 9.29 3.76 13.42
N LYS B 234 8.69 4.13 12.32
CA LYS B 234 9.24 3.62 11.04
C LYS B 234 10.33 4.59 10.60
N LEU B 235 10.97 4.25 9.49
CA LEU B 235 11.84 5.21 8.81
C LEU B 235 11.04 6.40 8.27
N TRP B 236 11.69 7.55 8.22
CA TRP B 236 11.04 8.85 7.91
C TRP B 236 10.08 8.75 6.71
N PRO B 237 10.47 8.14 5.56
CA PRO B 237 9.58 8.18 4.39
C PRO B 237 8.25 7.48 4.63
N VAL B 238 8.27 6.35 5.33
CA VAL B 238 7.06 5.59 5.78
C VAL B 238 6.28 6.47 6.76
N THR B 239 6.95 7.01 7.78
CA THR B 239 6.30 7.83 8.84
C THR B 239 5.58 9.04 8.24
N LYS B 240 6.23 9.72 7.30
CA LYS B 240 5.68 10.90 6.61
C LYS B 240 4.48 10.56 5.73
N LEU B 241 4.53 9.47 4.94
CA LEU B 241 3.36 9.05 4.14
C LEU B 241 2.23 8.53 5.03
N THR B 242 2.52 7.79 6.10
CA THR B 242 1.49 7.30 7.01
C THR B 242 0.73 8.50 7.62
N ALA B 243 1.40 9.61 7.89
CA ALA B 243 0.79 10.82 8.48
C ALA B 243 -0.33 11.34 7.57
N ASN B 244 -0.20 11.24 6.25
CA ASN B 244 -1.26 11.68 5.29
C ASN B 244 -2.54 10.85 5.53
N ASP B 245 -2.41 9.56 5.78
CA ASP B 245 -3.55 8.62 6.01
C ASP B 245 -4.23 9.00 7.32
N ILE B 246 -3.42 9.24 8.35
CA ILE B 246 -3.95 9.47 9.71
C ILE B 246 -4.72 10.79 9.67
N TYR B 247 -4.18 11.82 9.04
CA TYR B 247 -4.85 13.14 8.98
C TYR B 247 -6.03 13.13 8.01
N ALA B 248 -6.05 12.26 6.99
CA ALA B 248 -7.23 12.16 6.11
C ALA B 248 -8.40 11.76 7.03
N GLU B 249 -8.19 10.85 8.01
CA GLU B 249 -9.29 10.51 8.95
C GLU B 249 -9.61 11.66 9.85
N PHE B 250 -8.61 12.26 10.49
CA PHE B 250 -8.85 13.36 11.45
C PHE B 250 -9.65 14.44 10.73
N TRP B 251 -9.21 14.83 9.55
CA TRP B 251 -9.85 15.92 8.79
C TRP B 251 -11.32 15.59 8.45
N ALA B 252 -11.57 14.35 8.06
CA ALA B 252 -12.93 13.89 7.74
C ALA B 252 -13.75 13.97 9.02
N GLU B 253 -13.17 13.59 10.15
CA GLU B 253 -13.90 13.69 11.42
C GLU B 253 -14.12 15.17 11.69
N GLY B 254 -13.10 16.02 11.48
CA GLY B 254 -13.26 17.50 11.65
C GLY B 254 -14.43 18.07 10.86
N ASP B 255 -14.61 17.60 9.63
CA ASP B 255 -15.69 18.06 8.74
C ASP B 255 -17.04 17.58 9.32
N GLU B 256 -17.07 16.35 9.83
CA GLU B 256 -18.31 15.80 10.43
C GLU B 256 -18.69 16.54 11.71
N MET B 257 -17.71 17.02 12.48
CA MET B 257 -17.93 17.88 13.66
C MET B 257 -18.54 19.22 13.22
N LYS B 258 -17.97 19.86 12.22
CA LYS B 258 -18.49 21.10 11.63
C LYS B 258 -19.93 20.85 11.23
N LYS B 259 -20.27 19.69 10.68
CA LYS B 259 -21.68 19.42 10.28
C LYS B 259 -22.60 19.27 11.48
N LEU B 260 -22.09 18.96 12.67
CA LEU B 260 -22.94 18.94 13.90
C LEU B 260 -23.03 20.35 14.47
N GLY B 261 -22.35 21.33 13.89
CA GLY B 261 -22.28 22.67 14.46
C GLY B 261 -21.21 22.79 15.53
N ILE B 262 -20.19 21.93 15.55
CA ILE B 262 -19.10 21.97 16.57
C ILE B 262 -17.79 22.31 15.86
N GLN B 263 -17.11 23.39 16.28
CA GLN B 263 -15.81 23.82 15.72
C GLN B 263 -14.81 22.78 16.16
N PRO B 264 -14.17 22.00 15.27
CA PRO B 264 -13.29 20.93 15.78
C PRO B 264 -12.01 21.56 16.35
N ILE B 265 -11.24 20.77 17.10
CA ILE B 265 -9.84 21.12 17.49
C ILE B 265 -8.96 21.15 16.23
N PRO B 266 -7.89 21.95 16.23
CA PRO B 266 -7.10 22.18 15.00
C PRO B 266 -6.54 20.90 14.36
N MET B 267 -6.22 19.92 15.20
CA MET B 267 -5.74 18.61 14.72
C MET B 267 -6.71 18.05 13.66
N MET B 268 -8.00 18.27 13.85
CA MET B 268 -9.09 17.71 12.98
C MET B 268 -9.58 18.74 11.95
N ASP B 269 -8.98 19.90 11.87
CA ASP B 269 -9.46 21.01 11.02
C ASP B 269 -8.61 21.08 9.74
N ARG B 270 -9.17 20.64 8.62
CA ARG B 270 -8.41 20.65 7.36
C ARG B 270 -8.06 22.11 7.00
N ASP B 271 -8.73 23.14 7.54
CA ASP B 271 -8.32 24.54 7.23
C ASP B 271 -7.02 24.88 7.97
N LYS B 272 -6.52 24.04 8.86
CA LYS B 272 -5.32 24.34 9.67
C LYS B 272 -4.19 23.35 9.38
N LYS B 273 -4.05 22.95 8.13
CA LYS B 273 -2.97 22.02 7.66
C LYS B 273 -1.56 22.53 7.96
N ASP B 274 -1.31 23.83 7.96
CA ASP B 274 0.06 24.39 8.12
C ASP B 274 0.51 24.21 9.59
N GLU B 275 -0.41 24.04 10.55
CA GLU B 275 -0.11 23.72 11.96
C GLU B 275 0.30 22.24 12.16
N VAL B 276 0.34 21.40 11.12
CA VAL B 276 0.56 19.93 11.28
C VAL B 276 1.94 19.60 11.83
N PRO B 277 3.05 20.14 11.26
CA PRO B 277 4.39 19.86 11.80
C PRO B 277 4.50 20.16 13.30
N GLN B 278 3.97 21.29 13.76
CA GLN B 278 4.03 21.70 15.19
C GLN B 278 3.15 20.76 16.02
N GLY B 279 1.97 20.36 15.52
CA GLY B 279 1.10 19.37 16.19
C GLY B 279 1.78 17.99 16.25
N GLN B 280 2.58 17.60 15.24
CA GLN B 280 3.36 16.33 15.31
C GLN B 280 4.43 16.44 16.41
N LEU B 281 5.19 17.53 16.38
CA LEU B 281 6.16 17.89 17.44
C LEU B 281 5.47 17.73 18.79
N GLY B 282 4.27 18.25 18.95
CA GLY B 282 3.69 18.26 20.29
C GLY B 282 3.28 16.85 20.65
N PHE B 283 2.85 16.07 19.64
CA PHE B 283 2.42 14.68 19.91
C PHE B 283 3.63 13.81 20.30
N TYR B 284 4.80 13.98 19.67
CA TYR B 284 5.97 13.15 20.02
C TYR B 284 6.41 13.48 21.45
N ASN B 285 6.43 14.77 21.78
CA ASN B 285 6.93 15.23 23.10
C ASN B 285 5.96 14.74 24.17
N ALA B 286 4.64 14.72 23.93
CA ALA B 286 3.60 14.51 24.97
C ALA B 286 3.22 13.04 25.06
N VAL B 287 3.27 12.32 23.95
CA VAL B 287 2.77 10.91 23.92
C VAL B 287 3.86 9.93 23.45
N ALA B 288 4.36 10.09 22.24
CA ALA B 288 5.21 9.04 21.63
C ALA B 288 6.55 8.88 22.37
N ILE B 289 7.29 9.95 22.59
CA ILE B 289 8.64 9.77 23.19
C ILE B 289 8.47 9.15 24.58
N PRO B 290 7.59 9.66 25.45
CA PRO B 290 7.41 9.06 26.77
C PRO B 290 7.00 7.58 26.72
N CYS B 291 6.15 7.25 25.74
CA CYS B 291 5.67 5.86 25.53
C CYS B 291 6.88 4.92 25.36
N TYR B 292 7.71 5.21 24.36
CA TYR B 292 8.85 4.38 23.92
C TYR B 292 10.05 4.51 24.88
N THR B 293 10.17 5.62 25.62
CA THR B 293 11.18 5.78 26.70
C THR B 293 10.79 4.78 27.77
N THR B 294 9.56 4.82 28.27
CA THR B 294 9.17 3.93 29.37
C THR B 294 9.25 2.47 28.91
N LEU B 295 8.82 2.17 27.67
CA LEU B 295 8.84 0.78 27.18
C LEU B 295 10.32 0.30 27.20
N THR B 296 11.24 1.10 26.70
CA THR B 296 12.67 0.74 26.56
C THR B 296 13.27 0.48 27.95
N GLN B 297 12.93 1.30 28.92
CA GLN B 297 13.26 1.03 30.35
C GLN B 297 12.82 -0.35 30.78
N ILE B 298 11.60 -0.71 30.51
CA ILE B 298 11.05 -1.96 31.07
C ILE B 298 11.49 -3.15 30.24
N LEU B 299 11.54 -2.98 28.93
CA LEU B 299 11.92 -4.02 27.97
C LEU B 299 13.04 -3.41 27.13
N PRO B 300 14.33 -3.36 27.58
CA PRO B 300 15.40 -2.71 26.81
C PRO B 300 15.68 -3.16 25.39
N PRO B 301 15.38 -4.41 25.00
CA PRO B 301 15.46 -4.78 23.58
C PRO B 301 14.44 -4.09 22.63
N THR B 302 13.46 -3.35 23.17
CA THR B 302 12.58 -2.44 22.37
C THR B 302 13.23 -1.09 22.00
N GLU B 303 14.46 -0.82 22.42
CA GLU B 303 15.20 0.42 22.15
C GLU B 303 15.02 0.91 20.71
N PRO B 304 15.13 0.08 19.65
CA PRO B 304 15.04 0.60 18.28
C PRO B 304 13.75 1.40 17.99
N LEU B 305 12.68 1.10 18.74
CA LEU B 305 11.40 1.84 18.64
C LEU B 305 11.69 3.30 19.07
N LEU B 306 12.35 3.46 20.20
CA LEU B 306 12.64 4.81 20.74
C LEU B 306 13.61 5.51 19.83
N LYS B 307 14.66 4.83 19.35
CA LYS B 307 15.65 5.49 18.48
C LYS B 307 14.96 6.02 17.20
N ALA B 308 14.11 5.19 16.58
CA ALA B 308 13.36 5.54 15.35
C ALA B 308 12.45 6.72 15.67
N CYS B 309 11.83 6.69 16.85
CA CYS B 309 10.89 7.79 17.23
C CYS B 309 11.64 9.12 17.42
N ARG B 310 12.85 9.11 17.99
CA ARG B 310 13.68 10.34 18.15
CA ARG B 310 13.77 10.27 18.15
C ARG B 310 14.17 10.78 16.78
N ASP B 311 14.57 9.88 15.90
CA ASP B 311 14.91 10.35 14.54
C ASP B 311 13.75 11.06 13.84
N ASN B 312 12.51 10.52 14.00
CA ASN B 312 11.31 11.12 13.40
C ASN B 312 11.03 12.48 14.05
N LEU B 313 11.18 12.62 15.35
CA LEU B 313 11.01 13.94 16.04
C LEU B 313 11.97 14.92 15.39
N SER B 314 13.20 14.49 15.21
CA SER B 314 14.23 15.36 14.59
C SER B 314 13.82 15.76 13.14
N GLN B 315 13.22 14.86 12.35
CA GLN B 315 12.76 15.23 10.97
C GLN B 315 11.62 16.26 11.04
N TRP B 316 10.68 16.14 12.01
CA TRP B 316 9.58 17.14 12.14
C TRP B 316 10.16 18.51 12.51
N GLU B 317 11.20 18.54 13.37
CA GLU B 317 11.87 19.81 13.77
C GLU B 317 12.44 20.45 12.52
N LYS B 318 13.02 19.66 11.62
CA LYS B 318 13.52 20.16 10.33
C LYS B 318 12.37 20.72 9.51
N VAL B 319 11.23 20.05 9.45
CA VAL B 319 10.08 20.59 8.65
C VAL B 319 9.68 21.96 9.23
N ILE B 320 9.69 22.12 10.55
CA ILE B 320 9.17 23.36 11.17
C ILE B 320 10.06 24.54 10.77
N ARG B 321 11.36 24.29 10.67
CA ARG B 321 12.37 25.34 10.38
C ARG B 321 12.35 25.68 8.90
N GLY B 322 11.90 24.77 8.04
CA GLY B 322 11.81 24.93 6.57
C GLY B 322 12.78 24.03 5.82
N GLU B 323 13.66 23.31 6.52
CA GLU B 323 14.82 22.57 5.96
C GLU B 323 14.39 21.23 5.30
N GLU B 324 13.11 20.82 5.40
CA GLU B 324 12.57 19.61 4.71
C GLU B 324 11.17 19.93 4.14
N THR B 325 10.78 19.31 3.02
CA THR B 325 9.42 19.34 2.40
C THR B 325 8.54 18.23 3.01
N GLY C 12 -24.36 -16.68 -35.35
CA GLY C 12 -23.94 -15.27 -35.57
C GLY C 12 -25.11 -14.35 -35.88
N LEU C 13 -26.31 -14.68 -35.40
CA LEU C 13 -27.55 -13.93 -35.69
C LEU C 13 -27.59 -12.59 -34.92
N MET C 14 -27.12 -12.55 -33.66
CA MET C 14 -27.03 -11.33 -32.82
C MET C 14 -25.75 -10.56 -33.14
N GLN C 15 -25.90 -9.28 -33.49
CA GLN C 15 -24.81 -8.33 -33.83
C GLN C 15 -24.94 -7.14 -32.88
N PHE C 16 -23.91 -6.33 -32.82
CA PHE C 16 -23.90 -5.16 -31.93
C PHE C 16 -23.94 -3.95 -32.84
N THR C 17 -24.80 -2.98 -32.57
CA THR C 17 -24.79 -1.68 -33.31
C THR C 17 -24.50 -0.63 -32.25
N LEU C 18 -23.77 0.39 -32.65
CA LEU C 18 -23.37 1.51 -31.77
C LEU C 18 -24.20 2.72 -32.16
N PRO C 19 -24.50 3.61 -31.21
CA PRO C 19 -25.10 4.90 -31.54
C PRO C 19 -24.32 5.41 -32.74
N VAL C 20 -24.94 6.23 -33.56
CA VAL C 20 -24.34 6.88 -34.76
C VAL C 20 -22.95 7.46 -34.47
N ARG C 21 -22.79 8.34 -33.44
CA ARG C 21 -21.48 9.03 -33.24
C ARG C 21 -20.36 8.00 -32.96
N LEU C 22 -20.64 6.93 -32.23
CA LEU C 22 -19.65 5.86 -31.88
C LEU C 22 -19.35 5.02 -33.12
N CYS C 23 -20.39 4.67 -33.87
CA CYS C 23 -20.29 3.89 -35.13
C CYS C 23 -19.27 4.55 -36.08
N LYS C 24 -19.33 5.86 -36.16
CA LYS C 24 -18.51 6.72 -37.05
C LYS C 24 -17.11 6.93 -36.44
N GLU C 25 -17.05 7.37 -35.19
CA GLU C 25 -15.79 7.76 -34.50
C GLU C 25 -14.93 6.53 -34.20
N ILE C 26 -15.50 5.33 -33.99
CA ILE C 26 -14.70 4.15 -33.53
C ILE C 26 -13.72 3.74 -34.65
N GLU C 27 -13.99 4.16 -35.87
CA GLU C 27 -13.11 3.89 -37.04
C GLU C 27 -11.88 4.79 -36.96
N LEU C 28 -11.93 5.89 -36.21
CA LEU C 28 -10.75 6.80 -36.10
C LEU C 28 -9.74 6.27 -35.05
N PHE C 29 -8.48 6.37 -35.39
CA PHE C 29 -7.41 5.94 -34.50
C PHE C 29 -7.59 6.66 -33.14
N HIS C 30 -8.03 7.94 -33.09
CA HIS C 30 -7.99 8.73 -31.85
C HIS C 30 -9.32 8.58 -31.08
N PHE C 31 -10.20 7.71 -31.50
CA PHE C 31 -11.43 7.49 -30.71
C PHE C 31 -11.09 7.31 -29.21
N ASP C 32 -11.97 7.83 -28.34
CA ASP C 32 -11.95 7.60 -26.88
C ASP C 32 -13.18 6.76 -26.52
N ILE C 33 -13.04 5.70 -25.73
CA ILE C 33 -14.20 4.77 -25.52
C ILE C 33 -15.25 5.37 -24.55
N GLY C 34 -15.01 6.54 -24.01
CA GLY C 34 -15.96 7.19 -23.09
C GLY C 34 -15.97 6.64 -21.67
N PRO C 35 -16.73 7.30 -20.77
CA PRO C 35 -16.77 6.95 -19.35
C PRO C 35 -17.86 5.96 -18.92
N PHE C 36 -18.61 5.39 -19.86
CA PHE C 36 -19.70 4.45 -19.54
C PHE C 36 -19.16 3.02 -19.59
N GLU C 37 -18.71 2.49 -18.46
CA GLU C 37 -18.06 1.17 -18.34
C GLU C 37 -18.90 0.06 -18.98
N ASN C 38 -20.20 0.14 -18.83
CA ASN C 38 -21.16 -0.93 -19.18
C ASN C 38 -21.30 -1.04 -20.68
N MET C 39 -20.83 -0.03 -21.39
CA MET C 39 -20.78 -0.03 -22.88
C MET C 39 -19.50 -0.71 -23.40
N TRP C 40 -18.44 -0.75 -22.60
CA TRP C 40 -17.15 -1.24 -23.13
C TRP C 40 -17.29 -2.65 -23.65
N PRO C 41 -17.91 -3.63 -22.95
CA PRO C 41 -17.95 -5.00 -23.47
C PRO C 41 -18.54 -5.02 -24.86
N GLY C 42 -19.65 -4.32 -25.03
CA GLY C 42 -20.37 -4.26 -26.34
C GLY C 42 -19.49 -3.59 -27.40
N ILE C 43 -18.73 -2.56 -27.06
CA ILE C 43 -17.78 -1.95 -28.01
C ILE C 43 -16.75 -3.03 -28.42
N PHE C 44 -16.22 -3.79 -27.45
CA PHE C 44 -15.21 -4.84 -27.76
C PHE C 44 -15.79 -5.87 -28.73
N VAL C 45 -16.99 -6.35 -28.44
CA VAL C 45 -17.64 -7.40 -29.28
C VAL C 45 -17.91 -6.82 -30.70
N TYR C 46 -18.37 -5.56 -30.79
CA TYR C 46 -18.55 -4.88 -32.09
C TYR C 46 -17.27 -4.96 -32.94
N MET C 47 -16.15 -4.68 -32.29
CA MET C 47 -14.83 -4.64 -32.97
C MET C 47 -14.44 -6.04 -33.35
N VAL C 48 -14.61 -7.04 -32.48
CA VAL C 48 -14.37 -8.47 -32.84
C VAL C 48 -15.24 -8.88 -34.06
N HIS C 49 -16.53 -8.60 -34.07
CA HIS C 49 -17.45 -8.97 -35.19
C HIS C 49 -16.97 -8.30 -36.48
N ARG C 50 -16.52 -7.04 -36.43
CA ARG C 50 -16.17 -6.34 -37.68
C ARG C 50 -14.81 -6.79 -38.18
N SER C 51 -13.88 -7.11 -37.28
CA SER C 51 -12.44 -7.27 -37.63
C SER C 51 -12.10 -8.74 -37.78
N CYS C 52 -12.95 -9.63 -37.28
CA CYS C 52 -12.67 -11.07 -37.28
C CYS C 52 -13.79 -11.77 -38.07
N GLY C 53 -15.04 -11.45 -37.73
CA GLY C 53 -16.27 -12.00 -38.35
C GLY C 53 -17.26 -12.33 -37.24
N THR C 54 -18.55 -12.36 -37.57
CA THR C 54 -19.66 -12.64 -36.61
C THR C 54 -19.63 -14.07 -36.05
N SER C 55 -18.84 -14.97 -36.65
CA SER C 55 -18.80 -16.41 -36.28
C SER C 55 -17.39 -16.84 -35.84
N CYS C 56 -16.44 -15.91 -35.69
CA CYS C 56 -15.11 -16.17 -35.09
C CYS C 56 -15.20 -16.85 -33.71
N PHE C 57 -16.18 -16.44 -32.91
CA PHE C 57 -16.37 -16.87 -31.50
C PHE C 57 -17.85 -17.15 -31.29
N GLU C 58 -18.17 -18.11 -30.45
CA GLU C 58 -19.57 -18.29 -29.97
C GLU C 58 -19.83 -17.10 -29.05
N LEU C 59 -20.86 -16.31 -29.32
CA LEU C 59 -21.21 -15.12 -28.50
C LEU C 59 -21.34 -15.44 -27.01
N GLU C 60 -22.08 -16.48 -26.61
CA GLU C 60 -22.27 -16.90 -25.19
C GLU C 60 -20.89 -16.99 -24.54
N LYS C 61 -19.98 -17.75 -25.15
CA LYS C 61 -18.59 -17.97 -24.67
C LYS C 61 -17.78 -16.67 -24.63
N LEU C 62 -17.89 -15.84 -25.68
CA LEU C 62 -17.10 -14.61 -25.77
C LEU C 62 -17.52 -13.72 -24.57
N CME C 63 -18.80 -13.63 -24.28
CA CME C 63 -19.34 -12.74 -23.21
CB CME C 63 -20.85 -12.54 -23.28
SG CME C 63 -21.33 -11.40 -24.61
SD CME C 63 -20.58 -9.61 -23.83
CE CME C 63 -21.98 -8.45 -23.86
CZ CME C 63 -22.21 -7.89 -22.49
OH CME C 63 -22.82 -6.63 -22.61
C CME C 63 -18.86 -13.24 -21.86
O CME C 63 -18.45 -12.37 -21.07
N ARG C 64 -18.91 -14.55 -21.56
CA ARG C 64 -18.50 -14.92 -20.20
C ARG C 64 -16.97 -14.77 -20.11
N PHE C 65 -16.23 -14.91 -21.22
CA PHE C 65 -14.76 -14.68 -21.22
C PHE C 65 -14.44 -13.21 -20.89
N ILE C 66 -15.12 -12.32 -21.59
CA ILE C 66 -14.97 -10.85 -21.41
C ILE C 66 -15.26 -10.45 -19.98
N MET C 67 -16.32 -10.97 -19.40
CA MET C 67 -16.74 -10.59 -18.03
C MET C 67 -15.77 -11.17 -17.01
N SER C 68 -15.13 -12.30 -17.30
CA SER C 68 -14.07 -12.89 -16.43
C SER C 68 -12.80 -12.04 -16.50
N VAL C 69 -12.45 -11.63 -17.70
CA VAL C 69 -11.26 -10.76 -17.89
C VAL C 69 -11.46 -9.46 -17.11
N LYS C 70 -12.58 -8.73 -17.31
CA LYS C 70 -12.90 -7.51 -16.53
C LYS C 70 -12.69 -7.69 -15.02
N LYS C 71 -13.28 -8.73 -14.47
CA LYS C 71 -13.25 -9.09 -13.03
C LYS C 71 -11.78 -9.21 -12.60
N ASN C 72 -10.86 -9.53 -13.50
CA ASN C 72 -9.44 -9.75 -13.11
C ASN C 72 -8.57 -8.54 -13.41
N TYR C 73 -9.14 -7.42 -13.88
CA TYR C 73 -8.52 -6.08 -13.76
C TYR C 73 -8.84 -5.45 -12.41
N ARG C 74 -7.92 -4.66 -11.87
CA ARG C 74 -8.04 -4.04 -10.54
C ARG C 74 -8.37 -2.56 -10.70
N ARG C 75 -8.87 -1.98 -9.64
CA ARG C 75 -9.27 -0.59 -9.56
C ARG C 75 -8.02 0.23 -9.30
N VAL C 76 -7.12 0.25 -10.27
CA VAL C 76 -5.92 1.12 -10.29
C VAL C 76 -6.21 2.28 -11.23
N PRO C 77 -5.44 3.36 -11.11
CA PRO C 77 -5.70 4.58 -11.85
C PRO C 77 -5.56 4.48 -13.37
N TYR C 78 -4.61 3.70 -13.82
CA TYR C 78 -4.37 3.60 -15.28
C TYR C 78 -4.41 2.18 -15.81
N HIS C 79 -3.69 1.23 -15.22
CA HIS C 79 -3.61 -0.17 -15.71
C HIS C 79 -4.89 -0.99 -15.41
N ASN C 80 -6.01 -0.50 -15.90
CA ASN C 80 -7.38 -0.90 -15.48
C ASN C 80 -8.13 -1.45 -16.69
N TRP C 81 -9.38 -1.82 -16.52
CA TRP C 81 -10.26 -2.31 -17.61
C TRP C 81 -10.35 -1.32 -18.77
N LYS C 82 -10.47 -0.02 -18.48
CA LYS C 82 -10.61 1.00 -19.54
C LYS C 82 -9.36 0.94 -20.46
N HIS C 83 -8.15 0.84 -19.88
CA HIS C 83 -6.86 0.67 -20.64
C HIS C 83 -6.93 -0.53 -21.59
N ALA C 84 -7.41 -1.62 -21.07
CA ALA C 84 -7.52 -2.89 -21.81
C ALA C 84 -8.40 -2.71 -23.05
N VAL C 85 -9.57 -2.14 -22.92
CA VAL C 85 -10.46 -1.95 -24.11
C VAL C 85 -9.85 -0.86 -25.03
N THR C 86 -9.21 0.18 -24.51
CA THR C 86 -8.57 1.24 -25.31
C THR C 86 -7.41 0.64 -26.13
N VAL C 87 -6.63 -0.25 -25.55
CA VAL C 87 -5.55 -0.92 -26.30
C VAL C 87 -6.17 -1.83 -27.40
N ALA C 88 -7.22 -2.55 -27.10
CA ALA C 88 -7.92 -3.36 -28.11
C ALA C 88 -8.44 -2.44 -29.22
N HIS C 89 -8.95 -1.25 -28.91
CA HIS C 89 -9.55 -0.42 -29.99
C HIS C 89 -8.39 0.04 -30.92
N CYS C 90 -7.22 0.29 -30.37
CA CYS C 90 -6.09 0.75 -31.26
C CYS C 90 -5.75 -0.38 -32.23
N MET C 91 -5.66 -1.61 -31.72
CA MET C 91 -5.43 -2.83 -32.52
C MET C 91 -6.54 -3.03 -33.56
N TYR C 92 -7.79 -2.77 -33.21
CA TYR C 92 -8.94 -2.79 -34.16
C TYR C 92 -8.68 -1.81 -35.32
N ALA C 93 -8.25 -0.59 -35.02
CA ALA C 93 -7.95 0.44 -36.02
C ALA C 93 -6.75 -0.06 -36.90
N ILE C 94 -5.68 -0.58 -36.31
CA ILE C 94 -4.55 -1.06 -37.17
C ILE C 94 -5.00 -2.20 -38.10
N LEU C 95 -5.76 -3.16 -37.60
CA LEU C 95 -6.22 -4.35 -38.35
C LEU C 95 -7.18 -3.92 -39.48
N GLN C 96 -8.11 -2.98 -39.24
CA GLN C 96 -9.14 -2.58 -40.23
C GLN C 96 -8.49 -1.77 -41.36
N ASN C 97 -7.43 -1.02 -41.08
CA ASN C 97 -6.72 -0.21 -42.09
C ASN C 97 -5.62 -1.04 -42.76
N ASN C 98 -5.43 -2.29 -42.38
CA ASN C 98 -4.37 -3.15 -42.96
C ASN C 98 -4.94 -4.55 -43.16
N HIS C 99 -6.21 -4.68 -43.54
CA HIS C 99 -6.96 -5.95 -43.39
C HIS C 99 -6.38 -7.05 -44.29
N THR C 100 -5.71 -6.73 -45.40
CA THR C 100 -5.21 -7.81 -46.29
C THR C 100 -3.94 -8.42 -45.72
N LEU C 101 -3.34 -7.87 -44.68
CA LEU C 101 -1.98 -8.24 -44.24
C LEU C 101 -2.00 -9.31 -43.15
N PHE C 102 -3.12 -9.59 -42.44
CA PHE C 102 -3.15 -10.52 -41.29
C PHE C 102 -4.09 -11.71 -41.57
N THR C 103 -3.71 -12.84 -41.04
CA THR C 103 -4.45 -14.12 -41.12
C THR C 103 -5.63 -14.05 -40.17
N ASP C 104 -6.51 -15.03 -40.28
CA ASP C 104 -7.72 -15.16 -39.44
C ASP C 104 -7.31 -15.40 -37.97
N LEU C 105 -6.35 -16.30 -37.77
CA LEU C 105 -5.80 -16.63 -36.43
C LEU C 105 -5.17 -15.38 -35.80
N GLU C 106 -4.40 -14.61 -36.54
CA GLU C 106 -3.82 -13.33 -36.03
C GLU C 106 -4.97 -12.41 -35.62
N ARG C 107 -6.03 -12.34 -36.39
CA ARG C 107 -7.14 -11.42 -36.08
C ARG C 107 -7.83 -11.83 -34.78
N LYS C 108 -8.17 -13.12 -34.66
CA LYS C 108 -8.77 -13.70 -33.43
C LYS C 108 -7.87 -13.36 -32.24
N GLY C 109 -6.59 -13.69 -32.40
CA GLY C 109 -5.64 -13.66 -31.27
C GLY C 109 -5.33 -12.25 -30.78
N LEU C 110 -5.20 -11.26 -31.68
CA LEU C 110 -4.56 -9.98 -31.29
C LEU C 110 -5.57 -9.15 -30.47
N LEU C 111 -6.86 -9.21 -30.77
CA LEU C 111 -7.89 -8.44 -30.01
C LEU C 111 -7.99 -9.02 -28.61
N ILE C 112 -7.93 -10.36 -28.50
CA ILE C 112 -7.93 -11.09 -27.20
C ILE C 112 -6.66 -10.73 -26.43
N ALA C 113 -5.52 -10.73 -27.11
CA ALA C 113 -4.26 -10.46 -26.45
C ALA C 113 -4.30 -9.03 -25.90
N CYS C 114 -4.82 -8.06 -26.68
CA CYS C 114 -4.92 -6.65 -26.23
C CYS C 114 -5.87 -6.57 -25.03
N LEU C 115 -7.00 -7.24 -25.09
CA LEU C 115 -7.92 -7.20 -23.92
C LEU C 115 -7.25 -7.83 -22.67
N CYS C 116 -6.37 -8.81 -22.83
CA CYS C 116 -5.77 -9.56 -21.70
C CYS C 116 -4.41 -9.05 -21.23
N HIS C 117 -3.78 -8.06 -21.85
CA HIS C 117 -2.30 -7.88 -21.83
C HIS C 117 -1.84 -7.28 -20.52
N ASP C 118 -2.75 -6.71 -19.72
CA ASP C 118 -2.42 -6.17 -18.38
C ASP C 118 -3.26 -6.85 -17.26
N LEU C 119 -3.75 -8.06 -17.48
CA LEU C 119 -4.58 -8.78 -16.49
C LEU C 119 -3.88 -8.83 -15.15
N ASP C 120 -4.65 -8.41 -14.16
CA ASP C 120 -4.25 -8.50 -12.75
C ASP C 120 -3.08 -7.57 -12.47
N HIS C 121 -2.88 -6.49 -13.23
CA HIS C 121 -1.84 -5.47 -12.95
C HIS C 121 -2.13 -4.81 -11.61
N ARG C 122 -1.12 -4.46 -10.83
CA ARG C 122 -1.44 -3.81 -9.53
CA ARG C 122 -1.27 -3.87 -9.48
C ARG C 122 -0.94 -2.37 -9.56
N GLY C 123 -0.51 -1.88 -10.72
CA GLY C 123 -0.04 -0.49 -10.84
C GLY C 123 1.45 -0.37 -10.60
N PHE C 124 2.17 -1.47 -10.44
CA PHE C 124 3.63 -1.39 -10.23
C PHE C 124 4.37 -2.01 -11.42
N SER C 125 5.56 -1.50 -11.61
CA SER C 125 6.50 -1.89 -12.70
C SER C 125 7.26 -3.13 -12.31
N ASN C 126 7.81 -3.79 -13.32
CA ASN C 126 8.69 -4.97 -13.12
C ASN C 126 9.83 -4.58 -12.15
N SER C 127 10.34 -3.34 -12.18
CA SER C 127 11.49 -2.93 -11.29
C SER C 127 11.05 -3.02 -9.82
N TYR C 128 9.92 -2.41 -9.52
CA TYR C 128 9.39 -2.38 -8.14
C TYR C 128 9.15 -3.80 -7.69
N LEU C 129 8.58 -4.70 -8.50
CA LEU C 129 8.38 -6.08 -8.01
C LEU C 129 9.74 -6.74 -7.69
N GLN C 130 10.75 -6.48 -8.49
CA GLN C 130 12.09 -7.08 -8.31
C GLN C 130 12.70 -6.54 -7.00
N LYS C 131 12.70 -5.22 -6.87
CA LYS C 131 13.22 -4.51 -5.66
C LYS C 131 12.47 -4.94 -4.39
N PHE C 132 11.17 -5.13 -4.49
CA PHE C 132 10.32 -5.53 -3.35
C PHE C 132 10.59 -7.00 -3.04
N ASP C 133 11.11 -7.77 -4.02
CA ASP C 133 11.29 -9.23 -3.90
C ASP C 133 9.91 -9.92 -3.85
N HIS C 134 9.04 -9.53 -4.78
CA HIS C 134 7.68 -10.09 -4.89
C HIS C 134 7.75 -11.54 -5.35
N PRO C 135 6.88 -12.43 -4.89
CA PRO C 135 6.94 -13.81 -5.37
C PRO C 135 6.92 -13.95 -6.91
N LEU C 136 6.27 -13.04 -7.63
CA LEU C 136 6.19 -13.13 -9.11
C LEU C 136 7.59 -12.95 -9.73
N ALA C 137 8.44 -12.14 -9.11
CA ALA C 137 9.82 -11.89 -9.58
C ALA C 137 10.71 -13.13 -9.43
N ALA C 138 10.39 -14.06 -8.54
CA ALA C 138 11.10 -15.36 -8.41
C ALA C 138 10.59 -16.29 -9.51
N LEU C 139 9.28 -16.33 -9.75
CA LEU C 139 8.68 -17.24 -10.76
C LEU C 139 9.04 -16.81 -12.20
N TYR C 140 9.26 -15.52 -12.44
CA TYR C 140 9.36 -14.87 -13.77
C TYR C 140 10.48 -13.85 -13.69
N SER C 141 11.71 -14.30 -13.93
CA SER C 141 12.90 -13.44 -13.74
C SER C 141 12.86 -12.21 -14.64
N THR C 142 12.40 -12.30 -15.90
CA THR C 142 12.27 -11.12 -16.82
C THR C 142 10.83 -11.03 -17.35
N SER C 143 10.41 -9.83 -17.76
CA SER C 143 9.00 -9.58 -18.20
C SER C 143 8.02 -10.14 -17.15
N THR C 144 8.30 -9.87 -15.88
CA THR C 144 7.62 -10.54 -14.72
C THR C 144 6.11 -10.36 -14.81
N MET C 145 5.65 -9.12 -14.93
CA MET C 145 4.20 -8.85 -15.01
C MET C 145 3.64 -9.48 -16.30
N GLU C 146 4.35 -9.42 -17.44
CA GLU C 146 3.80 -9.83 -18.77
C GLU C 146 3.65 -11.36 -18.80
N GLN C 147 4.59 -12.07 -18.21
CA GLN C 147 4.45 -13.52 -18.01
C GLN C 147 3.21 -13.77 -17.10
N HIS C 148 3.03 -12.98 -16.05
CA HIS C 148 1.83 -13.14 -15.19
C HIS C 148 0.59 -12.88 -16.05
N HIS C 149 0.60 -11.83 -16.86
CA HIS C 149 -0.62 -11.47 -17.63
C HIS C 149 -0.98 -12.64 -18.52
N PHE C 150 0.01 -13.24 -19.21
CA PHE C 150 -0.32 -14.37 -20.08
C PHE C 150 -0.87 -15.57 -19.31
N SER C 151 -0.22 -15.85 -18.20
CA SER C 151 -0.63 -16.90 -17.26
C SER C 151 -2.08 -16.69 -16.77
N GLN C 152 -2.49 -15.46 -16.42
CA GLN C 152 -3.88 -15.15 -16.00
C GLN C 152 -4.81 -15.39 -17.18
N THR C 153 -4.31 -15.11 -18.41
CA THR C 153 -5.09 -15.30 -19.66
C THR C 153 -5.39 -16.79 -19.85
N VAL C 154 -4.36 -17.64 -19.76
CA VAL C 154 -4.53 -19.12 -19.86
C VAL C 154 -5.51 -19.63 -18.76
N SER C 155 -5.37 -19.17 -17.52
CA SER C 155 -6.30 -19.56 -16.42
C SER C 155 -7.75 -19.30 -16.79
N ILE C 156 -8.05 -18.14 -17.36
CA ILE C 156 -9.44 -17.79 -17.76
C ILE C 156 -9.88 -18.71 -18.90
N LEU C 157 -9.05 -18.93 -19.92
CA LEU C 157 -9.42 -19.85 -21.04
C LEU C 157 -9.75 -21.27 -20.55
N GLN C 158 -9.16 -21.69 -19.43
CA GLN C 158 -9.37 -23.05 -18.86
C GLN C 158 -10.58 -23.10 -17.93
N LEU C 159 -11.21 -21.99 -17.56
CA LEU C 159 -12.44 -22.02 -16.73
C LEU C 159 -13.55 -22.69 -17.57
N GLU C 160 -14.54 -23.29 -16.88
CA GLU C 160 -15.69 -24.02 -17.48
C GLU C 160 -16.46 -23.01 -18.33
N GLY C 161 -16.78 -23.36 -19.58
CA GLY C 161 -17.51 -22.55 -20.55
C GLY C 161 -16.72 -21.34 -21.06
N HIS C 162 -15.41 -21.26 -20.83
CA HIS C 162 -14.68 -20.01 -21.18
C HIS C 162 -13.84 -20.21 -22.43
N ASN C 163 -13.77 -21.43 -22.98
CA ASN C 163 -12.83 -21.76 -24.07
C ASN C 163 -13.35 -21.22 -25.40
N ILE C 164 -13.13 -19.91 -25.62
CA ILE C 164 -13.57 -19.20 -26.82
C ILE C 164 -12.84 -19.79 -28.03
N PHE C 165 -11.78 -20.56 -27.85
CA PHE C 165 -11.03 -21.15 -29.01
C PHE C 165 -11.37 -22.64 -29.20
N SER C 166 -12.45 -23.13 -28.60
CA SER C 166 -12.71 -24.58 -28.50
C SER C 166 -13.05 -25.18 -29.89
N THR C 167 -13.37 -24.36 -30.90
CA THR C 167 -13.73 -24.79 -32.28
C THR C 167 -12.48 -24.91 -33.16
N LEU C 168 -11.35 -24.34 -32.74
CA LEU C 168 -10.08 -24.42 -33.49
C LEU C 168 -9.62 -25.87 -33.39
N SER C 169 -8.74 -26.33 -34.28
CA SER C 169 -8.03 -27.64 -34.23
C SER C 169 -6.95 -27.52 -33.17
N SER C 170 -6.35 -28.64 -32.79
CA SER C 170 -5.20 -28.61 -31.85
C SER C 170 -4.11 -27.68 -32.41
N SER C 171 -3.89 -27.72 -33.73
CA SER C 171 -2.76 -27.03 -34.40
C SER C 171 -2.95 -25.53 -34.25
N GLU C 172 -4.12 -25.07 -34.68
CA GLU C 172 -4.62 -23.71 -34.65
C GLU C 172 -4.66 -23.21 -33.19
N TYR C 173 -5.09 -24.01 -32.23
CA TYR C 173 -5.16 -23.65 -30.79
C TYR C 173 -3.77 -23.33 -30.24
N GLU C 174 -2.81 -24.22 -30.48
CA GLU C 174 -1.36 -24.08 -30.22
C GLU C 174 -0.90 -22.75 -30.83
N GLN C 175 -1.24 -22.47 -32.09
CA GLN C 175 -0.70 -21.28 -32.78
C GLN C 175 -1.28 -20.00 -32.15
N VAL C 176 -2.56 -19.98 -31.88
CA VAL C 176 -3.28 -18.77 -31.40
C VAL C 176 -2.76 -18.45 -30.00
N LEU C 177 -2.43 -19.48 -29.22
CA LEU C 177 -1.96 -19.28 -27.83
C LEU C 177 -0.52 -18.77 -27.93
N GLU C 178 0.18 -19.20 -28.94
CA GLU C 178 1.54 -18.64 -29.23
C GLU C 178 1.50 -17.20 -29.80
N ILE C 179 0.53 -16.83 -30.65
CA ILE C 179 0.34 -15.42 -31.07
C ILE C 179 0.10 -14.56 -29.84
N ILE C 180 -0.73 -15.02 -28.90
CA ILE C 180 -1.19 -14.26 -27.71
C ILE C 180 -0.03 -14.10 -26.74
N ARG C 181 0.71 -15.17 -26.46
CA ARG C 181 1.89 -15.15 -25.57
C ARG C 181 2.93 -14.13 -26.05
N LYS C 182 3.38 -14.27 -27.28
CA LYS C 182 4.39 -13.36 -27.87
C LYS C 182 3.89 -11.92 -27.82
N ALA C 183 2.63 -11.68 -28.20
CA ALA C 183 2.06 -10.32 -28.27
C ALA C 183 2.07 -9.73 -26.85
N ILE C 184 1.76 -10.52 -25.83
CA ILE C 184 1.62 -9.99 -24.43
C ILE C 184 3.02 -9.75 -23.87
N ILE C 185 3.94 -10.66 -24.12
CA ILE C 185 5.35 -10.45 -23.71
C ILE C 185 5.90 -9.19 -24.39
N ALA C 186 5.54 -8.98 -25.67
CA ALA C 186 6.04 -7.81 -26.43
C ALA C 186 5.68 -6.51 -25.70
N THR C 187 4.60 -6.46 -24.89
CA THR C 187 4.20 -5.22 -24.19
C THR C 187 5.17 -4.92 -23.05
N ASP C 188 6.16 -5.75 -22.72
CA ASP C 188 7.24 -5.27 -21.83
C ASP C 188 8.06 -4.20 -22.55
N LEU C 189 7.98 -2.95 -22.15
CA LEU C 189 8.70 -1.85 -22.81
C LEU C 189 10.21 -2.13 -22.89
N ALA C 190 10.77 -2.86 -21.93
CA ALA C 190 12.21 -3.15 -21.90
C ALA C 190 12.55 -3.95 -23.19
N LEU C 191 11.62 -4.69 -23.79
CA LEU C 191 11.93 -5.50 -24.99
C LEU C 191 11.68 -4.68 -26.28
N TYR C 192 10.93 -3.59 -26.20
CA TYR C 192 10.56 -2.73 -27.34
C TYR C 192 11.82 -2.19 -28.02
N PHE C 193 12.81 -1.71 -27.26
CA PHE C 193 14.00 -0.99 -27.79
C PHE C 193 14.74 -1.88 -28.81
N GLY C 194 15.05 -3.10 -28.40
CA GLY C 194 15.73 -4.11 -29.22
C GLY C 194 14.85 -4.52 -30.39
N ASN C 195 13.55 -4.71 -30.15
CA ASN C 195 12.61 -5.16 -31.20
C ASN C 195 12.55 -4.11 -32.31
N ARG C 196 12.30 -2.84 -31.96
CA ARG C 196 12.23 -1.72 -32.93
C ARG C 196 13.55 -1.56 -33.71
N LYS C 197 14.68 -1.63 -33.03
CA LYS C 197 16.00 -1.50 -33.67
C LYS C 197 16.17 -2.62 -34.70
N GLN C 198 15.83 -3.85 -34.36
CA GLN C 198 15.96 -4.99 -35.30
C GLN C 198 15.02 -4.74 -36.49
N LEU C 199 13.77 -4.38 -36.22
CA LEU C 199 12.74 -4.18 -37.26
C LEU C 199 13.17 -3.08 -38.20
N GLU C 200 13.65 -1.97 -37.64
CA GLU C 200 14.13 -0.83 -38.43
C GLU C 200 15.29 -1.28 -39.34
N GLU C 201 16.25 -2.03 -38.84
CA GLU C 201 17.35 -2.50 -39.73
C GLU C 201 16.77 -3.34 -40.88
N MET C 202 15.74 -4.14 -40.64
CA MET C 202 15.23 -5.11 -41.63
C MET C 202 14.49 -4.32 -42.68
N TYR C 203 13.71 -3.33 -42.24
CA TYR C 203 12.94 -2.47 -43.15
C TYR C 203 13.92 -1.73 -44.08
N GLN C 204 14.95 -1.11 -43.52
CA GLN C 204 15.82 -0.17 -44.24
C GLN C 204 16.69 -0.98 -45.22
N THR C 205 17.07 -2.20 -44.86
CA THR C 205 17.92 -3.08 -45.70
C THR C 205 17.05 -3.79 -46.75
N GLY C 206 15.74 -3.75 -46.60
CA GLY C 206 14.81 -4.38 -47.54
C GLY C 206 14.72 -5.89 -47.31
N SER C 207 15.29 -6.39 -46.22
CA SER C 207 15.26 -7.84 -45.85
C SER C 207 13.95 -8.18 -45.09
N LEU C 208 13.13 -7.19 -44.72
CA LEU C 208 11.85 -7.44 -44.02
C LEU C 208 10.90 -8.27 -44.89
N ASN C 209 10.35 -9.35 -44.36
CA ASN C 209 9.59 -10.32 -45.21
C ASN C 209 8.45 -10.85 -44.38
N LEU C 210 7.22 -10.39 -44.65
CA LEU C 210 6.04 -10.80 -43.83
C LEU C 210 5.69 -12.28 -44.05
N ASN C 211 6.36 -13.02 -44.92
CA ASN C 211 6.16 -14.49 -45.04
C ASN C 211 7.07 -15.17 -44.02
N ASN C 212 8.02 -14.44 -43.42
CA ASN C 212 8.95 -15.02 -42.44
C ASN C 212 8.32 -14.84 -41.04
N GLN C 213 7.99 -15.92 -40.33
CA GLN C 213 7.22 -15.92 -39.05
C GLN C 213 7.94 -15.10 -37.98
N SER C 214 9.25 -15.20 -37.90
CA SER C 214 10.02 -14.43 -36.91
C SER C 214 9.96 -12.93 -37.27
N HIS C 215 9.81 -12.58 -38.54
CA HIS C 215 9.67 -11.16 -38.93
C HIS C 215 8.26 -10.74 -38.54
N ARG C 216 7.28 -11.59 -38.86
CA ARG C 216 5.86 -11.32 -38.53
C ARG C 216 5.73 -11.05 -37.02
N ASP C 217 6.32 -11.91 -36.20
CA ASP C 217 6.30 -11.77 -34.74
C ASP C 217 6.85 -10.39 -34.33
N ARG C 218 7.91 -9.90 -34.97
CA ARG C 218 8.53 -8.61 -34.60
C ARG C 218 7.57 -7.49 -34.94
N VAL C 219 6.89 -7.63 -36.07
CA VAL C 219 5.94 -6.58 -36.49
C VAL C 219 4.77 -6.55 -35.48
N ILE C 220 4.29 -7.73 -35.06
CA ILE C 220 3.10 -7.79 -34.17
C ILE C 220 3.57 -7.21 -32.84
N GLY C 221 4.83 -7.47 -32.46
CA GLY C 221 5.44 -6.89 -31.24
C GLY C 221 5.35 -5.39 -31.23
N LEU C 222 5.75 -4.79 -32.35
CA LEU C 222 5.72 -3.32 -32.50
C LEU C 222 4.27 -2.84 -32.50
N MET C 223 3.39 -3.56 -33.16
CA MET C 223 1.97 -3.21 -33.13
C MET C 223 1.49 -3.19 -31.66
N MET C 224 1.91 -4.14 -30.84
CA MET C 224 1.48 -4.22 -29.40
C MET C 224 2.03 -3.01 -28.64
N THR C 225 3.29 -2.64 -28.89
CA THR C 225 3.86 -1.45 -28.25
C THR C 225 3.02 -0.22 -28.63
N ALA C 226 2.69 -0.08 -29.91
CA ALA C 226 2.02 1.14 -30.45
C ALA C 226 0.62 1.18 -29.84
N CYS C 227 -0.06 0.03 -29.68
CA CYS C 227 -1.43 -0.02 -29.08
C CYS C 227 -1.33 0.32 -27.58
N ASP C 228 -0.36 -0.28 -26.89
CA ASP C 228 -0.08 -0.07 -25.45
C ASP C 228 0.21 1.40 -25.15
N LEU C 229 0.89 2.11 -26.06
CA LEU C 229 1.20 3.53 -25.83
C LEU C 229 0.14 4.49 -26.36
N CYS C 230 -1.02 4.03 -26.84
CA CYS C 230 -1.87 4.87 -27.72
C CYS C 230 -2.48 6.07 -26.98
N SER C 231 -2.28 6.22 -25.68
CA SER C 231 -2.70 7.42 -24.93
C SER C 231 -1.97 8.66 -25.47
N VAL C 232 -0.79 8.49 -26.08
CA VAL C 232 -0.03 9.63 -26.66
C VAL C 232 -0.53 9.95 -28.09
N THR C 233 -1.57 9.28 -28.60
CA THR C 233 -2.06 9.44 -29.98
C THR C 233 -3.50 9.93 -29.95
N LYS C 234 -4.00 10.32 -28.78
CA LYS C 234 -5.36 10.88 -28.64
C LYS C 234 -5.25 12.37 -28.94
N LEU C 235 -6.41 12.97 -29.12
CA LEU C 235 -6.53 14.45 -29.12
C LEU C 235 -6.03 14.95 -27.76
N TRP C 236 -5.48 16.18 -27.76
CA TRP C 236 -4.73 16.74 -26.59
C TRP C 236 -5.53 16.64 -25.29
N PRO C 237 -6.82 17.02 -25.27
CA PRO C 237 -7.57 16.97 -24.02
C PRO C 237 -7.61 15.56 -23.41
N VAL C 238 -7.79 14.52 -24.24
CA VAL C 238 -7.68 13.08 -23.77
C VAL C 238 -6.26 12.80 -23.29
N THR C 239 -5.25 13.15 -24.08
CA THR C 239 -3.86 12.80 -23.80
C THR C 239 -3.44 13.43 -22.46
N LYS C 240 -3.81 14.69 -22.27
CA LYS C 240 -3.47 15.47 -21.05
C LYS C 240 -4.16 14.88 -19.85
N LEU C 241 -5.44 14.54 -19.95
CA LEU C 241 -6.14 13.90 -18.79
C LEU C 241 -5.59 12.50 -18.51
N THR C 242 -5.26 11.68 -19.52
CA THR C 242 -4.74 10.32 -19.27
C THR C 242 -3.39 10.41 -18.52
N ALA C 243 -2.59 11.46 -18.78
CA ALA C 243 -1.25 11.67 -18.17
C ALA C 243 -1.42 11.75 -16.65
N ASN C 244 -2.51 12.35 -16.17
CA ASN C 244 -2.82 12.39 -14.71
C ASN C 244 -2.93 10.97 -14.14
N ASP C 245 -3.58 10.05 -14.85
CA ASP C 245 -3.79 8.64 -14.39
C ASP C 245 -2.47 7.88 -14.44
N ILE C 246 -1.66 8.08 -15.48
CA ILE C 246 -0.36 7.39 -15.63
C ILE C 246 0.55 7.83 -14.47
N TYR C 247 0.61 9.12 -14.21
CA TYR C 247 1.52 9.67 -13.16
C TYR C 247 0.97 9.32 -11.76
N ALA C 248 -0.34 9.19 -11.55
CA ALA C 248 -0.87 8.75 -10.24
C ALA C 248 -0.25 7.39 -9.93
N GLU C 249 -0.13 6.50 -10.91
CA GLU C 249 0.52 5.20 -10.65
C GLU C 249 2.00 5.40 -10.41
N PHE C 250 2.69 6.13 -11.31
CA PHE C 250 4.13 6.33 -11.17
C PHE C 250 4.42 6.87 -9.76
N TRP C 251 3.67 7.89 -9.37
CA TRP C 251 3.91 8.55 -8.06
C TRP C 251 3.67 7.58 -6.90
N ALA C 252 2.60 6.79 -6.96
CA ALA C 252 2.36 5.80 -5.90
C ALA C 252 3.52 4.81 -5.85
N GLU C 253 4.03 4.41 -7.01
CA GLU C 253 5.17 3.44 -7.02
C GLU C 253 6.43 4.07 -6.37
N GLY C 254 6.68 5.34 -6.66
CA GLY C 254 7.77 6.14 -6.04
C GLY C 254 7.63 6.19 -4.53
N ASP C 255 6.42 6.41 -4.05
CA ASP C 255 6.14 6.38 -2.60
C ASP C 255 6.59 5.02 -2.08
N GLU C 256 6.23 3.92 -2.77
CA GLU C 256 6.53 2.55 -2.35
C GLU C 256 8.05 2.34 -2.40
N MET C 257 8.73 2.99 -3.34
CA MET C 257 10.19 2.90 -3.49
C MET C 257 10.79 3.62 -2.28
N LYS C 258 10.26 4.78 -1.91
CA LYS C 258 10.77 5.52 -0.71
C LYS C 258 10.59 4.66 0.53
N LYS C 259 9.51 3.92 0.61
CA LYS C 259 9.23 3.04 1.78
C LYS C 259 10.14 1.83 1.82
N LEU C 260 10.77 1.44 0.71
CA LEU C 260 11.77 0.33 0.70
C LEU C 260 13.13 0.88 1.12
N GLY C 261 13.30 2.21 1.19
CA GLY C 261 14.59 2.89 1.41
C GLY C 261 15.36 3.19 0.14
N ILE C 262 14.70 3.33 -1.02
CA ILE C 262 15.39 3.54 -2.34
C ILE C 262 14.84 4.81 -2.92
N GLN C 263 15.69 5.79 -3.22
CA GLN C 263 15.19 7.09 -3.76
C GLN C 263 14.69 6.76 -5.16
N PRO C 264 13.45 7.12 -5.52
CA PRO C 264 12.97 6.74 -6.84
C PRO C 264 13.60 7.65 -7.90
N ILE C 265 13.58 7.24 -9.16
CA ILE C 265 13.94 8.15 -10.29
C ILE C 265 12.90 9.27 -10.33
N PRO C 266 13.27 10.47 -10.84
CA PRO C 266 12.37 11.63 -10.80
C PRO C 266 11.00 11.35 -11.43
N MET C 267 10.93 10.48 -12.43
CA MET C 267 9.64 10.26 -13.14
C MET C 267 8.61 9.81 -12.07
N MET C 268 9.06 9.09 -11.05
CA MET C 268 8.14 8.43 -10.08
C MET C 268 8.10 9.22 -8.76
N ASP C 269 8.68 10.42 -8.73
CA ASP C 269 8.82 11.19 -7.47
C ASP C 269 7.74 12.25 -7.44
N ARG C 270 6.73 12.13 -6.57
CA ARG C 270 5.65 13.16 -6.60
C ARG C 270 6.19 14.55 -6.14
N ASP C 271 7.35 14.66 -5.49
CA ASP C 271 7.90 16.00 -5.13
C ASP C 271 8.52 16.68 -6.36
N LYS C 272 8.65 15.94 -7.46
CA LYS C 272 9.29 16.45 -8.69
C LYS C 272 8.27 16.59 -9.82
N LYS C 273 7.03 17.02 -9.54
CA LYS C 273 5.97 17.21 -10.58
C LYS C 273 6.32 18.31 -11.60
N ASP C 274 6.99 19.37 -11.20
CA ASP C 274 7.40 20.49 -12.09
C ASP C 274 8.27 19.95 -13.25
N GLU C 275 8.91 18.77 -13.14
CA GLU C 275 9.74 18.23 -14.25
C GLU C 275 8.92 17.28 -15.14
N VAL C 276 7.58 17.24 -15.04
CA VAL C 276 6.73 16.32 -15.86
C VAL C 276 6.78 16.77 -17.33
N PRO C 277 6.51 18.05 -17.67
CA PRO C 277 6.53 18.44 -19.08
C PRO C 277 7.83 18.07 -19.81
N GLN C 278 8.98 18.38 -19.24
CA GLN C 278 10.30 17.98 -19.79
C GLN C 278 10.34 16.46 -19.86
N GLY C 279 9.63 15.79 -18.95
CA GLY C 279 9.71 14.33 -18.87
C GLY C 279 9.01 13.71 -20.06
N GLN C 280 7.85 14.26 -20.40
CA GLN C 280 6.99 13.80 -21.53
C GLN C 280 7.74 14.03 -22.86
N LEU C 281 8.22 15.24 -23.08
CA LEU C 281 9.20 15.55 -24.16
C LEU C 281 10.17 14.39 -24.35
N GLY C 282 10.94 14.09 -23.30
CA GLY C 282 11.99 13.05 -23.33
C GLY C 282 11.36 11.74 -23.75
N PHE C 283 10.19 11.40 -23.21
CA PHE C 283 9.57 10.09 -23.48
C PHE C 283 9.16 10.05 -24.96
N TYR C 284 8.56 11.11 -25.49
CA TYR C 284 8.07 11.14 -26.87
C TYR C 284 9.27 11.06 -27.83
N ASN C 285 10.35 11.76 -27.53
CA ASN C 285 11.58 11.77 -28.37
C ASN C 285 12.21 10.40 -28.38
N ALA C 286 12.39 9.79 -27.20
CA ALA C 286 13.17 8.55 -27.06
C ALA C 286 12.32 7.29 -27.35
N VAL C 287 10.98 7.32 -27.16
CA VAL C 287 10.13 6.09 -27.20
C VAL C 287 8.97 6.19 -28.21
N ALA C 288 8.06 7.11 -27.99
CA ALA C 288 6.77 7.22 -28.68
C ALA C 288 6.98 7.58 -30.17
N ILE C 289 7.69 8.66 -30.48
CA ILE C 289 7.93 9.07 -31.90
C ILE C 289 8.67 7.94 -32.63
N PRO C 290 9.82 7.40 -32.18
CA PRO C 290 10.46 6.31 -32.91
C PRO C 290 9.54 5.10 -33.17
N CYS C 291 8.71 4.75 -32.18
CA CYS C 291 7.75 3.64 -32.25
C CYS C 291 6.81 3.85 -33.43
N TYR C 292 6.08 4.95 -33.43
CA TYR C 292 5.08 5.23 -34.47
C TYR C 292 5.76 5.53 -35.81
N THR C 293 6.96 6.09 -35.80
CA THR C 293 7.74 6.29 -37.07
C THR C 293 7.98 4.97 -37.78
N THR C 294 8.56 3.99 -37.09
CA THR C 294 8.85 2.62 -37.58
C THR C 294 7.57 1.93 -38.01
N LEU C 295 6.50 2.04 -37.23
CA LEU C 295 5.21 1.39 -37.56
C LEU C 295 4.61 1.98 -38.84
N THR C 296 4.75 3.29 -39.03
CA THR C 296 4.25 3.96 -40.24
C THR C 296 5.10 3.55 -41.44
N GLN C 297 6.41 3.36 -41.27
CA GLN C 297 7.23 2.83 -42.40
C GLN C 297 6.71 1.45 -42.75
N ILE C 298 6.39 0.62 -41.77
CA ILE C 298 6.05 -0.78 -42.12
C ILE C 298 4.60 -0.86 -42.53
N LEU C 299 3.71 -0.11 -41.89
CA LEU C 299 2.26 -0.15 -42.14
C LEU C 299 1.80 1.28 -42.39
N PRO C 300 1.97 1.80 -43.63
CA PRO C 300 1.64 3.19 -43.94
C PRO C 300 0.28 3.68 -43.51
N PRO C 301 -0.83 2.90 -43.58
CA PRO C 301 -2.12 3.38 -43.05
C PRO C 301 -2.21 3.69 -41.52
N THR C 302 -1.17 3.40 -40.72
CA THR C 302 -1.10 3.75 -39.27
C THR C 302 -0.63 5.17 -39.11
N GLU C 303 -0.37 5.87 -40.20
CA GLU C 303 0.16 7.25 -40.22
C GLU C 303 -0.59 8.14 -39.23
N PRO C 304 -1.94 8.12 -39.13
CA PRO C 304 -2.64 8.97 -38.15
C PRO C 304 -2.05 8.91 -36.72
N LEU C 305 -1.57 7.73 -36.28
CA LEU C 305 -1.01 7.55 -34.92
C LEU C 305 0.22 8.43 -34.78
N LEU C 306 1.13 8.36 -35.74
CA LEU C 306 2.33 9.22 -35.74
C LEU C 306 1.94 10.69 -35.79
N LYS C 307 1.02 11.09 -36.66
CA LYS C 307 0.63 12.51 -36.75
C LYS C 307 0.11 12.95 -35.37
N ALA C 308 -0.77 12.18 -34.74
CA ALA C 308 -1.38 12.62 -33.47
C ALA C 308 -0.31 12.72 -32.34
N CYS C 309 0.64 11.80 -32.32
CA CYS C 309 1.78 11.79 -31.39
C CYS C 309 2.64 13.06 -31.66
N ARG C 310 2.92 13.43 -32.94
CA ARG C 310 3.64 14.72 -33.20
CA ARG C 310 3.60 14.73 -33.28
C ARG C 310 2.77 15.91 -32.75
N ASP C 311 1.45 15.90 -32.91
CA ASP C 311 0.63 17.05 -32.37
C ASP C 311 0.78 17.16 -30.84
N ASN C 312 0.79 16.02 -30.11
CA ASN C 312 0.87 16.01 -28.62
C ASN C 312 2.29 16.41 -28.22
N LEU C 313 3.33 16.04 -28.99
CA LEU C 313 4.72 16.49 -28.67
C LEU C 313 4.75 18.04 -28.66
N SER C 314 4.17 18.66 -29.67
CA SER C 314 4.07 20.14 -29.85
C SER C 314 3.24 20.77 -28.69
N GLN C 315 2.18 20.13 -28.20
CA GLN C 315 1.46 20.60 -26.99
C GLN C 315 2.39 20.59 -25.77
N TRP C 316 3.15 19.52 -25.50
CA TRP C 316 4.07 19.47 -24.34
C TRP C 316 5.13 20.55 -24.49
N GLU C 317 5.54 20.90 -25.71
CA GLU C 317 6.49 22.02 -25.93
C GLU C 317 5.81 23.36 -25.54
N LYS C 318 4.53 23.59 -25.91
CA LYS C 318 3.80 24.81 -25.51
C LYS C 318 3.79 24.86 -23.98
N VAL C 319 3.47 23.73 -23.33
CA VAL C 319 3.40 23.65 -21.85
C VAL C 319 4.77 24.05 -21.30
N ILE C 320 5.88 23.54 -21.84
CA ILE C 320 7.26 23.82 -21.32
C ILE C 320 7.55 25.31 -21.51
N ARG C 321 6.95 26.00 -22.47
CA ARG C 321 7.22 27.44 -22.72
C ARG C 321 6.24 28.34 -21.95
N GLY C 322 5.43 27.83 -21.01
CA GLY C 322 4.50 28.65 -20.19
C GLY C 322 3.23 29.07 -20.92
N GLU C 323 2.97 28.55 -22.14
CA GLU C 323 1.81 28.92 -23.01
C GLU C 323 0.61 28.05 -22.62
N GLU C 324 0.87 26.94 -21.93
CA GLU C 324 -0.12 26.08 -21.24
C GLU C 324 0.51 25.52 -19.96
N LEU D 13 47.51 -28.00 -11.37
CA LEU D 13 46.36 -28.97 -11.46
C LEU D 13 46.30 -29.85 -10.20
N MET D 14 46.97 -29.44 -9.12
CA MET D 14 47.13 -30.20 -7.86
C MET D 14 46.27 -29.58 -6.74
N GLN D 15 44.99 -29.93 -6.66
CA GLN D 15 43.99 -29.23 -5.82
C GLN D 15 43.87 -29.92 -4.47
N PHE D 16 43.48 -29.19 -3.44
CA PHE D 16 43.19 -29.81 -2.13
C PHE D 16 41.75 -30.30 -2.17
N THR D 17 41.54 -31.47 -1.55
CA THR D 17 40.22 -32.10 -1.30
C THR D 17 40.12 -32.31 0.22
N LEU D 18 38.93 -32.20 0.75
CA LEU D 18 38.68 -32.41 2.19
C LEU D 18 37.89 -33.69 2.31
N PRO D 19 37.85 -34.36 3.47
CA PRO D 19 36.91 -35.44 3.64
C PRO D 19 35.46 -34.98 3.43
N VAL D 20 34.61 -35.91 3.00
CA VAL D 20 33.20 -35.60 2.65
C VAL D 20 32.61 -34.67 3.71
N ARG D 21 32.63 -35.00 5.00
CA ARG D 21 31.87 -34.18 5.98
C ARG D 21 32.39 -32.73 5.99
N LEU D 22 33.73 -32.54 5.90
CA LEU D 22 34.32 -31.17 5.90
C LEU D 22 33.97 -30.46 4.60
N CYS D 23 34.11 -31.16 3.46
CA CYS D 23 33.74 -30.64 2.11
C CYS D 23 32.31 -30.05 2.14
N LYS D 24 31.36 -30.71 2.81
CA LYS D 24 29.97 -30.22 2.91
C LYS D 24 29.85 -29.14 4.00
N GLU D 25 30.42 -29.35 5.19
CA GLU D 25 30.07 -28.49 6.33
C GLU D 25 30.84 -27.15 6.22
N ILE D 26 31.94 -27.12 5.45
CA ILE D 26 32.81 -25.91 5.36
C ILE D 26 32.05 -24.76 4.69
N GLU D 27 30.99 -25.10 3.95
CA GLU D 27 30.15 -24.11 3.21
C GLU D 27 29.18 -23.47 4.19
N LEU D 28 28.98 -24.07 5.37
CA LEU D 28 28.08 -23.46 6.43
C LEU D 28 28.84 -22.37 7.22
N PHE D 29 28.16 -21.28 7.62
CA PHE D 29 28.79 -20.16 8.37
C PHE D 29 29.31 -20.68 9.72
N HIS D 30 28.68 -21.71 10.29
CA HIS D 30 28.91 -22.18 11.70
C HIS D 30 29.88 -23.37 11.72
N PHE D 31 30.46 -23.71 10.58
CA PHE D 31 31.58 -24.67 10.53
C PHE D 31 32.61 -24.34 11.64
N ASP D 32 33.06 -25.40 12.30
CA ASP D 32 34.21 -25.39 13.24
C ASP D 32 35.35 -26.17 12.57
N ILE D 33 36.58 -25.65 12.55
CA ILE D 33 37.71 -26.22 11.76
C ILE D 33 38.32 -27.47 12.44
N GLY D 34 37.90 -27.73 13.68
CA GLY D 34 38.28 -28.95 14.40
C GLY D 34 39.60 -28.82 15.16
N PRO D 35 39.95 -29.86 15.94
CA PRO D 35 41.14 -29.81 16.81
C PRO D 35 42.44 -30.34 16.16
N PHE D 36 42.43 -30.71 14.89
CA PHE D 36 43.68 -31.19 14.20
C PHE D 36 44.40 -30.04 13.47
N GLU D 37 45.26 -29.31 14.17
CA GLU D 37 46.20 -28.24 13.71
C GLU D 37 46.77 -28.53 12.33
N ASN D 38 47.23 -29.75 12.08
CA ASN D 38 47.90 -30.18 10.83
C ASN D 38 46.98 -30.12 9.62
N MET D 39 45.66 -30.09 9.81
CA MET D 39 44.74 -29.92 8.65
C MET D 39 44.43 -28.43 8.37
N TRP D 40 44.68 -27.51 9.29
CA TRP D 40 44.25 -26.10 9.09
C TRP D 40 44.94 -25.50 7.87
N PRO D 41 46.26 -25.62 7.60
CA PRO D 41 46.79 -25.09 6.34
C PRO D 41 46.04 -25.57 5.10
N GLY D 42 45.79 -26.88 4.98
CA GLY D 42 45.04 -27.46 3.85
C GLY D 42 43.60 -26.93 3.76
N ILE D 43 42.92 -26.73 4.90
CA ILE D 43 41.58 -26.08 4.94
C ILE D 43 41.72 -24.65 4.34
N PHE D 44 42.75 -23.90 4.72
CA PHE D 44 42.90 -22.51 4.22
C PHE D 44 43.14 -22.53 2.70
N VAL D 45 44.04 -23.35 2.18
CA VAL D 45 44.36 -23.39 0.73
C VAL D 45 43.07 -23.83 0.02
N TYR D 46 42.30 -24.78 0.56
CA TYR D 46 41.04 -25.24 -0.08
C TYR D 46 40.16 -24.03 -0.28
N MET D 47 40.07 -23.19 0.77
CA MET D 47 39.15 -22.02 0.71
C MET D 47 39.70 -21.01 -0.28
N VAL D 48 41.01 -20.82 -0.32
CA VAL D 48 41.64 -19.82 -1.23
C VAL D 48 41.41 -20.30 -2.67
N HIS D 49 41.51 -21.61 -2.92
CA HIS D 49 41.26 -22.16 -4.29
C HIS D 49 39.81 -21.91 -4.69
N ARG D 50 38.85 -22.33 -3.86
CA ARG D 50 37.41 -22.23 -4.24
C ARG D 50 36.94 -20.77 -4.37
N SER D 51 37.51 -19.85 -3.61
CA SER D 51 36.93 -18.51 -3.39
C SER D 51 37.49 -17.58 -4.46
N CYS D 52 38.75 -17.82 -4.75
CA CYS D 52 39.63 -16.90 -5.47
C CYS D 52 39.92 -17.48 -6.85
N GLY D 53 40.25 -18.79 -6.92
CA GLY D 53 40.63 -19.52 -8.15
C GLY D 53 41.94 -20.27 -7.96
N THR D 54 42.11 -21.41 -8.62
CA THR D 54 43.17 -22.42 -8.33
C THR D 54 44.57 -21.82 -8.59
N SER D 55 44.64 -20.71 -9.32
CA SER D 55 45.86 -20.08 -9.87
C SER D 55 46.03 -18.66 -9.33
N CYS D 56 45.17 -18.19 -8.42
CA CYS D 56 45.35 -16.93 -7.66
C CYS D 56 46.79 -16.79 -7.13
N PHE D 57 47.42 -17.87 -6.66
CA PHE D 57 48.74 -17.82 -5.97
C PHE D 57 49.52 -19.03 -6.43
N GLU D 58 50.82 -18.87 -6.68
CA GLU D 58 51.74 -20.01 -6.82
C GLU D 58 51.64 -20.79 -5.50
N LEU D 59 51.31 -22.08 -5.58
CA LEU D 59 51.09 -22.93 -4.39
C LEU D 59 52.33 -22.96 -3.49
N GLU D 60 53.56 -22.99 -4.05
CA GLU D 60 54.84 -23.09 -3.29
C GLU D 60 54.97 -21.84 -2.41
N LYS D 61 54.76 -20.66 -2.99
CA LYS D 61 54.82 -19.36 -2.26
C LYS D 61 53.74 -19.32 -1.16
N LEU D 62 52.52 -19.70 -1.51
CA LEU D 62 51.35 -19.70 -0.58
C LEU D 62 51.68 -20.59 0.61
N CME D 63 52.23 -21.79 0.36
CA CME D 63 52.47 -22.78 1.44
CB CME D 63 52.67 -24.22 0.94
SG CME D 63 51.10 -25.08 0.51
SD CME D 63 50.16 -25.49 2.31
CE CME D 63 51.33 -26.51 3.27
CZ CME D 63 50.76 -27.87 3.62
OH CME D 63 51.41 -28.44 4.74
C CME D 63 53.54 -22.24 2.36
O CME D 63 53.35 -22.31 3.58
N ARG D 64 54.59 -21.61 1.84
CA ARG D 64 55.60 -21.15 2.79
C ARG D 64 55.11 -19.87 3.46
N PHE D 65 54.30 -19.05 2.78
CA PHE D 65 53.63 -17.88 3.42
C PHE D 65 52.79 -18.32 4.64
N ILE D 66 51.96 -19.33 4.47
CA ILE D 66 51.10 -19.88 5.54
C ILE D 66 51.93 -20.38 6.73
N MET D 67 52.99 -21.15 6.47
CA MET D 67 53.80 -21.74 7.57
C MET D 67 54.59 -20.64 8.29
N SER D 68 54.93 -19.54 7.60
CA SER D 68 55.56 -18.34 8.23
C SER D 68 54.54 -17.56 9.10
N VAL D 69 53.32 -17.41 8.61
CA VAL D 69 52.23 -16.78 9.39
C VAL D 69 52.02 -17.58 10.65
N LYS D 70 51.77 -18.89 10.53
CA LYS D 70 51.53 -19.79 11.68
C LYS D 70 52.61 -19.63 12.74
N LYS D 71 53.85 -19.64 12.29
CA LYS D 71 55.04 -19.56 13.17
C LYS D 71 54.99 -18.20 13.88
N ASN D 72 54.33 -17.18 13.35
CA ASN D 72 54.33 -15.85 14.02
C ASN D 72 53.04 -15.60 14.80
N TYR D 73 52.15 -16.60 14.96
CA TYR D 73 51.12 -16.62 16.05
C TYR D 73 51.73 -17.29 17.28
N ARG D 74 51.31 -16.85 18.45
CA ARG D 74 51.83 -17.29 19.76
C ARG D 74 50.87 -18.26 20.41
N ARG D 75 51.39 -19.05 21.34
CA ARG D 75 50.64 -20.10 22.04
C ARG D 75 49.86 -19.36 23.13
N VAL D 76 48.84 -18.63 22.74
CA VAL D 76 48.00 -17.91 23.73
C VAL D 76 46.64 -18.62 23.72
N PRO D 77 45.78 -18.44 24.73
CA PRO D 77 44.52 -19.20 24.76
C PRO D 77 43.50 -18.95 23.62
N TYR D 78 43.43 -17.72 23.12
CA TYR D 78 42.43 -17.39 22.07
C TYR D 78 43.04 -16.72 20.85
N HIS D 79 43.91 -15.71 21.00
CA HIS D 79 44.45 -14.96 19.84
C HIS D 79 45.62 -15.72 19.17
N ASN D 80 45.27 -16.87 18.60
CA ASN D 80 46.21 -17.94 18.20
C ASN D 80 45.91 -18.36 16.77
N TRP D 81 46.70 -19.31 16.29
CA TRP D 81 46.63 -19.76 14.88
C TRP D 81 45.22 -20.27 14.56
N LYS D 82 44.57 -20.93 15.53
CA LYS D 82 43.18 -21.40 15.34
C LYS D 82 42.24 -20.22 15.04
N HIS D 83 42.27 -19.17 15.83
CA HIS D 83 41.47 -17.93 15.60
C HIS D 83 41.74 -17.37 14.19
N ALA D 84 42.98 -17.27 13.75
CA ALA D 84 43.35 -16.81 12.39
C ALA D 84 42.57 -17.63 11.34
N VAL D 85 42.63 -18.96 11.33
CA VAL D 85 41.97 -19.76 10.26
C VAL D 85 40.46 -19.65 10.46
N THR D 86 39.97 -19.59 11.68
CA THR D 86 38.50 -19.46 11.98
C THR D 86 37.98 -18.18 11.35
N VAL D 87 38.72 -17.09 11.52
CA VAL D 87 38.33 -15.76 10.98
C VAL D 87 38.36 -15.82 9.44
N ALA D 88 39.39 -16.39 8.86
CA ALA D 88 39.42 -16.59 7.40
C ALA D 88 38.23 -17.43 6.92
N HIS D 89 37.88 -18.52 7.56
CA HIS D 89 36.74 -19.33 7.15
C HIS D 89 35.45 -18.47 7.09
N CYS D 90 35.18 -17.66 8.10
CA CYS D 90 33.95 -16.83 8.12
C CYS D 90 34.00 -15.92 6.89
N MET D 91 35.17 -15.33 6.60
CA MET D 91 35.31 -14.47 5.42
C MET D 91 35.07 -15.30 4.15
N TYR D 92 35.65 -16.50 4.06
CA TYR D 92 35.34 -17.49 2.96
C TYR D 92 33.81 -17.61 2.75
N ALA D 93 33.07 -17.86 3.82
CA ALA D 93 31.62 -18.10 3.79
C ALA D 93 30.93 -16.83 3.30
N ILE D 94 31.33 -15.65 3.79
CA ILE D 94 30.75 -14.38 3.31
C ILE D 94 31.02 -14.30 1.80
N LEU D 95 32.24 -14.63 1.34
CA LEU D 95 32.57 -14.33 -0.08
C LEU D 95 31.85 -15.33 -0.99
N GLN D 96 31.73 -16.58 -0.58
CA GLN D 96 31.10 -17.55 -1.49
C GLN D 96 29.61 -17.19 -1.68
N ASN D 97 28.99 -16.56 -0.69
CA ASN D 97 27.53 -16.36 -0.65
C ASN D 97 27.26 -14.93 -1.13
N ASN D 98 28.28 -14.18 -1.52
CA ASN D 98 28.13 -12.81 -2.07
C ASN D 98 29.08 -12.65 -3.26
N HIS D 99 29.30 -13.72 -4.05
CA HIS D 99 30.49 -13.83 -4.94
C HIS D 99 30.48 -12.80 -6.08
N THR D 100 29.34 -12.26 -6.50
CA THR D 100 29.23 -11.21 -7.56
C THR D 100 29.51 -9.82 -7.00
N LEU D 101 29.52 -9.64 -5.67
CA LEU D 101 29.76 -8.29 -5.08
C LEU D 101 31.26 -7.91 -5.05
N PHE D 102 32.23 -8.85 -5.02
CA PHE D 102 33.65 -8.48 -4.72
C PHE D 102 34.52 -8.66 -5.96
N THR D 103 35.54 -7.84 -6.05
CA THR D 103 36.56 -7.90 -7.15
C THR D 103 37.54 -9.03 -6.83
N ASP D 104 38.32 -9.46 -7.83
CA ASP D 104 39.36 -10.53 -7.73
C ASP D 104 40.41 -10.14 -6.68
N LEU D 105 40.86 -8.87 -6.70
CA LEU D 105 41.82 -8.27 -5.72
C LEU D 105 41.23 -8.37 -4.31
N GLU D 106 39.96 -7.97 -4.12
CA GLU D 106 39.36 -8.00 -2.77
C GLU D 106 39.36 -9.44 -2.27
N ARG D 107 38.97 -10.36 -3.14
CA ARG D 107 38.89 -11.81 -2.80
C ARG D 107 40.27 -12.28 -2.33
N LYS D 108 41.32 -12.20 -3.19
CA LYS D 108 42.74 -12.45 -2.83
C LYS D 108 43.09 -11.75 -1.52
N GLY D 109 42.85 -10.44 -1.44
CA GLY D 109 43.25 -9.57 -0.30
C GLY D 109 42.66 -10.02 1.04
N LEU D 110 41.38 -10.29 1.09
CA LEU D 110 40.62 -10.42 2.37
C LEU D 110 40.88 -11.74 3.09
N LEU D 111 41.04 -12.86 2.40
CA LEU D 111 41.44 -14.16 3.04
C LEU D 111 42.81 -14.01 3.68
N ILE D 112 43.76 -13.42 2.96
CA ILE D 112 45.11 -13.14 3.52
C ILE D 112 44.96 -12.19 4.73
N ALA D 113 44.19 -11.12 4.62
CA ALA D 113 44.01 -10.18 5.74
C ALA D 113 43.52 -10.95 6.96
N CYS D 114 42.56 -11.85 6.79
CA CYS D 114 41.92 -12.56 7.94
C CYS D 114 42.96 -13.46 8.59
N LEU D 115 43.76 -14.14 7.78
CA LEU D 115 44.83 -15.06 8.26
C LEU D 115 45.87 -14.26 9.04
N CYS D 116 46.16 -13.02 8.64
CA CYS D 116 47.24 -12.20 9.22
C CYS D 116 46.75 -11.19 10.27
N HIS D 117 45.44 -11.13 10.56
CA HIS D 117 44.83 -9.95 11.23
C HIS D 117 45.26 -9.84 12.69
N ASP D 118 45.75 -10.90 13.32
CA ASP D 118 46.21 -10.84 14.73
C ASP D 118 47.65 -11.34 14.89
N LEU D 119 48.43 -11.34 13.82
CA LEU D 119 49.86 -11.76 13.84
C LEU D 119 50.62 -11.18 15.04
N ASP D 120 51.20 -12.08 15.84
CA ASP D 120 52.14 -11.77 16.95
C ASP D 120 51.33 -11.12 18.09
N HIS D 121 50.06 -11.52 18.26
CA HIS D 121 49.26 -11.13 19.43
C HIS D 121 49.80 -11.79 20.72
N ARG D 122 49.86 -11.06 21.84
CA ARG D 122 50.37 -11.54 23.14
C ARG D 122 49.21 -11.83 24.08
N GLY D 123 47.97 -11.55 23.67
CA GLY D 123 46.79 -11.79 24.50
C GLY D 123 46.32 -10.54 25.22
N PHE D 124 46.91 -9.40 24.93
CA PHE D 124 46.65 -8.13 25.67
C PHE D 124 46.04 -7.14 24.69
N SER D 125 45.05 -6.41 25.19
CA SER D 125 44.37 -5.25 24.55
C SER D 125 45.37 -4.09 24.33
N ASN D 126 45.04 -3.22 23.38
CA ASN D 126 45.68 -1.89 23.21
C ASN D 126 45.73 -1.12 24.54
N SER D 127 44.66 -1.18 25.38
CA SER D 127 44.59 -0.39 26.64
C SER D 127 45.74 -0.86 27.52
N TYR D 128 45.90 -2.19 27.65
CA TYR D 128 46.89 -2.73 28.63
C TYR D 128 48.28 -2.26 28.17
N LEU D 129 48.55 -2.34 26.87
CA LEU D 129 49.87 -1.92 26.32
C LEU D 129 50.12 -0.44 26.67
N GLN D 130 49.09 0.40 26.62
CA GLN D 130 49.25 1.85 26.91
C GLN D 130 49.50 2.03 28.41
N LYS D 131 48.82 1.28 29.27
CA LYS D 131 48.97 1.43 30.74
C LYS D 131 50.33 0.90 31.16
N PHE D 132 50.76 -0.17 30.48
CA PHE D 132 52.05 -0.83 30.77
C PHE D 132 53.20 0.09 30.33
N ASP D 133 52.94 0.84 29.28
CA ASP D 133 53.92 1.79 28.67
C ASP D 133 54.76 0.95 27.73
N HIS D 134 54.11 0.04 26.99
CA HIS D 134 54.81 -0.89 26.05
C HIS D 134 55.43 -0.05 24.93
N PRO D 135 56.64 -0.43 24.41
CA PRO D 135 57.22 0.21 23.22
C PRO D 135 56.25 0.35 22.03
N LEU D 136 55.50 -0.72 21.74
CA LEU D 136 54.47 -0.71 20.65
C LEU D 136 53.51 0.48 20.79
N ALA D 137 53.15 0.92 22.00
CA ALA D 137 52.24 2.06 22.25
C ALA D 137 52.91 3.40 21.92
N ALA D 138 54.26 3.48 21.96
CA ALA D 138 54.97 4.71 21.55
C ALA D 138 54.99 4.78 20.02
N LEU D 139 55.23 3.65 19.39
CA LEU D 139 55.37 3.55 17.92
C LEU D 139 54.01 3.72 17.23
N TYR D 140 52.90 3.41 17.91
CA TYR D 140 51.52 3.36 17.33
C TYR D 140 50.51 3.79 18.40
N SER D 141 50.09 5.06 18.34
CA SER D 141 49.30 5.76 19.40
C SER D 141 47.86 5.27 19.37
N THR D 142 47.32 4.93 18.20
CA THR D 142 45.98 4.30 18.08
C THR D 142 46.06 2.99 17.30
N SER D 143 45.08 2.12 17.53
CA SER D 143 44.98 0.80 16.88
C SER D 143 46.34 0.10 16.96
N THR D 144 46.90 0.10 18.18
CA THR D 144 48.33 -0.18 18.48
C THR D 144 48.65 -1.57 17.93
N MET D 145 47.95 -2.58 18.44
CA MET D 145 48.21 -3.98 18.09
C MET D 145 47.96 -4.14 16.59
N GLU D 146 46.91 -3.49 16.05
CA GLU D 146 46.47 -3.70 14.63
C GLU D 146 47.52 -3.15 13.63
N GLN D 147 48.15 -2.04 13.99
CA GLN D 147 49.26 -1.49 13.19
C GLN D 147 50.41 -2.51 13.25
N HIS D 148 50.64 -3.10 14.43
CA HIS D 148 51.68 -4.14 14.60
C HIS D 148 51.33 -5.29 13.66
N HIS D 149 50.09 -5.76 13.67
CA HIS D 149 49.69 -6.95 12.88
C HIS D 149 50.00 -6.69 11.40
N PHE D 150 49.64 -5.50 10.93
CA PHE D 150 49.87 -5.16 9.50
C PHE D 150 51.37 -5.12 9.16
N SER D 151 52.17 -4.59 10.09
CA SER D 151 53.64 -4.47 9.97
C SER D 151 54.26 -5.85 9.89
N GLN D 152 53.83 -6.81 10.73
CA GLN D 152 54.26 -8.25 10.67
C GLN D 152 53.81 -8.88 9.36
N THR D 153 52.61 -8.54 8.85
CA THR D 153 52.11 -9.09 7.59
C THR D 153 53.08 -8.68 6.45
N VAL D 154 53.48 -7.41 6.39
CA VAL D 154 54.41 -6.88 5.33
C VAL D 154 55.78 -7.56 5.47
N SER D 155 56.27 -7.73 6.69
CA SER D 155 57.60 -8.34 6.98
C SER D 155 57.64 -9.72 6.39
N ILE D 156 56.56 -10.48 6.60
CA ILE D 156 56.50 -11.85 6.07
C ILE D 156 56.45 -11.81 4.55
N LEU D 157 55.66 -10.91 3.94
CA LEU D 157 55.55 -10.87 2.44
C LEU D 157 56.91 -10.54 1.82
N GLN D 158 57.82 -9.95 2.58
CA GLN D 158 59.11 -9.47 2.03
C GLN D 158 60.19 -10.51 2.30
N LEU D 159 59.84 -11.60 2.98
CA LEU D 159 60.73 -12.75 3.22
C LEU D 159 61.00 -13.40 1.87
N GLU D 160 62.22 -13.94 1.65
CA GLU D 160 62.64 -14.59 0.37
C GLU D 160 61.60 -15.67 0.02
N GLY D 161 61.02 -15.62 -1.18
CA GLY D 161 60.10 -16.63 -1.72
C GLY D 161 58.72 -16.61 -1.07
N HIS D 162 58.33 -15.54 -0.38
CA HIS D 162 57.04 -15.43 0.37
C HIS D 162 56.12 -14.41 -0.32
N ASN D 163 56.57 -13.72 -1.38
CA ASN D 163 55.66 -12.74 -2.06
C ASN D 163 54.64 -13.46 -2.95
N ILE D 164 53.45 -13.69 -2.37
CA ILE D 164 52.34 -14.38 -3.03
C ILE D 164 51.66 -13.40 -3.99
N PHE D 165 51.99 -12.13 -3.94
CA PHE D 165 51.39 -11.15 -4.87
C PHE D 165 52.38 -10.75 -5.98
N SER D 166 53.35 -11.60 -6.32
CA SER D 166 54.39 -11.20 -7.30
C SER D 166 53.80 -11.17 -8.73
N THR D 167 52.81 -11.99 -9.07
CA THR D 167 52.20 -11.96 -10.42
C THR D 167 51.30 -10.72 -10.59
N LEU D 168 51.11 -9.86 -9.58
CA LEU D 168 50.24 -8.67 -9.72
C LEU D 168 51.05 -7.53 -10.36
N SER D 169 50.45 -6.77 -11.29
CA SER D 169 50.97 -5.43 -11.62
C SER D 169 51.39 -4.70 -10.31
N SER D 170 52.21 -3.66 -10.44
CA SER D 170 52.63 -2.71 -9.38
C SER D 170 51.44 -1.91 -8.84
N SER D 171 50.51 -1.52 -9.71
CA SER D 171 49.25 -0.84 -9.30
C SER D 171 48.39 -1.78 -8.44
N GLU D 172 48.25 -3.03 -8.88
CA GLU D 172 47.40 -4.06 -8.25
C GLU D 172 47.99 -4.44 -6.90
N TYR D 173 49.30 -4.62 -6.85
CA TYR D 173 50.08 -4.78 -5.61
C TYR D 173 49.78 -3.66 -4.61
N GLU D 174 49.87 -2.37 -4.98
CA GLU D 174 49.71 -1.26 -4.01
C GLU D 174 48.24 -1.32 -3.52
N GLN D 175 47.34 -1.72 -4.39
CA GLN D 175 45.89 -1.77 -4.09
C GLN D 175 45.57 -2.95 -3.15
N VAL D 176 46.14 -4.12 -3.37
CA VAL D 176 45.82 -5.27 -2.52
C VAL D 176 46.40 -5.02 -1.13
N LEU D 177 47.55 -4.36 -1.03
CA LEU D 177 48.22 -4.12 0.27
C LEU D 177 47.40 -3.05 1.03
N GLU D 178 46.76 -2.12 0.33
CA GLU D 178 45.80 -1.16 0.95
C GLU D 178 44.47 -1.85 1.39
N ILE D 179 43.87 -2.76 0.65
CA ILE D 179 42.73 -3.62 1.10
C ILE D 179 43.12 -4.26 2.43
N ILE D 180 44.33 -4.83 2.48
CA ILE D 180 44.81 -5.65 3.62
C ILE D 180 45.03 -4.75 4.82
N ARG D 181 45.68 -3.60 4.61
CA ARG D 181 45.92 -2.60 5.67
C ARG D 181 44.57 -2.19 6.33
N LYS D 182 43.61 -1.74 5.55
CA LYS D 182 42.34 -1.18 6.05
C LYS D 182 41.56 -2.26 6.79
N ALA D 183 41.56 -3.46 6.22
CA ALA D 183 40.86 -4.64 6.75
C ALA D 183 41.44 -5.01 8.10
N ILE D 184 42.77 -5.03 8.26
CA ILE D 184 43.40 -5.40 9.55
C ILE D 184 43.15 -4.24 10.51
N ILE D 185 43.25 -2.98 10.07
CA ILE D 185 43.00 -1.82 10.99
C ILE D 185 41.54 -1.84 11.46
N ALA D 186 40.63 -2.27 10.61
CA ALA D 186 39.18 -2.28 10.97
C ALA D 186 38.86 -3.30 12.08
N THR D 187 39.75 -4.28 12.35
CA THR D 187 39.56 -5.26 13.46
C THR D 187 39.79 -4.66 14.84
N ASP D 188 40.21 -3.41 14.93
CA ASP D 188 40.24 -2.66 16.20
C ASP D 188 38.79 -2.37 16.54
N LEU D 189 38.21 -3.07 17.51
CA LEU D 189 36.76 -2.94 17.82
C LEU D 189 36.45 -1.50 18.21
N ALA D 190 37.41 -0.71 18.66
CA ALA D 190 37.16 0.71 19.02
C ALA D 190 36.58 1.50 17.83
N LEU D 191 36.97 1.15 16.58
CA LEU D 191 36.59 1.85 15.31
C LEU D 191 35.27 1.28 14.76
N TYR D 192 34.96 0.03 15.03
CA TYR D 192 33.70 -0.64 14.60
C TYR D 192 32.46 0.21 14.96
N PHE D 193 32.39 0.83 16.13
CA PHE D 193 31.09 1.40 16.65
C PHE D 193 30.64 2.54 15.72
N GLY D 194 31.57 3.46 15.44
CA GLY D 194 31.53 4.54 14.42
C GLY D 194 31.27 4.02 13.03
N ASN D 195 31.93 2.92 12.63
CA ASN D 195 31.77 2.35 11.27
C ASN D 195 30.35 1.80 11.07
N ARG D 196 29.78 1.14 12.08
CA ARG D 196 28.42 0.55 11.96
C ARG D 196 27.36 1.67 11.91
N LYS D 197 27.49 2.68 12.78
CA LYS D 197 26.61 3.89 12.88
C LYS D 197 26.56 4.62 11.54
N GLN D 198 27.70 4.93 10.93
CA GLN D 198 27.74 5.45 9.53
C GLN D 198 27.02 4.53 8.54
N LEU D 199 27.32 3.23 8.47
CA LEU D 199 26.73 2.34 7.43
C LEU D 199 25.22 2.22 7.63
N GLU D 200 24.77 2.17 8.89
CA GLU D 200 23.35 1.99 9.19
C GLU D 200 22.64 3.20 8.58
N GLU D 201 23.10 4.39 8.93
CA GLU D 201 22.54 5.64 8.38
C GLU D 201 22.52 5.55 6.85
N MET D 202 23.67 5.24 6.23
CA MET D 202 23.79 5.15 4.77
C MET D 202 22.84 4.09 4.21
N TYR D 203 22.77 2.88 4.76
CA TYR D 203 21.93 1.81 4.13
C TYR D 203 20.43 2.17 4.24
N GLN D 204 19.95 2.63 5.40
CA GLN D 204 18.52 2.94 5.70
C GLN D 204 17.99 4.11 4.86
N THR D 205 18.81 5.15 4.67
CA THR D 205 18.44 6.35 3.87
C THR D 205 18.81 6.19 2.39
N GLY D 206 19.02 4.96 1.91
CA GLY D 206 19.37 4.62 0.51
C GLY D 206 20.54 5.36 -0.11
N SER D 207 21.46 5.99 0.64
CA SER D 207 22.69 6.60 0.04
C SER D 207 23.90 5.63 -0.05
N LEU D 208 23.88 4.45 0.56
CA LEU D 208 25.03 3.51 0.47
C LEU D 208 25.25 3.10 -0.99
N ASN D 209 26.49 3.25 -1.48
CA ASN D 209 26.84 2.99 -2.91
C ASN D 209 28.11 2.14 -2.99
N LEU D 210 28.00 0.89 -3.40
CA LEU D 210 29.18 -0.03 -3.50
C LEU D 210 30.11 0.38 -4.65
N ASN D 211 29.77 1.37 -5.48
CA ASN D 211 30.68 1.81 -6.58
C ASN D 211 31.55 2.92 -6.02
N ASN D 212 31.28 3.32 -4.78
CA ASN D 212 32.03 4.40 -4.10
C ASN D 212 33.05 3.73 -3.17
N GLN D 213 34.35 3.93 -3.37
CA GLN D 213 35.41 3.14 -2.65
C GLN D 213 35.34 3.38 -1.12
N SER D 214 35.01 4.58 -0.68
CA SER D 214 34.88 4.99 0.74
C SER D 214 33.81 4.11 1.39
N HIS D 215 32.76 3.79 0.62
CA HIS D 215 31.62 2.94 1.00
C HIS D 215 32.07 1.48 1.06
N ARG D 216 32.80 1.01 0.05
CA ARG D 216 33.29 -0.39 0.03
C ARG D 216 34.15 -0.63 1.29
N ASP D 217 35.07 0.27 1.57
CA ASP D 217 35.95 0.19 2.77
C ASP D 217 35.13 0.03 4.05
N ARG D 218 34.07 0.80 4.17
CA ARG D 218 33.15 0.70 5.34
C ARG D 218 32.56 -0.71 5.39
N VAL D 219 31.97 -1.20 4.31
CA VAL D 219 31.39 -2.56 4.24
C VAL D 219 32.47 -3.59 4.63
N ILE D 220 33.63 -3.52 3.98
CA ILE D 220 34.71 -4.49 4.24
C ILE D 220 35.08 -4.42 5.71
N GLY D 221 35.17 -3.22 6.28
CA GLY D 221 35.46 -3.02 7.72
C GLY D 221 34.49 -3.81 8.59
N LEU D 222 33.20 -3.70 8.27
CA LEU D 222 32.13 -4.36 9.03
C LEU D 222 32.26 -5.85 8.79
N MET D 223 32.52 -6.27 7.56
CA MET D 223 32.74 -7.72 7.34
C MET D 223 33.88 -8.23 8.28
N MET D 224 34.96 -7.47 8.42
CA MET D 224 36.14 -7.90 9.24
C MET D 224 35.69 -8.05 10.70
N THR D 225 34.97 -7.06 11.24
CA THR D 225 34.41 -7.17 12.61
C THR D 225 33.53 -8.42 12.67
N ALA D 226 32.67 -8.68 11.67
CA ALA D 226 31.76 -9.84 11.64
C ALA D 226 32.58 -11.12 11.75
N CYS D 227 33.57 -11.27 10.90
CA CYS D 227 34.48 -12.46 10.90
C CYS D 227 35.19 -12.65 12.26
N ASP D 228 35.67 -11.54 12.78
CA ASP D 228 36.55 -11.47 13.96
C ASP D 228 35.76 -11.86 15.20
N LEU D 229 34.44 -11.58 15.23
CA LEU D 229 33.58 -11.86 16.41
C LEU D 229 32.84 -13.17 16.22
N CYS D 230 33.20 -13.95 15.17
CA CYS D 230 32.39 -15.07 14.66
C CYS D 230 32.28 -16.23 15.68
N SER D 231 33.01 -16.22 16.80
CA SER D 231 32.76 -17.18 17.93
C SER D 231 31.30 -17.13 18.41
N VAL D 232 30.66 -15.96 18.36
CA VAL D 232 29.22 -15.84 18.80
C VAL D 232 28.27 -16.32 17.69
N THR D 233 28.77 -16.78 16.54
CA THR D 233 27.89 -17.21 15.46
C THR D 233 27.98 -18.71 15.26
N LYS D 234 28.61 -19.39 16.20
CA LYS D 234 28.74 -20.85 16.09
C LYS D 234 27.56 -21.46 16.85
N LEU D 235 27.45 -22.76 16.76
CA LEU D 235 26.41 -23.51 17.49
C LEU D 235 26.81 -23.43 18.95
N TRP D 236 25.84 -23.53 19.85
CA TRP D 236 26.03 -23.16 21.25
C TRP D 236 27.22 -23.91 21.87
N PRO D 237 27.39 -25.24 21.68
CA PRO D 237 28.52 -25.93 22.29
C PRO D 237 29.88 -25.31 21.96
N VAL D 238 30.09 -24.93 20.69
CA VAL D 238 31.34 -24.25 20.25
C VAL D 238 31.41 -22.89 20.93
N THR D 239 30.33 -22.11 20.89
CA THR D 239 30.33 -20.72 21.44
C THR D 239 30.67 -20.78 22.93
N LYS D 240 30.06 -21.68 23.67
CA LYS D 240 30.27 -21.75 25.15
C LYS D 240 31.74 -22.15 25.42
N LEU D 241 32.28 -23.13 24.72
CA LEU D 241 33.70 -23.51 24.94
C LEU D 241 34.66 -22.38 24.52
N THR D 242 34.39 -21.66 23.43
CA THR D 242 35.32 -20.59 22.96
C THR D 242 35.31 -19.46 23.99
N ALA D 243 34.19 -19.27 24.68
CA ALA D 243 34.08 -18.22 25.71
C ALA D 243 35.16 -18.42 26.79
N ASN D 244 35.46 -19.67 27.13
CA ASN D 244 36.49 -20.01 28.15
C ASN D 244 37.87 -19.52 27.72
N ASP D 245 38.20 -19.72 26.44
CA ASP D 245 39.49 -19.26 25.83
C ASP D 245 39.56 -17.74 25.89
N ILE D 246 38.49 -17.05 25.52
CA ILE D 246 38.47 -15.58 25.42
C ILE D 246 38.63 -15.01 26.81
N TYR D 247 37.94 -15.56 27.80
CA TYR D 247 37.98 -15.08 29.19
C TYR D 247 39.33 -15.43 29.81
N ALA D 248 39.94 -16.53 29.39
CA ALA D 248 41.28 -16.88 29.90
C ALA D 248 42.20 -15.69 29.60
N GLU D 249 42.13 -15.10 28.41
CA GLU D 249 42.95 -13.91 28.10
C GLU D 249 42.45 -12.74 28.93
N PHE D 250 41.16 -12.52 29.01
CA PHE D 250 40.64 -11.29 29.66
C PHE D 250 41.14 -11.32 31.10
N TRP D 251 41.08 -12.48 31.77
CA TRP D 251 41.42 -12.56 33.22
C TRP D 251 42.95 -12.45 33.44
N ALA D 252 43.76 -13.03 32.54
CA ALA D 252 45.23 -12.84 32.52
C ALA D 252 45.54 -11.35 32.42
N GLU D 253 44.85 -10.64 31.52
CA GLU D 253 45.08 -9.17 31.38
C GLU D 253 44.60 -8.46 32.64
N GLY D 254 43.45 -8.82 33.21
CA GLY D 254 43.08 -8.22 34.50
C GLY D 254 44.10 -8.50 35.59
N ASP D 255 44.66 -9.71 35.65
CA ASP D 255 45.72 -10.00 36.64
C ASP D 255 46.90 -9.03 36.42
N GLU D 256 47.28 -8.78 35.16
CA GLU D 256 48.40 -7.84 34.86
C GLU D 256 48.02 -6.41 35.23
N MET D 257 46.76 -6.03 35.06
CA MET D 257 46.22 -4.70 35.50
C MET D 257 46.39 -4.60 37.04
N LYS D 258 46.07 -5.65 37.82
CA LYS D 258 46.26 -5.60 39.30
C LYS D 258 47.75 -5.47 39.66
N LYS D 259 48.63 -6.09 38.88
CA LYS D 259 50.09 -6.02 39.06
C LYS D 259 50.55 -4.60 38.74
N LEU D 260 49.83 -3.84 37.89
CA LEU D 260 50.15 -2.40 37.64
C LEU D 260 49.55 -1.50 38.74
N GLY D 261 48.71 -1.99 39.66
CA GLY D 261 48.13 -1.15 40.72
C GLY D 261 46.81 -0.56 40.30
N ILE D 262 46.24 -1.08 39.21
CA ILE D 262 44.93 -0.66 38.63
C ILE D 262 43.88 -1.77 38.78
N GLN D 263 42.75 -1.45 39.41
CA GLN D 263 41.61 -2.39 39.56
C GLN D 263 41.04 -2.57 38.15
N PRO D 264 41.05 -3.76 37.54
CA PRO D 264 40.51 -3.89 36.18
C PRO D 264 38.97 -3.81 36.18
N ILE D 265 38.35 -3.52 35.04
CA ILE D 265 36.87 -3.66 34.87
C ILE D 265 36.48 -5.10 35.16
N PRO D 266 35.20 -5.36 35.52
CA PRO D 266 34.76 -6.72 35.89
C PRO D 266 34.95 -7.84 34.84
N MET D 267 34.84 -7.49 33.56
CA MET D 267 35.02 -8.41 32.38
C MET D 267 36.40 -9.07 32.49
N MET D 268 37.39 -8.35 33.04
CA MET D 268 38.79 -8.82 33.10
C MET D 268 39.11 -9.34 34.51
N ASP D 269 38.13 -9.37 35.42
CA ASP D 269 38.42 -9.68 36.83
C ASP D 269 38.03 -11.11 37.10
N ARG D 270 39.00 -11.98 37.38
CA ARG D 270 38.71 -13.42 37.60
C ARG D 270 38.00 -13.59 38.94
N ASP D 271 38.00 -12.62 39.85
CA ASP D 271 37.18 -12.74 41.09
C ASP D 271 35.71 -12.49 40.82
N LYS D 272 35.32 -12.15 39.59
CA LYS D 272 33.94 -11.80 39.20
C LYS D 272 33.45 -12.72 38.09
N LYS D 273 33.93 -13.97 38.03
CA LYS D 273 33.48 -15.03 37.08
C LYS D 273 31.95 -15.12 37.05
N ASP D 274 31.29 -14.98 38.20
CA ASP D 274 29.82 -15.12 38.33
C ASP D 274 29.14 -14.08 37.43
N GLU D 275 29.75 -12.90 37.18
CA GLU D 275 29.12 -11.80 36.40
C GLU D 275 29.20 -12.13 34.88
N VAL D 276 29.75 -13.29 34.49
CA VAL D 276 30.02 -13.57 33.04
C VAL D 276 28.70 -13.58 32.27
N PRO D 277 27.68 -14.35 32.68
CA PRO D 277 26.46 -14.44 31.88
C PRO D 277 25.84 -13.07 31.57
N GLN D 278 25.78 -12.18 32.57
CA GLN D 278 25.28 -10.79 32.45
C GLN D 278 26.17 -9.95 31.50
N GLY D 279 27.48 -10.13 31.54
CA GLY D 279 28.43 -9.45 30.66
C GLY D 279 28.25 -9.91 29.23
N GLN D 280 28.00 -11.20 28.98
CA GLN D 280 27.79 -11.72 27.62
C GLN D 280 26.50 -11.12 27.06
N LEU D 281 25.48 -11.07 27.91
CA LEU D 281 24.18 -10.49 27.56
C LEU D 281 24.44 -9.08 27.05
N GLY D 282 25.16 -8.29 27.85
CA GLY D 282 25.58 -6.91 27.49
C GLY D 282 26.35 -6.86 26.18
N PHE D 283 27.30 -7.78 25.98
CA PHE D 283 28.13 -7.79 24.77
C PHE D 283 27.25 -8.13 23.54
N TYR D 284 26.30 -9.05 23.66
CA TYR D 284 25.44 -9.40 22.51
C TYR D 284 24.53 -8.20 22.14
N ASN D 285 23.93 -7.55 23.15
CA ASN D 285 23.00 -6.40 22.92
C ASN D 285 23.77 -5.18 22.42
N ALA D 286 24.91 -4.82 23.00
CA ALA D 286 25.61 -3.57 22.64
C ALA D 286 26.48 -3.79 21.38
N VAL D 287 26.89 -5.02 21.06
CA VAL D 287 27.99 -5.18 20.05
C VAL D 287 27.68 -6.25 19.00
N ALA D 288 27.52 -7.51 19.39
CA ALA D 288 27.39 -8.61 18.43
C ALA D 288 26.09 -8.40 17.62
N ILE D 289 24.91 -8.31 18.26
CA ILE D 289 23.61 -8.34 17.50
C ILE D 289 23.61 -7.12 16.60
N PRO D 290 23.93 -5.89 17.05
CA PRO D 290 23.98 -4.79 16.10
C PRO D 290 24.89 -5.11 14.89
N CYS D 291 26.03 -5.76 15.13
CA CYS D 291 27.05 -6.03 14.06
C CYS D 291 26.44 -6.80 12.92
N TYR D 292 25.88 -7.96 13.25
CA TYR D 292 25.30 -8.94 12.31
C TYR D 292 23.95 -8.41 11.76
N THR D 293 23.25 -7.53 12.48
CA THR D 293 21.98 -6.89 12.01
C THR D 293 22.32 -5.99 10.81
N THR D 294 23.26 -5.07 10.98
CA THR D 294 23.70 -4.19 9.89
C THR D 294 24.24 -5.00 8.72
N LEU D 295 24.93 -6.11 9.00
CA LEU D 295 25.62 -6.81 7.92
C LEU D 295 24.58 -7.56 7.08
N THR D 296 23.58 -8.13 7.75
CA THR D 296 22.47 -8.88 7.08
C THR D 296 21.68 -7.86 6.23
N GLN D 297 21.51 -6.62 6.71
CA GLN D 297 20.87 -5.52 5.96
C GLN D 297 21.66 -5.38 4.64
N ILE D 298 22.96 -5.06 4.69
CA ILE D 298 23.82 -4.76 3.51
C ILE D 298 24.07 -6.01 2.67
N LEU D 299 24.29 -7.19 3.24
CA LEU D 299 24.58 -8.47 2.51
C LEU D 299 23.67 -9.59 3.01
N PRO D 300 22.42 -9.65 2.53
CA PRO D 300 21.45 -10.59 3.07
C PRO D 300 21.85 -12.05 3.16
N PRO D 301 22.66 -12.64 2.23
CA PRO D 301 23.02 -14.06 2.39
C PRO D 301 23.88 -14.34 3.67
N THR D 302 24.36 -13.32 4.35
CA THR D 302 25.05 -13.43 5.66
C THR D 302 24.05 -13.56 6.82
N GLU D 303 22.76 -13.61 6.54
CA GLU D 303 21.73 -13.73 7.61
C GLU D 303 22.06 -14.91 8.53
N PRO D 304 22.60 -16.06 8.09
CA PRO D 304 22.84 -17.14 9.04
C PRO D 304 23.72 -16.77 10.27
N LEU D 305 24.68 -15.87 10.10
CA LEU D 305 25.46 -15.31 11.23
C LEU D 305 24.45 -14.67 12.23
N LEU D 306 23.51 -13.82 11.80
CA LEU D 306 22.57 -13.10 12.72
C LEU D 306 21.71 -14.14 13.47
N LYS D 307 21.13 -15.09 12.75
CA LYS D 307 20.29 -16.14 13.39
C LYS D 307 21.10 -16.82 14.52
N ALA D 308 22.28 -17.38 14.18
CA ALA D 308 23.15 -18.10 15.13
C ALA D 308 23.49 -17.15 16.30
N CYS D 309 23.75 -15.85 16.06
CA CYS D 309 24.05 -14.91 17.16
C CYS D 309 22.81 -14.79 18.10
N ARG D 310 21.63 -14.64 17.51
CA ARG D 310 20.38 -14.53 18.31
C ARG D 310 20.16 -15.79 19.16
N ASP D 311 20.39 -16.99 18.60
CA ASP D 311 20.24 -18.24 19.40
C ASP D 311 21.24 -18.28 20.57
N ASN D 312 22.49 -17.85 20.38
CA ASN D 312 23.47 -17.86 21.51
C ASN D 312 23.02 -16.85 22.55
N LEU D 313 22.44 -15.71 22.13
CA LEU D 313 21.88 -14.70 23.08
C LEU D 313 20.87 -15.41 23.98
N SER D 314 19.98 -16.19 23.39
CA SER D 314 18.87 -16.86 24.12
C SER D 314 19.47 -17.98 24.97
N GLN D 315 20.57 -18.61 24.57
CA GLN D 315 21.30 -19.54 25.49
C GLN D 315 21.90 -18.80 26.70
N TRP D 316 22.52 -17.61 26.53
CA TRP D 316 23.06 -16.87 27.69
C TRP D 316 21.92 -16.42 28.65
N GLU D 317 20.76 -16.02 28.11
CA GLU D 317 19.50 -15.75 28.87
C GLU D 317 19.10 -16.98 29.71
N LYS D 318 19.18 -18.20 29.17
CA LYS D 318 18.87 -19.45 29.97
C LYS D 318 19.94 -19.70 31.05
N VAL D 319 21.18 -19.29 30.81
CA VAL D 319 22.27 -19.51 31.81
C VAL D 319 21.93 -18.60 32.96
N ILE D 320 21.51 -17.36 32.68
CA ILE D 320 21.16 -16.32 33.70
C ILE D 320 20.01 -16.80 34.62
N ARG D 321 19.27 -17.91 34.35
CA ARG D 321 18.44 -18.61 35.39
C ARG D 321 18.82 -20.11 35.54
N GLY D 322 18.41 -21.02 34.64
CA GLY D 322 18.72 -22.47 34.73
C GLY D 322 19.18 -23.06 33.41
ZN ZN E . -31.49 14.21 -7.15
MG MG F . -31.88 13.63 -10.86
N1 KII G . -24.11 27.67 -12.65
C2 KII G . -23.54 26.38 -10.73
C3 KII G . -23.13 27.38 -11.73
C4 KII G . -24.87 26.13 -11.06
N5 KII G . -25.17 26.97 -12.26
C6 KII G . -21.81 27.93 -11.93
N7 KII G . -20.83 27.46 -11.13
N8 KII G . -25.79 25.21 -10.46
C9 KII G . -26.45 27.02 -12.97
C10 KII G . -19.52 27.88 -11.29
C11 KII G . -21.58 28.81 -13.06
C12 KII G . -19.20 28.81 -12.35
C13 KII G . -20.25 29.25 -13.19
C14 KII G . -26.42 23.49 -8.91
C15 KII G . -26.59 22.89 -7.61
C16 KII G . -27.55 21.87 -7.74
N17 KII G . -27.89 21.94 -9.16
N18 KII G . -27.24 22.94 -9.81
C19 KII G . -28.75 21.02 -9.93
C20 KII G . -25.90 23.13 -6.41
C21 KII G . -25.55 24.57 -9.30
O22 KII G . -24.65 24.89 -8.62
C23 KII G . -26.59 22.97 -5.22
C24 KII G . -25.83 23.07 -4.04
N25 KII G . -24.52 23.31 -3.98
C26 KII G . -23.83 23.41 -5.16
C27 KII G . -24.49 23.32 -6.40
ZN ZN H . -5.14 0.95 16.16
MG MG I . -8.24 1.74 18.07
N1 KII J . -2.35 16.87 18.14
C2 KII J . -2.04 15.68 16.19
C3 KII J . -2.18 16.99 16.78
C4 KII J . -2.11 14.78 17.30
N5 KII J . -2.40 15.56 18.50
C6 KII J . -2.19 18.24 16.02
N7 KII J . -2.07 18.09 14.68
N8 KII J . -2.13 13.39 17.32
C9 KII J . -2.90 15.03 19.78
C10 KII J . -2.15 19.20 13.89
C11 KII J . -2.45 19.49 16.61
C12 KII J . -2.34 20.51 14.40
C13 KII J . -2.50 20.64 15.79
C14 KII J . -1.81 11.20 16.50
C15 KII J . -1.22 10.11 15.78
C16 KII J . -1.83 8.96 16.30
N17 KII J . -2.69 9.39 17.33
N18 KII J . -2.66 10.74 17.44
C19 KII J . -3.50 8.50 18.19
C20 KII J . -0.27 10.19 14.70
C21 KII J . -1.52 12.64 16.39
O22 KII J . -0.78 13.19 15.60
C23 KII J . 0.81 9.36 14.64
C24 KII J . 1.67 9.54 13.51
N25 KII J . 1.57 10.38 12.44
C26 KII J . 0.51 11.18 12.50
C27 KII J . -0.40 11.10 13.61
ZN ZN K . -0.78 -1.86 -21.09
MG MG L . 1.82 -3.96 -19.19
N1 KII M . 10.29 9.48 -18.11
C2 KII M . 7.99 9.79 -18.07
C3 KII M . 9.31 10.33 -17.67
C4 KII M . 8.30 8.58 -18.79
N5 KII M . 9.74 8.42 -18.75
C6 KII M . 9.63 11.48 -16.78
N7 KII M . 8.59 12.14 -16.20
N8 KII M . 7.49 7.60 -19.39
C9 KII M . 10.45 7.21 -19.17
C10 KII M . 8.87 13.16 -15.29
C11 KII M . 11.00 11.78 -16.39
C12 KII M . 10.21 13.59 -14.90
C13 KII M . 11.27 12.85 -15.46
C14 KII M . 5.51 6.62 -20.04
C15 KII M . 4.20 6.51 -20.60
C16 KII M . 3.97 5.12 -20.81
N17 KII M . 5.19 4.49 -20.43
N18 KII M . 6.12 5.43 -20.00
C19 KII M . 5.48 3.03 -20.45
C20 KII M . 3.28 7.55 -20.85
C21 KII M . 6.18 7.82 -19.58
O22 KII M . 5.72 8.96 -19.33
C23 KII M . 2.24 7.30 -21.71
C24 KII M . 1.35 8.34 -21.89
N25 KII M . 1.33 9.52 -21.23
C26 KII M . 2.31 9.69 -20.34
C27 KII M . 3.31 8.73 -20.11
ZN ZN N . 41.01 -11.39 15.89
MG MG O . 42.88 -8.23 16.87
N1 KII P . 31.94 -6.97 28.72
C2 KII P . 32.65 -9.07 28.17
C3 KII P . 32.06 -8.23 29.23
C4 KII P . 32.80 -8.25 27.05
N5 KII P . 32.33 -6.92 27.42
C6 KII P . 31.79 -8.58 30.65
N7 KII P . 32.11 -9.85 31.08
N8 KII P . 33.39 -8.52 25.80
C9 KII P . 32.29 -5.71 26.54
C10 KII P . 31.93 -10.17 32.41
C11 KII P . 31.36 -7.57 31.59
C12 KII P . 31.44 -9.24 33.40
C13 KII P . 31.17 -7.94 32.94
C14 KII P . 34.01 -10.00 24.04
C15 KII P . 34.01 -11.11 23.15
C16 KII P . 34.81 -10.75 22.03
N17 KII P . 35.18 -9.42 22.34
N18 KII P . 34.68 -8.95 23.50
C19 KII P . 35.99 -8.54 21.51
C20 KII P . 33.48 -12.42 23.28
C21 KII P . 33.34 -9.77 25.32
O22 KII P . 32.66 -10.53 25.89
C23 KII P . 33.13 -13.11 22.16
C24 KII P . 32.64 -14.40 22.35
N25 KII P . 32.52 -15.06 23.51
C26 KII P . 32.91 -14.37 24.61
C27 KII P . 33.38 -13.04 24.53
#